data_2FUQ
#
_entry.id   2FUQ
#
_cell.length_a   70.046
_cell.length_b   119.339
_cell.length_c   200.700
_cell.angle_alpha   90.00
_cell.angle_beta   90.00
_cell.angle_gamma   90.00
#
_symmetry.space_group_name_H-M   'P 21 21 21'
#
loop_
_entity.id
_entity.type
_entity.pdbx_description
1 polymer 'heparinase II protein'
2 branched 'alpha-D-xylopyranose-(1-4)-alpha-D-glucopyranuronic acid-(1-2)-[alpha-L-rhamnopyranose-(1-4)]alpha-D-mannopyranose'
3 non-polymer 'ZINC ION'
4 non-polymer 'PHOSPHATE ION'
5 non-polymer 'FORMIC ACID'
6 water water
#
_entity_poly.entity_id   1
_entity_poly.type   'polypeptide(L)'
_entity_poly.pdbx_seq_one_letter_code
;(PCA)TKADVVWKDVDGVSMPIPPKTHPRLYLREQQVPDLKNRMNDPKLKKVWADMIKMQEDWKPADIPEVKDFRFYFNQ
KGLTVRVELMALNYLMTKDPKVGREAITSIIDTLETATFKPAGDISRGIGLFMVTGAIVYDWCYDQLKPEEKTRFVKAFV
RLAKMLECGYPPVKDKSIVGHASEWMIMRDLLSVGIAIYDEFPEMYNLAAGRFFKEHLVARNWFYPSHNYHQGMSYLNVR
FTNDLFALWILDRMGAGNVFNPGQQFILYDAIYKRRPDGQILAGGDVDYSRKKPKYYTMPALLAGSYYKDEYLNYEFLKD
PNVEPHCKLFEFLWRDTQLGSRKPDDLPLSRYSGSPFGWMIARTGWGPESVIAEMKVNEYSFLNHQHQDAGAFQIYYKGP
LAIDAGSYTGSSGGYNSPHNKNFFKRTIAHNSLLIYDPKETFSSSGYGGSDHTDFAANDGGQRLPGKGWIAPRDLKEMLA
GDFRTGKILAQGFGPDNQTPDYTYLKGDITAAYSAKVKEVKRSFLFLNLKDAKVPAAMIVFDKVVASNPDFKKFWLLHSI
EQPEIKGNQITIKRTKNGDSGMLVNTALLPDAANSNITSIGGKGKDFWVFGTNYTNDPKPGTDEALERGEWRVEITPKKA
AAEDYYLNVIQIADNTQQKLHEVKRIDGDKVVGVQLADRIVTFSKTSETVDRPFGFSVVGKGTFKFVMTDLLPGTWQVLK
DGKILYPALSAKGDDGALYFEGTEGTYRFLR
;
_entity_poly.pdbx_strand_id   A,B
#
# COMPACT_ATOMS: atom_id res chain seq x y z
N THR A 2 34.89 7.78 1.21
CA THR A 2 34.99 9.23 1.42
C THR A 2 34.14 9.96 0.39
N LYS A 3 33.70 11.17 0.74
CA LYS A 3 32.93 12.03 -0.16
C LYS A 3 33.62 12.24 -1.50
N ALA A 4 32.82 12.28 -2.57
CA ALA A 4 33.32 12.56 -3.92
C ALA A 4 33.94 13.94 -4.01
N ASP A 5 35.14 14.01 -4.58
CA ASP A 5 35.78 15.30 -4.83
C ASP A 5 36.25 15.45 -6.28
N VAL A 6 35.75 14.58 -7.16
CA VAL A 6 36.08 14.63 -8.58
C VAL A 6 35.07 15.42 -9.40
N VAL A 7 35.44 15.80 -10.61
CA VAL A 7 34.54 16.48 -11.54
C VAL A 7 33.66 15.43 -12.24
N TRP A 8 32.40 15.76 -12.47
CA TRP A 8 31.46 14.89 -13.18
C TRP A 8 30.99 15.55 -14.48
N LYS A 9 31.01 14.77 -15.56
CA LYS A 9 30.47 15.24 -16.85
C LYS A 9 29.46 14.25 -17.42
N ASP A 10 28.46 14.78 -18.12
CA ASP A 10 27.48 13.95 -18.81
C ASP A 10 28.08 13.38 -20.09
N VAL A 11 27.90 12.08 -20.28
CA VAL A 11 28.24 11.43 -21.55
C VAL A 11 26.98 10.74 -22.06
N ASP A 12 26.42 11.30 -23.14
CA ASP A 12 25.18 10.81 -23.73
C ASP A 12 24.06 10.65 -22.68
N GLY A 13 23.79 11.76 -21.99
CA GLY A 13 22.74 11.80 -20.97
C GLY A 13 23.09 11.13 -19.64
N VAL A 14 24.25 10.46 -19.59
CA VAL A 14 24.65 9.68 -18.41
C VAL A 14 25.82 10.35 -17.68
N SER A 15 25.59 10.74 -16.43
CA SER A 15 26.61 11.39 -15.62
C SER A 15 27.74 10.41 -15.27
N MET A 16 28.97 10.87 -15.45
CA MET A 16 30.17 10.06 -15.22
C MET A 16 31.27 10.88 -14.56
N PRO A 17 32.11 10.23 -13.71
CA PRO A 17 33.22 10.92 -13.07
C PRO A 17 34.48 10.97 -13.92
N ILE A 18 35.24 12.06 -13.80
CA ILE A 18 36.53 12.23 -14.46
C ILE A 18 37.63 11.87 -13.45
N PRO A 19 38.51 10.92 -13.80
CA PRO A 19 39.62 10.57 -12.91
C PRO A 19 40.45 11.82 -12.59
N PRO A 20 40.82 12.00 -11.31
CA PRO A 20 41.59 13.19 -10.93
C PRO A 20 42.99 13.16 -11.54
N LYS A 21 43.52 14.34 -11.84
CA LYS A 21 44.79 14.49 -12.55
C LYS A 21 45.99 14.25 -11.62
N THR A 22 45.95 13.15 -10.86
CA THR A 22 46.97 12.84 -9.86
C THR A 22 47.13 11.33 -9.68
N HIS A 23 48.37 10.89 -9.50
CA HIS A 23 48.67 9.49 -9.16
C HIS A 23 49.26 9.42 -7.75
N PRO A 24 48.89 8.38 -6.97
CA PRO A 24 48.03 7.25 -7.35
C PRO A 24 46.55 7.60 -7.32
N ARG A 25 45.77 6.88 -8.12
CA ARG A 25 44.31 7.01 -8.12
C ARG A 25 43.61 5.65 -8.29
N LEU A 26 44.43 4.60 -8.44
CA LEU A 26 43.92 3.24 -8.55
C LEU A 26 43.95 2.54 -7.20
N TYR A 27 42.76 2.31 -6.65
CA TYR A 27 42.56 1.59 -5.36
C TYR A 27 42.85 2.47 -4.14
N LEU A 28 43.52 3.60 -4.36
CA LEU A 28 43.79 4.58 -3.33
C LEU A 28 44.26 5.90 -3.94
N ARG A 29 44.11 6.98 -3.18
CA ARG A 29 44.64 8.29 -3.54
C ARG A 29 45.71 8.66 -2.51
N GLU A 30 46.43 9.75 -2.74
CA GLU A 30 47.42 10.24 -1.78
C GLU A 30 46.81 10.40 -0.39
N GLN A 31 45.54 10.78 -0.38
CA GLN A 31 44.73 10.91 0.83
C GLN A 31 44.90 9.76 1.84
N GLN A 32 45.01 8.52 1.36
CA GLN A 32 45.18 7.35 2.25
C GLN A 32 46.57 6.68 2.27
N VAL A 33 47.52 7.25 1.52
CA VAL A 33 48.89 6.71 1.45
C VAL A 33 49.61 6.69 2.82
N PRO A 34 49.53 7.79 3.60
CA PRO A 34 50.20 7.75 4.90
C PRO A 34 49.65 6.67 5.87
N ASP A 35 48.42 6.22 5.62
CA ASP A 35 47.81 5.19 6.45
C ASP A 35 48.34 3.78 6.16
N LEU A 36 49.05 3.62 5.04
CA LEU A 36 49.64 2.33 4.65
C LEU A 36 50.62 1.78 5.69
N LYS A 37 51.35 2.67 6.35
CA LYS A 37 52.29 2.27 7.40
C LYS A 37 51.56 1.77 8.65
N ASN A 38 50.44 2.42 8.98
CA ASN A 38 49.60 1.97 10.08
C ASN A 38 49.06 0.57 9.80
N ARG A 39 48.62 0.36 8.56
CA ARG A 39 48.13 -0.94 8.09
C ARG A 39 49.21 -2.01 8.13
N MET A 40 50.44 -1.63 7.79
CA MET A 40 51.57 -2.54 7.86
C MET A 40 51.89 -2.92 9.31
N ASN A 41 51.62 -2.00 10.25
CA ASN A 41 51.82 -2.24 11.68
C ASN A 41 50.57 -2.81 12.36
N ASP A 42 49.49 -2.91 11.59
CA ASP A 42 48.25 -3.56 12.03
C ASP A 42 48.51 -5.06 12.00
N PRO A 43 48.42 -5.72 13.16
CA PRO A 43 48.77 -7.16 13.25
C PRO A 43 47.79 -8.07 12.49
N LYS A 44 46.54 -7.63 12.35
CA LYS A 44 45.56 -8.37 11.55
C LYS A 44 45.93 -8.33 10.07
N LEU A 45 46.52 -7.21 9.64
CA LEU A 45 46.92 -7.03 8.25
C LEU A 45 48.36 -7.46 7.96
N LYS A 46 49.17 -7.62 9.01
CA LYS A 46 50.55 -8.07 8.84
C LYS A 46 50.56 -9.48 8.25
N LYS A 47 49.68 -10.35 8.76
CA LYS A 47 49.56 -11.71 8.26
C LYS A 47 49.21 -11.80 6.77
N VAL A 48 48.33 -10.92 6.30
CA VAL A 48 48.00 -10.90 4.88
C VAL A 48 49.21 -10.45 4.04
N TRP A 49 49.97 -9.49 4.57
CA TRP A 49 51.20 -9.05 3.91
C TRP A 49 52.25 -10.17 3.85
N ALA A 50 52.36 -10.93 4.94
CA ALA A 50 53.19 -12.13 4.98
C ALA A 50 52.75 -13.16 3.94
N ASP A 51 51.43 -13.36 3.82
CA ASP A 51 50.86 -14.24 2.79
C ASP A 51 51.39 -13.87 1.41
N MET A 52 51.43 -12.56 1.12
CA MET A 52 51.86 -12.07 -0.18
C MET A 52 53.36 -12.23 -0.40
N ILE A 53 54.13 -12.11 0.68
CA ILE A 53 55.57 -12.37 0.64
C ILE A 53 55.83 -13.81 0.17
N LYS A 54 55.05 -14.74 0.69
CA LYS A 54 55.13 -16.15 0.33
C LYS A 54 54.72 -16.35 -1.14
N MET A 55 53.78 -15.54 -1.61
CA MET A 55 53.26 -15.60 -2.97
C MET A 55 54.29 -15.19 -4.03
N GLN A 56 55.35 -14.52 -3.58
CA GLN A 56 56.44 -14.07 -4.47
C GLN A 56 57.22 -15.22 -5.09
N GLU A 57 57.26 -16.36 -4.41
CA GLU A 57 57.98 -17.53 -4.92
C GLU A 57 57.33 -18.05 -6.19
N ASP A 58 58.15 -18.26 -7.22
CA ASP A 58 57.72 -18.87 -8.47
C ASP A 58 57.06 -20.23 -8.24
N TRP A 59 56.16 -20.59 -9.13
CA TRP A 59 55.66 -21.96 -9.23
C TRP A 59 56.82 -22.96 -9.34
N LYS A 60 56.72 -24.05 -8.59
CA LYS A 60 57.59 -25.20 -8.81
C LYS A 60 57.20 -25.82 -10.16
N PRO A 61 58.17 -25.95 -11.10
CA PRO A 61 57.88 -26.50 -12.43
C PRO A 61 57.06 -27.79 -12.41
N ALA A 62 57.30 -28.64 -11.42
CA ALA A 62 56.58 -29.90 -11.27
C ALA A 62 55.17 -29.73 -10.74
N ASP A 63 54.90 -28.59 -10.10
CA ASP A 63 53.58 -28.30 -9.54
C ASP A 63 52.62 -27.69 -10.56
N ILE A 64 53.16 -27.18 -11.66
CA ILE A 64 52.38 -26.54 -12.73
C ILE A 64 51.51 -27.57 -13.47
N PRO A 65 50.18 -27.34 -13.51
CA PRO A 65 49.23 -28.31 -14.06
C PRO A 65 49.32 -28.51 -15.57
N GLU A 66 49.87 -27.52 -16.27
CA GLU A 66 49.96 -27.51 -17.75
C GLU A 66 48.62 -27.22 -18.46
N VAL A 67 47.52 -27.41 -17.74
CA VAL A 67 46.23 -26.85 -18.13
C VAL A 67 45.99 -25.65 -17.21
N LYS A 68 46.50 -24.49 -17.64
CA LYS A 68 46.47 -23.28 -16.81
C LYS A 68 45.07 -22.65 -16.71
N ASP A 69 44.32 -23.19 -15.74
CA ASP A 69 42.95 -22.82 -15.40
C ASP A 69 42.85 -21.35 -15.01
N PHE A 70 41.63 -20.87 -14.79
CA PHE A 70 41.45 -19.57 -14.15
C PHE A 70 41.94 -19.69 -12.71
N ARG A 71 41.78 -20.89 -12.14
CA ARG A 71 42.23 -21.20 -10.79
C ARG A 71 43.76 -21.16 -10.66
N PHE A 72 44.46 -21.53 -11.75
CA PHE A 72 45.90 -21.38 -11.81
C PHE A 72 46.29 -19.92 -11.62
N TYR A 73 45.64 -19.05 -12.37
CA TYR A 73 45.96 -17.62 -12.35
C TYR A 73 45.52 -16.91 -11.07
N PHE A 74 44.40 -17.34 -10.50
CA PHE A 74 43.89 -16.76 -9.25
C PHE A 74 44.71 -17.20 -8.04
N ASN A 75 45.35 -18.35 -8.15
CA ASN A 75 46.38 -18.77 -7.20
C ASN A 75 47.69 -18.09 -7.61
N GLN A 76 47.68 -16.77 -7.52
CA GLN A 76 48.73 -15.91 -8.07
C GLN A 76 50.09 -16.14 -7.42
N LYS A 77 51.12 -16.33 -8.25
CA LYS A 77 52.50 -16.57 -7.79
C LYS A 77 53.53 -15.91 -8.70
N GLY A 78 54.68 -15.56 -8.14
CA GLY A 78 55.83 -15.15 -8.94
C GLY A 78 55.95 -13.67 -9.24
N LEU A 79 56.51 -13.38 -10.41
CA LEU A 79 56.84 -12.01 -10.83
C LEU A 79 55.73 -10.98 -10.63
N THR A 80 54.50 -11.32 -11.04
CA THR A 80 53.39 -10.36 -10.96
C THR A 80 53.09 -9.93 -9.52
N VAL A 81 53.23 -10.86 -8.58
CA VAL A 81 53.10 -10.56 -7.15
C VAL A 81 54.27 -9.67 -6.70
N ARG A 82 55.48 -10.02 -7.11
CA ARG A 82 56.67 -9.28 -6.74
C ARG A 82 56.61 -7.81 -7.14
N VAL A 83 56.23 -7.54 -8.39
CA VAL A 83 56.16 -6.16 -8.86
C VAL A 83 55.03 -5.36 -8.20
N GLU A 84 53.97 -6.06 -7.76
CA GLU A 84 52.89 -5.42 -7.02
C GLU A 84 53.38 -4.97 -5.64
N LEU A 85 54.18 -5.81 -4.99
CA LEU A 85 54.75 -5.47 -3.70
C LEU A 85 55.82 -4.40 -3.82
N MET A 86 56.52 -4.37 -4.95
CA MET A 86 57.46 -3.31 -5.26
C MET A 86 56.76 -1.95 -5.37
N ALA A 87 55.64 -1.91 -6.10
CA ALA A 87 54.86 -0.69 -6.27
C ALA A 87 54.29 -0.19 -4.94
N LEU A 88 53.79 -1.11 -4.12
CA LEU A 88 53.32 -0.80 -2.78
C LEU A 88 54.43 -0.16 -1.93
N ASN A 89 55.62 -0.75 -2.01
CA ASN A 89 56.77 -0.23 -1.27
C ASN A 89 57.18 1.16 -1.77
N TYR A 90 57.02 1.39 -3.07
CA TYR A 90 57.33 2.70 -3.65
C TYR A 90 56.38 3.78 -3.13
N LEU A 91 55.12 3.43 -2.94
CA LEU A 91 54.13 4.36 -2.36
C LEU A 91 54.53 4.75 -0.95
N MET A 92 55.03 3.78 -0.19
CA MET A 92 55.38 3.96 1.21
C MET A 92 56.75 4.59 1.45
N THR A 93 57.68 4.45 0.49
CA THR A 93 59.04 4.99 0.64
C THR A 93 59.38 6.17 -0.27
N LYS A 94 58.74 6.21 -1.44
CA LYS A 94 58.98 7.22 -2.48
C LYS A 94 60.37 7.13 -3.11
N ASP A 95 61.08 6.04 -2.81
CA ASP A 95 62.41 5.78 -3.32
C ASP A 95 62.37 5.43 -4.81
N PRO A 96 62.95 6.29 -5.67
CA PRO A 96 62.90 6.15 -7.13
C PRO A 96 63.44 4.82 -7.63
N LYS A 97 64.27 4.15 -6.82
CA LYS A 97 64.87 2.88 -7.17
C LYS A 97 63.83 1.75 -7.20
N VAL A 98 63.02 1.64 -6.14
CA VAL A 98 62.03 0.58 -6.00
C VAL A 98 60.94 0.68 -7.08
N GLY A 99 60.41 1.90 -7.28
CA GLY A 99 59.36 2.15 -8.28
C GLY A 99 59.80 1.83 -9.71
N ARG A 100 61.10 2.01 -9.96
CA ARG A 100 61.69 1.70 -11.27
C ARG A 100 61.77 0.21 -11.52
N GLU A 101 62.21 -0.54 -10.50
CA GLU A 101 62.31 -2.00 -10.59
C GLU A 101 60.96 -2.60 -10.94
N ALA A 102 59.90 -2.14 -10.27
CA ALA A 102 58.54 -2.54 -10.59
C ALA A 102 58.26 -2.37 -12.09
N ILE A 103 58.59 -1.18 -12.62
CA ILE A 103 58.39 -0.85 -14.04
C ILE A 103 59.22 -1.71 -14.98
N THR A 104 60.53 -1.78 -14.71
CA THR A 104 61.45 -2.51 -15.58
C THR A 104 61.23 -4.03 -15.53
N SER A 105 60.74 -4.53 -14.41
CA SER A 105 60.51 -5.98 -14.25
C SER A 105 59.28 -6.47 -14.99
N ILE A 106 58.29 -5.60 -15.17
CA ILE A 106 56.99 -6.01 -15.72
C ILE A 106 56.77 -5.71 -17.21
N ILE A 107 57.44 -4.66 -17.73
CA ILE A 107 57.11 -4.11 -19.05
C ILE A 107 57.22 -5.11 -20.22
N ASP A 108 58.36 -5.81 -20.31
CA ASP A 108 58.63 -6.75 -21.40
C ASP A 108 57.60 -7.88 -21.41
N THR A 109 57.38 -8.51 -20.27
CA THR A 109 56.45 -9.64 -20.20
C THR A 109 55.00 -9.19 -20.41
N LEU A 110 54.68 -7.97 -20.00
CA LEU A 110 53.35 -7.40 -20.22
C LEU A 110 53.07 -7.28 -21.72
N GLU A 111 54.11 -6.96 -22.49
CA GLU A 111 54.02 -6.84 -23.95
C GLU A 111 53.94 -8.20 -24.65
N THR A 112 54.60 -9.21 -24.07
CA THR A 112 54.87 -10.48 -24.76
C THR A 112 53.96 -11.64 -24.32
N ALA A 113 53.41 -11.54 -23.11
CA ALA A 113 52.66 -12.65 -22.49
C ALA A 113 51.69 -13.35 -23.42
N THR A 114 51.69 -14.68 -23.34
CA THR A 114 50.76 -15.50 -24.12
C THR A 114 49.85 -16.35 -23.21
N PHE A 115 48.68 -16.71 -23.73
CA PHE A 115 47.67 -17.43 -22.95
C PHE A 115 47.02 -18.52 -23.80
N LYS A 116 47.24 -19.77 -23.42
CA LYS A 116 46.60 -20.90 -24.10
C LYS A 116 45.10 -20.86 -23.83
N PRO A 117 44.28 -21.08 -24.88
CA PRO A 117 42.83 -21.17 -24.70
C PRO A 117 42.48 -22.18 -23.61
N ALA A 118 41.90 -21.68 -22.52
CA ALA A 118 41.62 -22.50 -21.34
C ALA A 118 40.40 -21.94 -20.63
N GLY A 119 39.87 -22.73 -19.69
CA GLY A 119 38.66 -22.38 -18.97
C GLY A 119 38.72 -21.01 -18.31
N ASP A 120 37.88 -20.11 -18.82
CA ASP A 120 37.75 -18.73 -18.30
C ASP A 120 39.09 -18.00 -18.32
N ILE A 121 39.82 -18.14 -19.43
CA ILE A 121 41.14 -17.54 -19.58
C ILE A 121 41.13 -16.01 -19.41
N SER A 122 40.01 -15.39 -19.77
CA SER A 122 39.79 -13.96 -19.54
C SER A 122 40.18 -13.50 -18.13
N ARG A 123 39.92 -14.35 -17.14
CA ARG A 123 40.22 -14.03 -15.73
C ARG A 123 41.72 -13.89 -15.49
N GLY A 124 42.51 -14.83 -16.02
CA GLY A 124 43.97 -14.77 -15.93
C GLY A 124 44.53 -13.58 -16.70
N ILE A 125 43.99 -13.36 -17.90
CA ILE A 125 44.36 -12.22 -18.75
C ILE A 125 44.05 -10.89 -18.06
N GLY A 126 42.83 -10.78 -17.53
CA GLY A 126 42.41 -9.58 -16.81
C GLY A 126 43.25 -9.28 -15.57
N LEU A 127 43.58 -10.33 -14.81
CA LEU A 127 44.43 -10.19 -13.62
C LEU A 127 45.87 -9.77 -13.97
N PHE A 128 46.37 -10.26 -15.10
CA PHE A 128 47.68 -9.86 -15.59
C PHE A 128 47.67 -8.38 -15.97
N MET A 129 46.56 -7.92 -16.55
CA MET A 129 46.33 -6.51 -16.82
C MET A 129 46.33 -5.68 -15.53
N VAL A 130 45.65 -6.19 -14.50
CA VAL A 130 45.60 -5.52 -13.20
C VAL A 130 47.00 -5.30 -12.61
N THR A 131 47.85 -6.31 -12.73
CA THR A 131 49.24 -6.22 -12.28
C THR A 131 49.93 -5.01 -12.91
N GLY A 132 49.85 -4.92 -14.24
CA GLY A 132 50.42 -3.79 -14.97
C GLY A 132 49.82 -2.46 -14.57
N ALA A 133 48.51 -2.45 -14.31
CA ALA A 133 47.78 -1.24 -13.94
C ALA A 133 48.27 -0.68 -12.59
N ILE A 134 48.53 -1.58 -11.65
CA ILE A 134 49.09 -1.24 -10.34
C ILE A 134 50.47 -0.57 -10.48
N VAL A 135 51.34 -1.19 -11.26
CA VAL A 135 52.67 -0.64 -11.50
C VAL A 135 52.58 0.71 -12.21
N TYR A 136 51.75 0.78 -13.26
CA TYR A 136 51.55 1.99 -14.03
C TYR A 136 51.09 3.16 -13.15
N ASP A 137 50.05 2.93 -12.36
CA ASP A 137 49.50 4.00 -11.53
C ASP A 137 50.38 4.36 -10.35
N TRP A 138 50.84 3.35 -9.62
CA TRP A 138 51.54 3.57 -8.35
C TRP A 138 52.96 4.12 -8.53
N CYS A 139 53.61 3.77 -9.64
CA CYS A 139 54.97 4.24 -9.94
C CYS A 139 54.97 5.25 -11.08
N TYR A 140 53.84 5.93 -11.27
CA TYR A 140 53.63 6.78 -12.44
C TYR A 140 54.73 7.81 -12.71
N ASP A 141 55.15 8.53 -11.66
CA ASP A 141 56.17 9.57 -11.79
C ASP A 141 57.57 9.03 -12.10
N GLN A 142 57.70 7.71 -12.07
CA GLN A 142 58.97 7.04 -12.40
C GLN A 142 59.01 6.62 -13.87
N LEU A 143 57.84 6.57 -14.50
CA LEU A 143 57.73 6.17 -15.90
C LEU A 143 58.42 7.16 -16.83
N LYS A 144 59.13 6.63 -17.81
CA LYS A 144 59.68 7.44 -18.89
C LYS A 144 58.63 7.48 -20.00
N PRO A 145 58.59 8.58 -20.78
CA PRO A 145 57.56 8.79 -21.80
C PRO A 145 57.39 7.62 -22.78
N GLU A 146 58.51 7.02 -23.20
CA GLU A 146 58.49 5.90 -24.14
C GLU A 146 57.90 4.64 -23.50
N GLU A 147 58.10 4.49 -22.19
CA GLU A 147 57.58 3.33 -21.45
C GLU A 147 56.06 3.41 -21.29
N LYS A 148 55.55 4.61 -21.04
CA LYS A 148 54.09 4.83 -20.94
C LYS A 148 53.38 4.38 -22.21
N THR A 149 53.94 4.75 -23.36
CA THR A 149 53.43 4.36 -24.67
C THR A 149 53.46 2.84 -24.84
N ARG A 150 54.57 2.21 -24.41
CA ARG A 150 54.72 0.75 -24.45
C ARG A 150 53.69 0.04 -23.57
N PHE A 151 53.43 0.61 -22.39
CA PHE A 151 52.43 0.08 -21.48
C PHE A 151 51.03 0.14 -22.09
N VAL A 152 50.68 1.30 -22.66
CA VAL A 152 49.38 1.51 -23.31
C VAL A 152 49.09 0.46 -24.38
N LYS A 153 50.04 0.27 -25.29
CA LYS A 153 49.87 -0.67 -26.40
C LYS A 153 49.78 -2.12 -25.92
N ALA A 154 50.48 -2.43 -24.83
CA ALA A 154 50.39 -3.75 -24.20
C ALA A 154 49.01 -3.98 -23.57
N PHE A 155 48.47 -2.95 -22.91
CA PHE A 155 47.14 -3.02 -22.31
C PHE A 155 46.04 -3.18 -23.35
N VAL A 156 46.17 -2.50 -24.49
CA VAL A 156 45.21 -2.61 -25.58
C VAL A 156 45.24 -4.02 -26.17
N ARG A 157 46.46 -4.55 -26.36
CA ARG A 157 46.68 -5.92 -26.81
C ARG A 157 46.02 -6.94 -25.87
N LEU A 158 46.25 -6.78 -24.57
CA LEU A 158 45.67 -7.69 -23.58
C LEU A 158 44.16 -7.56 -23.49
N ALA A 159 43.66 -6.33 -23.55
CA ALA A 159 42.22 -6.05 -23.44
C ALA A 159 41.43 -6.75 -24.56
N LYS A 160 41.99 -6.73 -25.77
CA LYS A 160 41.38 -7.35 -26.94
C LYS A 160 41.20 -8.87 -26.81
N MET A 161 41.90 -9.47 -25.84
CA MET A 161 41.84 -10.91 -25.60
C MET A 161 40.60 -11.28 -24.78
N LEU A 162 40.07 -10.31 -24.04
CA LEU A 162 38.96 -10.56 -23.12
C LEU A 162 37.69 -10.96 -23.86
N GLU A 163 36.86 -11.78 -23.21
CA GLU A 163 35.62 -12.26 -23.83
C GLU A 163 34.65 -11.12 -24.19
N CYS A 164 34.67 -10.05 -23.39
CA CYS A 164 33.85 -8.87 -23.69
C CYS A 164 34.35 -8.10 -24.93
N GLY A 165 35.59 -8.41 -25.32
CA GLY A 165 36.26 -7.75 -26.45
C GLY A 165 36.78 -6.37 -26.09
N TYR A 166 37.58 -5.79 -26.98
CA TYR A 166 37.93 -4.38 -26.89
C TYR A 166 37.84 -3.74 -28.28
N PRO A 167 36.85 -2.84 -28.49
CA PRO A 167 35.89 -2.28 -27.54
C PRO A 167 35.06 -3.34 -26.80
N PRO A 168 34.72 -3.08 -25.52
CA PRO A 168 34.00 -4.07 -24.71
C PRO A 168 32.50 -4.10 -25.04
N VAL A 169 32.17 -4.57 -26.24
CA VAL A 169 30.80 -4.53 -26.74
C VAL A 169 30.07 -5.88 -26.65
N LYS A 170 30.80 -6.94 -26.34
CA LYS A 170 30.23 -8.30 -26.33
C LYS A 170 29.66 -8.68 -24.96
N ASP A 171 28.88 -9.75 -24.92
CA ASP A 171 28.26 -10.28 -23.69
C ASP A 171 27.23 -9.34 -23.05
N LYS A 172 26.88 -9.61 -21.78
CA LYS A 172 25.72 -9.00 -21.13
C LYS A 172 26.08 -8.21 -19.88
N SER A 173 25.27 -7.20 -19.58
CA SER A 173 25.61 -6.27 -18.51
C SER A 173 24.94 -6.55 -17.17
N ILE A 174 24.06 -7.54 -17.11
CA ILE A 174 23.42 -7.91 -15.83
C ILE A 174 23.86 -9.28 -15.34
N VAL A 175 24.12 -10.18 -16.29
CA VAL A 175 24.55 -11.55 -15.96
C VAL A 175 25.74 -11.95 -16.84
N GLY A 176 26.12 -13.23 -16.83
CA GLY A 176 27.20 -13.73 -17.67
C GLY A 176 28.59 -13.23 -17.29
N HIS A 177 29.58 -13.56 -18.11
CA HIS A 177 30.98 -13.29 -17.79
C HIS A 177 31.32 -11.80 -17.75
N ALA A 178 30.62 -11.00 -18.56
CA ALA A 178 30.85 -9.55 -18.58
C ALA A 178 30.34 -8.86 -17.31
N SER A 179 29.63 -9.62 -16.46
CA SER A 179 29.20 -9.17 -15.14
C SER A 179 30.12 -9.72 -14.04
N GLU A 180 31.31 -10.16 -14.46
CA GLU A 180 32.32 -10.70 -13.55
C GLU A 180 33.55 -9.78 -13.51
N TRP A 181 34.75 -10.33 -13.61
CA TRP A 181 35.97 -9.53 -13.36
C TRP A 181 36.30 -8.60 -14.51
N MET A 182 36.06 -9.06 -15.74
CA MET A 182 36.66 -8.45 -16.93
C MET A 182 36.42 -6.95 -17.09
N ILE A 183 35.23 -6.47 -16.73
CA ILE A 183 34.94 -5.03 -16.84
C ILE A 183 35.00 -4.33 -15.48
N MET A 184 34.24 -4.82 -14.51
CA MET A 184 34.08 -4.11 -13.23
C MET A 184 35.35 -4.02 -12.40
N ARG A 185 36.26 -4.96 -12.58
CA ARG A 185 37.58 -4.84 -11.99
C ARG A 185 38.64 -4.48 -13.04
N ASP A 186 38.78 -5.36 -14.03
CA ASP A 186 40.02 -5.47 -14.81
C ASP A 186 40.20 -4.31 -15.79
N LEU A 187 39.24 -4.16 -16.69
CA LEU A 187 39.31 -3.10 -17.70
C LEU A 187 39.20 -1.72 -17.05
N LEU A 188 38.35 -1.61 -16.02
CA LEU A 188 38.17 -0.35 -15.27
C LEU A 188 39.46 0.09 -14.58
N SER A 189 40.17 -0.89 -14.00
CA SER A 189 41.43 -0.63 -13.31
C SER A 189 42.49 -0.06 -14.26
N VAL A 190 42.66 -0.70 -15.41
CA VAL A 190 43.63 -0.24 -16.40
C VAL A 190 43.25 1.16 -16.87
N GLY A 191 41.98 1.36 -17.22
CA GLY A 191 41.46 2.66 -17.65
C GLY A 191 41.82 3.80 -16.73
N ILE A 192 41.58 3.61 -15.43
CA ILE A 192 41.93 4.61 -14.42
C ILE A 192 43.44 4.90 -14.40
N ALA A 193 44.25 3.86 -14.47
CA ALA A 193 45.71 4.02 -14.46
C ALA A 193 46.23 4.84 -15.64
N ILE A 194 45.78 4.50 -16.85
CA ILE A 194 46.34 5.06 -18.09
C ILE A 194 45.54 6.24 -18.67
N TYR A 195 44.60 6.77 -17.89
CA TYR A 195 43.67 7.82 -18.36
C TYR A 195 44.34 9.08 -18.91
N ASP A 196 45.43 9.51 -18.27
CA ASP A 196 46.17 10.72 -18.70
C ASP A 196 46.81 10.60 -20.08
N GLU A 197 47.06 9.36 -20.51
CA GLU A 197 47.75 9.08 -21.77
C GLU A 197 46.81 8.50 -22.82
N PHE A 198 45.84 7.72 -22.35
CA PHE A 198 44.91 7.01 -23.22
C PHE A 198 43.54 6.95 -22.52
N PRO A 199 42.75 8.04 -22.64
CA PRO A 199 41.48 8.19 -21.92
C PRO A 199 40.38 7.27 -22.46
N GLU A 200 40.60 6.74 -23.67
CA GLU A 200 39.65 5.89 -24.37
C GLU A 200 39.20 4.68 -23.55
N MET A 201 40.15 4.02 -22.88
CA MET A 201 39.88 2.77 -22.18
C MET A 201 38.92 3.00 -21.01
N TYR A 202 39.19 4.04 -20.22
CA TYR A 202 38.29 4.46 -19.15
C TYR A 202 36.92 4.85 -19.70
N ASN A 203 36.93 5.67 -20.76
CA ASN A 203 35.69 6.12 -21.40
C ASN A 203 34.83 4.95 -21.91
N LEU A 204 35.47 3.90 -22.42
CA LEU A 204 34.75 2.70 -22.87
C LEU A 204 34.32 1.79 -21.72
N ALA A 205 35.23 1.56 -20.76
CA ALA A 205 34.96 0.67 -19.62
C ALA A 205 33.97 1.27 -18.62
N ALA A 206 34.28 2.47 -18.15
CA ALA A 206 33.40 3.18 -17.23
C ALA A 206 32.12 3.60 -17.94
N GLY A 207 32.25 3.91 -19.24
CA GLY A 207 31.11 4.26 -20.09
C GLY A 207 30.02 3.19 -20.05
N ARG A 208 30.39 1.97 -20.38
CA ARG A 208 29.45 0.85 -20.32
C ARG A 208 28.96 0.58 -18.90
N PHE A 209 29.88 0.62 -17.92
CA PHE A 209 29.49 0.41 -16.52
C PHE A 209 28.38 1.38 -16.08
N PHE A 210 28.61 2.67 -16.27
CA PHE A 210 27.65 3.68 -15.81
C PHE A 210 26.34 3.65 -16.59
N LYS A 211 26.44 3.30 -17.87
CA LYS A 211 25.29 3.23 -18.76
C LYS A 211 24.42 2.00 -18.52
N GLU A 212 25.05 0.86 -18.23
CA GLU A 212 24.32 -0.41 -18.24
C GLU A 212 24.41 -1.16 -16.92
N HIS A 213 25.61 -1.60 -16.57
CA HIS A 213 25.82 -2.35 -15.34
C HIS A 213 25.19 -1.65 -14.14
N LEU A 214 25.52 -0.37 -13.98
CA LEU A 214 25.11 0.42 -12.81
C LEU A 214 23.60 0.59 -12.75
N VAL A 215 23.00 0.94 -13.88
CA VAL A 215 21.57 1.18 -13.99
C VAL A 215 20.79 -0.10 -13.63
N ALA A 216 21.27 -1.23 -14.16
CA ALA A 216 20.65 -2.52 -13.92
C ALA A 216 20.68 -2.91 -12.45
N ARG A 217 21.83 -2.72 -11.80
CA ARG A 217 21.99 -3.09 -10.38
C ARG A 217 21.22 -2.16 -9.44
N ASN A 218 21.31 -0.85 -9.70
CA ASN A 218 20.58 0.14 -8.93
C ASN A 218 19.07 -0.11 -8.94
N TRP A 219 18.57 -0.68 -10.04
CA TRP A 219 17.18 -1.07 -10.20
C TRP A 219 16.69 -2.13 -9.19
N PHE A 220 17.49 -3.17 -8.93
CA PHE A 220 17.05 -4.20 -7.99
C PHE A 220 17.62 -4.09 -6.58
N TYR A 221 18.70 -3.32 -6.44
CA TYR A 221 19.38 -3.11 -5.14
C TYR A 221 18.47 -2.68 -3.98
N PRO A 222 17.47 -1.80 -4.22
CA PRO A 222 16.56 -1.43 -3.13
C PRO A 222 15.83 -2.60 -2.45
N SER A 223 15.70 -3.72 -3.14
CA SER A 223 15.03 -4.89 -2.57
C SER A 223 16.01 -5.86 -1.92
N HIS A 224 17.27 -5.46 -1.86
CA HIS A 224 18.26 -6.14 -1.00
C HIS A 224 18.41 -7.61 -1.33
N ASN A 225 18.55 -7.93 -2.60
CA ASN A 225 18.81 -9.32 -2.98
C ASN A 225 19.58 -9.46 -4.28
N TYR A 226 19.88 -10.71 -4.65
CA TYR A 226 20.59 -10.99 -5.89
C TYR A 226 19.91 -12.19 -6.55
N HIS A 227 20.11 -12.31 -7.84
CA HIS A 227 19.27 -13.13 -8.69
C HIS A 227 19.97 -14.34 -9.33
N GLN A 228 21.24 -14.56 -8.99
CA GLN A 228 22.02 -15.63 -9.63
C GLN A 228 22.16 -16.91 -8.78
N GLY A 229 21.40 -17.00 -7.71
CA GLY A 229 21.46 -18.19 -6.87
C GLY A 229 22.55 -18.09 -5.84
N MET A 230 22.61 -19.08 -4.97
CA MET A 230 23.40 -18.97 -3.77
C MET A 230 24.88 -19.35 -3.93
N SER A 231 25.29 -19.73 -5.14
CA SER A 231 26.72 -19.92 -5.41
C SER A 231 27.35 -18.76 -6.16
N TYR A 232 26.79 -18.43 -7.31
CA TYR A 232 27.27 -17.33 -8.13
C TYR A 232 27.04 -15.94 -7.52
N LEU A 233 26.24 -15.89 -6.45
CA LEU A 233 26.20 -14.71 -5.60
C LEU A 233 27.62 -14.21 -5.37
N ASN A 234 28.53 -15.14 -5.10
CA ASN A 234 29.89 -14.81 -4.76
C ASN A 234 30.67 -13.98 -5.78
N VAL A 235 30.93 -14.56 -6.96
CA VAL A 235 31.65 -13.87 -8.02
C VAL A 235 30.91 -12.63 -8.56
N ARG A 236 29.58 -12.71 -8.63
CA ARG A 236 28.81 -11.62 -9.20
C ARG A 236 28.75 -10.42 -8.25
N PHE A 237 28.44 -10.67 -6.98
CA PHE A 237 28.39 -9.57 -6.01
C PHE A 237 29.80 -9.05 -5.64
N THR A 238 30.80 -9.93 -5.58
CA THR A 238 32.20 -9.52 -5.41
C THR A 238 32.61 -8.46 -6.44
N ASN A 239 32.30 -8.72 -7.70
CA ASN A 239 32.68 -7.78 -8.74
C ASN A 239 31.88 -6.47 -8.71
N ASP A 240 30.60 -6.54 -8.31
CA ASP A 240 29.86 -5.30 -8.03
C ASP A 240 30.63 -4.48 -6.99
N LEU A 241 31.11 -5.17 -5.95
CA LEU A 241 31.79 -4.51 -4.83
C LEU A 241 33.20 -4.02 -5.18
N PHE A 242 33.85 -4.70 -6.11
CA PHE A 242 35.09 -4.16 -6.67
C PHE A 242 34.87 -2.81 -7.33
N ALA A 243 33.83 -2.71 -8.15
CA ALA A 243 33.52 -1.45 -8.82
C ALA A 243 33.21 -0.35 -7.79
N LEU A 244 32.49 -0.72 -6.74
CA LEU A 244 32.18 0.18 -5.64
C LEU A 244 33.46 0.78 -5.05
N TRP A 245 34.36 -0.11 -4.66
CA TRP A 245 35.60 0.30 -4.01
C TRP A 245 36.52 1.07 -4.94
N ILE A 246 36.66 0.58 -6.17
CA ILE A 246 37.53 1.21 -7.17
C ILE A 246 37.09 2.66 -7.42
N LEU A 247 35.78 2.87 -7.57
CA LEU A 247 35.27 4.20 -7.89
C LEU A 247 35.25 5.15 -6.68
N ASP A 248 34.90 4.65 -5.50
CA ASP A 248 35.00 5.47 -4.30
C ASP A 248 36.45 5.88 -4.04
N ARG A 249 37.37 4.93 -4.15
CA ARG A 249 38.79 5.22 -3.93
C ARG A 249 39.37 6.13 -5.02
N MET A 250 38.77 6.10 -6.22
CA MET A 250 39.16 7.03 -7.28
C MET A 250 38.79 8.48 -6.94
N GLY A 251 37.75 8.64 -6.11
CA GLY A 251 37.28 9.96 -5.72
C GLY A 251 35.83 10.20 -6.08
N ALA A 252 35.12 9.16 -6.49
CA ALA A 252 33.77 9.29 -7.04
C ALA A 252 32.66 8.99 -6.02
N GLY A 253 33.04 8.81 -4.75
CA GLY A 253 32.09 8.41 -3.70
C GLY A 253 31.46 7.07 -4.00
N ASN A 254 30.34 6.78 -3.36
CA ASN A 254 29.57 5.57 -3.64
C ASN A 254 28.70 5.80 -4.86
N VAL A 255 28.95 5.04 -5.93
CA VAL A 255 28.17 5.18 -7.16
C VAL A 255 26.89 4.35 -7.19
N PHE A 256 26.76 3.40 -6.27
CA PHE A 256 25.61 2.50 -6.24
C PHE A 256 24.55 3.02 -5.28
N ASN A 257 23.34 2.53 -5.45
CA ASN A 257 22.30 2.64 -4.44
C ASN A 257 22.83 2.01 -3.15
N PRO A 258 22.83 2.78 -2.04
CA PRO A 258 23.40 2.28 -0.78
C PRO A 258 22.66 1.07 -0.18
N GLY A 259 21.53 0.69 -0.76
CA GLY A 259 20.85 -0.57 -0.41
C GLY A 259 21.72 -1.81 -0.67
N GLN A 260 22.79 -1.62 -1.44
CA GLN A 260 23.81 -2.63 -1.70
C GLN A 260 24.33 -3.26 -0.41
N GLN A 261 24.36 -2.46 0.66
CA GLN A 261 24.82 -2.92 1.95
C GLN A 261 24.04 -4.14 2.44
N PHE A 262 22.79 -4.26 2.03
CA PHE A 262 21.86 -5.18 2.69
C PHE A 262 21.58 -6.46 1.91
N ILE A 263 22.17 -6.56 0.73
CA ILE A 263 21.99 -7.73 -0.14
C ILE A 263 22.51 -9.01 0.50
N LEU A 264 23.67 -8.92 1.14
CA LEU A 264 24.33 -10.12 1.69
C LEU A 264 23.63 -10.66 2.94
N TYR A 265 22.71 -9.88 3.51
CA TYR A 265 21.87 -10.34 4.62
C TYR A 265 21.07 -11.59 4.21
N ASP A 266 20.73 -11.70 2.93
CA ASP A 266 20.00 -12.86 2.43
C ASP A 266 20.76 -14.17 2.70
N ALA A 267 22.04 -14.19 2.33
CA ALA A 267 22.91 -15.33 2.63
C ALA A 267 22.89 -15.69 4.11
N ILE A 268 22.93 -14.67 4.96
CA ILE A 268 22.87 -14.83 6.42
C ILE A 268 21.59 -15.53 6.86
N TYR A 269 20.47 -15.13 6.24
CA TYR A 269 19.16 -15.70 6.55
C TYR A 269 19.04 -17.15 6.06
N LYS A 270 19.78 -17.46 4.99
CA LYS A 270 19.73 -18.76 4.35
C LYS A 270 20.74 -19.78 4.88
N ARG A 271 21.56 -19.38 5.85
CA ARG A 271 22.53 -20.29 6.46
C ARG A 271 21.88 -21.31 7.40
N ARG A 272 22.20 -22.58 7.18
CA ARG A 272 21.69 -23.65 8.01
C ARG A 272 22.62 -23.94 9.17
N PRO A 273 22.13 -24.69 10.18
CA PRO A 273 22.96 -25.12 11.32
C PRO A 273 24.09 -26.08 10.94
N ASP A 274 24.06 -26.65 9.73
CA ASP A 274 25.11 -27.58 9.32
C ASP A 274 26.22 -26.89 8.50
N GLY A 275 26.11 -25.57 8.36
CA GLY A 275 27.14 -24.79 7.67
C GLY A 275 26.86 -24.56 6.20
N GLN A 276 25.89 -25.29 5.67
CA GLN A 276 25.49 -25.13 4.27
C GLN A 276 24.45 -24.01 4.13
N ILE A 277 24.18 -23.62 2.89
CA ILE A 277 23.26 -22.53 2.62
C ILE A 277 22.05 -23.09 1.87
N LEU A 278 20.86 -22.61 2.22
CA LEU A 278 19.64 -22.98 1.49
C LEU A 278 19.91 -22.83 -0.01
N ALA A 279 19.41 -23.77 -0.79
CA ALA A 279 19.62 -23.80 -2.23
C ALA A 279 18.87 -22.70 -2.97
N GLY A 280 19.25 -22.48 -4.23
CA GLY A 280 18.56 -21.53 -5.10
C GLY A 280 19.44 -21.27 -6.30
N GLY A 281 18.83 -21.28 -7.49
CA GLY A 281 19.60 -21.14 -8.72
C GLY A 281 20.64 -22.25 -8.84
N ASP A 282 21.68 -21.99 -9.60
CA ASP A 282 22.67 -23.02 -9.92
C ASP A 282 23.58 -23.26 -8.72
N VAL A 283 23.40 -24.39 -8.07
CA VAL A 283 24.19 -24.77 -6.89
C VAL A 283 24.51 -26.26 -6.90
N ASP A 284 25.65 -26.60 -6.29
CA ASP A 284 25.98 -27.97 -5.96
C ASP A 284 25.94 -28.07 -4.44
N TYR A 285 26.13 -29.28 -3.92
CA TYR A 285 25.99 -29.53 -2.49
C TYR A 285 27.17 -30.29 -1.90
N SER A 286 27.46 -30.02 -0.64
CA SER A 286 28.50 -30.72 0.12
C SER A 286 28.16 -30.68 1.60
N ARG A 287 28.61 -31.68 2.35
CA ARG A 287 28.54 -31.58 3.80
C ARG A 287 29.98 -31.55 4.38
N LYS A 288 30.95 -31.29 3.51
CA LYS A 288 32.37 -31.35 3.87
C LYS A 288 32.81 -30.18 4.73
N LYS A 289 32.65 -28.98 4.20
CA LYS A 289 33.03 -27.74 4.90
C LYS A 289 31.96 -26.68 4.63
N PRO A 290 31.75 -25.78 5.61
CA PRO A 290 30.71 -24.75 5.47
C PRO A 290 30.91 -23.88 4.22
N LYS A 291 29.82 -23.37 3.66
CA LYS A 291 29.93 -22.41 2.57
C LYS A 291 30.14 -21.02 3.15
N TYR A 292 31.09 -20.29 2.59
CA TYR A 292 31.39 -18.93 3.04
C TYR A 292 31.27 -17.92 1.90
N TYR A 293 30.94 -16.68 2.24
CA TYR A 293 30.91 -15.59 1.26
C TYR A 293 32.00 -14.58 1.64
N THR A 294 33.24 -15.04 1.59
CA THR A 294 34.36 -14.32 2.15
C THR A 294 34.60 -12.97 1.48
N MET A 295 34.78 -12.96 0.17
CA MET A 295 35.07 -11.70 -0.51
C MET A 295 33.91 -10.67 -0.42
N PRO A 296 32.66 -11.08 -0.70
CA PRO A 296 31.56 -10.12 -0.55
C PRO A 296 31.43 -9.58 0.87
N ALA A 297 31.58 -10.43 1.87
CA ALA A 297 31.49 -10.00 3.27
C ALA A 297 32.63 -9.05 3.63
N LEU A 298 33.81 -9.32 3.08
CA LEU A 298 34.95 -8.44 3.27
C LEU A 298 34.69 -7.07 2.67
N LEU A 299 34.35 -7.05 1.39
CA LEU A 299 34.21 -5.79 0.67
C LEU A 299 33.01 -4.99 1.15
N ALA A 300 31.86 -5.65 1.27
CA ALA A 300 30.64 -4.98 1.68
C ALA A 300 30.66 -4.62 3.17
N GLY A 301 31.13 -5.53 4.01
CA GLY A 301 31.17 -5.29 5.44
C GLY A 301 32.10 -4.15 5.80
N SER A 302 33.27 -4.12 5.16
CA SER A 302 34.27 -3.09 5.43
C SER A 302 33.88 -1.71 4.88
N TYR A 303 33.28 -1.68 3.71
CA TYR A 303 32.90 -0.40 3.11
C TYR A 303 31.75 0.26 3.87
N TYR A 304 30.73 -0.52 4.17
CA TYR A 304 29.51 -0.01 4.77
C TYR A 304 29.58 -0.04 6.30
N LYS A 305 30.71 -0.51 6.82
CA LYS A 305 30.95 -0.62 8.27
C LYS A 305 29.84 -1.44 8.92
N ASP A 306 29.56 -2.60 8.33
CA ASP A 306 28.48 -3.46 8.80
C ASP A 306 29.00 -4.63 9.63
N GLU A 307 28.59 -4.66 10.89
CA GLU A 307 28.98 -5.70 11.83
C GLU A 307 28.44 -7.11 11.52
N TYR A 308 27.20 -7.21 11.05
CA TYR A 308 26.64 -8.50 10.64
C TYR A 308 27.43 -9.10 9.48
N LEU A 309 27.84 -8.27 8.52
CA LEU A 309 28.62 -8.72 7.37
C LEU A 309 30.07 -9.06 7.75
N ASN A 310 30.61 -8.33 8.72
CA ASN A 310 31.96 -8.58 9.19
C ASN A 310 32.07 -9.90 9.96
N TYR A 311 31.01 -10.24 10.68
CA TYR A 311 30.89 -11.55 11.31
C TYR A 311 31.03 -12.66 10.27
N GLU A 312 30.31 -12.50 9.17
CA GLU A 312 30.33 -13.42 8.06
C GLU A 312 31.75 -13.60 7.49
N PHE A 313 32.47 -12.49 7.31
CA PHE A 313 33.85 -12.55 6.85
C PHE A 313 34.76 -13.26 7.87
N LEU A 314 34.58 -12.92 9.14
CA LEU A 314 35.44 -13.48 10.19
C LEU A 314 35.28 -14.99 10.40
N LYS A 315 34.18 -15.57 9.90
CA LYS A 315 33.99 -17.03 9.93
C LYS A 315 35.15 -17.74 9.24
N ASP A 316 35.59 -17.20 8.11
CA ASP A 316 36.74 -17.73 7.38
C ASP A 316 37.48 -16.56 6.69
N PRO A 317 38.38 -15.88 7.44
CA PRO A 317 39.04 -14.66 6.96
C PRO A 317 40.20 -14.97 6.01
N ASN A 318 39.91 -15.76 4.99
CA ASN A 318 40.93 -16.26 4.07
C ASN A 318 40.52 -16.02 2.64
N VAL A 319 41.14 -14.98 2.09
CA VAL A 319 40.83 -14.45 0.79
C VAL A 319 41.70 -15.18 -0.26
N GLU A 320 41.18 -15.36 -1.48
CA GLU A 320 41.96 -16.00 -2.53
C GLU A 320 43.22 -15.17 -2.84
N PRO A 321 44.32 -15.83 -3.27
CA PRO A 321 45.60 -15.12 -3.40
C PRO A 321 45.57 -13.82 -4.19
N HIS A 322 44.91 -13.81 -5.35
CA HIS A 322 44.84 -12.60 -6.17
C HIS A 322 44.05 -11.48 -5.50
N CYS A 323 43.38 -11.80 -4.39
CA CYS A 323 42.58 -10.81 -3.67
C CYS A 323 43.25 -10.30 -2.39
N LYS A 324 44.38 -10.90 -2.02
CA LYS A 324 45.08 -10.55 -0.78
C LYS A 324 45.44 -9.07 -0.69
N LEU A 325 45.93 -8.51 -1.80
CA LEU A 325 46.28 -7.11 -1.85
C LEU A 325 45.08 -6.23 -1.51
N PHE A 326 43.92 -6.62 -2.01
CA PHE A 326 42.71 -5.83 -1.82
C PHE A 326 42.23 -5.86 -0.38
N GLU A 327 42.46 -6.97 0.32
CA GLU A 327 42.17 -7.07 1.74
C GLU A 327 43.12 -6.16 2.53
N PHE A 328 44.40 -6.21 2.19
CA PHE A 328 45.39 -5.31 2.80
C PHE A 328 45.01 -3.83 2.65
N LEU A 329 44.57 -3.44 1.46
CA LEU A 329 44.27 -2.05 1.18
C LEU A 329 42.94 -1.57 1.77
N TRP A 330 41.94 -2.46 1.81
CA TRP A 330 40.54 -2.05 2.02
C TRP A 330 39.86 -2.60 3.28
N ARG A 331 40.44 -3.62 3.91
CA ARG A 331 39.81 -4.21 5.09
C ARG A 331 39.76 -3.22 6.27
N ASP A 332 38.63 -3.22 6.96
CA ASP A 332 38.44 -2.46 8.19
C ASP A 332 38.64 -3.38 9.38
N THR A 333 39.80 -3.26 10.03
CA THR A 333 40.17 -4.15 11.14
C THR A 333 39.61 -3.64 12.47
N GLN A 334 39.16 -2.39 12.48
CA GLN A 334 38.56 -1.77 13.66
C GLN A 334 37.09 -2.13 13.81
N LEU A 335 36.49 -2.61 12.73
CA LEU A 335 35.07 -2.96 12.71
C LEU A 335 34.77 -4.16 13.62
N GLY A 336 33.68 -4.06 14.36
CA GLY A 336 33.21 -5.15 15.20
C GLY A 336 32.47 -6.20 14.38
N SER A 337 31.85 -7.16 15.08
CA SER A 337 31.09 -8.22 14.42
C SER A 337 29.92 -8.65 15.28
N ARG A 338 28.81 -8.98 14.62
CA ARG A 338 27.59 -9.42 15.30
C ARG A 338 27.07 -10.75 14.75
N LYS A 339 26.83 -11.70 15.65
CA LYS A 339 26.09 -12.92 15.31
C LYS A 339 24.67 -12.54 14.83
N PRO A 340 24.04 -13.39 14.01
CA PRO A 340 22.72 -13.03 13.47
C PRO A 340 21.55 -13.16 14.47
N ASP A 341 21.83 -13.60 15.70
CA ASP A 341 20.80 -14.01 16.68
C ASP A 341 19.71 -12.98 17.02
N ASP A 342 19.99 -11.69 16.87
CA ASP A 342 19.01 -10.65 17.18
C ASP A 342 18.36 -10.03 15.93
N LEU A 343 18.54 -10.68 14.79
CA LEU A 343 17.88 -10.25 13.55
C LEU A 343 16.44 -10.75 13.54
N PRO A 344 15.49 -9.91 13.06
CA PRO A 344 14.10 -10.32 12.90
C PRO A 344 14.05 -11.67 12.20
N LEU A 345 13.06 -12.50 12.53
CA LEU A 345 13.00 -13.86 12.00
C LEU A 345 12.53 -13.98 10.54
N SER A 346 11.87 -12.93 10.05
CA SER A 346 11.48 -12.88 8.64
C SER A 346 12.04 -11.64 7.96
N ARG A 347 12.46 -11.82 6.70
CA ARG A 347 12.94 -10.72 5.87
C ARG A 347 12.29 -10.75 4.47
N TYR A 348 11.87 -9.58 3.99
CA TYR A 348 11.17 -9.47 2.72
C TYR A 348 11.98 -8.75 1.65
N SER A 349 12.01 -9.32 0.44
CA SER A 349 12.67 -8.69 -0.70
C SER A 349 11.59 -8.37 -1.74
N GLY A 350 11.33 -7.09 -1.93
CA GLY A 350 10.30 -6.65 -2.88
C GLY A 350 10.70 -6.70 -4.34
N SER A 351 10.07 -5.85 -5.16
CA SER A 351 10.33 -5.76 -6.59
C SER A 351 11.82 -5.61 -6.88
N PRO A 352 12.35 -6.34 -7.89
CA PRO A 352 11.70 -7.29 -8.81
C PRO A 352 11.67 -8.75 -8.34
N PHE A 353 11.84 -8.98 -7.04
CA PHE A 353 11.91 -10.31 -6.48
C PHE A 353 10.56 -10.82 -5.94
N GLY A 354 10.10 -10.26 -4.83
CA GLY A 354 8.95 -10.78 -4.12
C GLY A 354 9.28 -12.10 -3.45
N TRP A 355 10.31 -12.07 -2.60
CA TRP A 355 10.78 -13.25 -1.88
C TRP A 355 10.69 -13.02 -0.38
N MET A 356 10.19 -14.02 0.34
CA MET A 356 10.16 -14.05 1.80
C MET A 356 11.06 -15.15 2.31
N ILE A 357 11.91 -14.83 3.26
CA ILE A 357 12.66 -15.84 3.99
C ILE A 357 12.19 -15.80 5.45
N ALA A 358 11.69 -16.92 5.94
CA ALA A 358 11.12 -16.95 7.28
C ALA A 358 11.76 -18.04 8.14
N ARG A 359 12.14 -17.67 9.35
CA ARG A 359 12.76 -18.58 10.31
C ARG A 359 11.96 -18.66 11.59
N THR A 360 12.23 -19.70 12.38
CA THR A 360 11.69 -19.80 13.74
C THR A 360 12.78 -19.59 14.79
N GLY A 361 14.00 -19.34 14.32
CA GLY A 361 15.12 -19.10 15.23
C GLY A 361 16.43 -18.97 14.47
N TRP A 362 17.54 -18.88 15.21
CA TRP A 362 18.88 -18.77 14.63
C TRP A 362 19.80 -19.92 15.02
N GLY A 363 19.27 -20.86 15.80
CA GLY A 363 20.07 -21.99 16.32
C GLY A 363 19.78 -23.30 15.60
N PRO A 364 20.18 -24.44 16.21
CA PRO A 364 20.06 -25.77 15.61
C PRO A 364 18.62 -26.21 15.33
N GLU A 365 17.66 -25.72 16.11
CA GLU A 365 16.25 -26.08 15.95
C GLU A 365 15.48 -25.20 14.96
N SER A 366 16.19 -24.33 14.22
CA SER A 366 15.58 -23.41 13.26
C SER A 366 14.86 -24.11 12.13
N VAL A 367 13.61 -23.71 11.87
CA VAL A 367 12.96 -23.95 10.59
C VAL A 367 13.39 -22.81 9.69
N ILE A 368 13.73 -23.11 8.44
CA ILE A 368 14.07 -22.10 7.45
C ILE A 368 13.19 -22.32 6.23
N ALA A 369 12.38 -21.32 5.90
CA ALA A 369 11.37 -21.44 4.85
C ALA A 369 11.45 -20.28 3.89
N GLU A 370 11.51 -20.62 2.61
CA GLU A 370 11.61 -19.65 1.54
C GLU A 370 10.35 -19.69 0.69
N MET A 371 9.87 -18.52 0.29
CA MET A 371 8.67 -18.37 -0.54
C MET A 371 8.97 -17.32 -1.61
N LYS A 372 8.76 -17.66 -2.89
CA LYS A 372 9.20 -16.82 -4.00
C LYS A 372 8.11 -16.54 -5.02
N VAL A 373 7.97 -15.27 -5.40
CA VAL A 373 7.16 -14.92 -6.55
C VAL A 373 8.05 -14.92 -7.81
N ASN A 374 9.05 -14.04 -7.86
CA ASN A 374 9.80 -13.66 -9.08
C ASN A 374 8.98 -12.74 -9.99
N GLU A 375 9.17 -11.43 -9.88
CA GLU A 375 8.51 -10.52 -10.82
C GLU A 375 9.21 -10.52 -12.17
N TYR A 376 10.53 -10.66 -12.17
CA TYR A 376 11.27 -10.80 -13.41
C TYR A 376 12.21 -11.99 -13.35
N SER A 377 12.57 -12.52 -14.50
CA SER A 377 13.61 -13.53 -14.59
C SER A 377 14.89 -12.92 -15.16
N PHE A 378 16.02 -13.22 -14.52
CA PHE A 378 17.30 -12.70 -14.97
C PHE A 378 18.09 -13.72 -15.81
N LEU A 379 17.58 -14.96 -15.86
CA LEU A 379 18.22 -16.04 -16.61
C LEU A 379 19.65 -16.33 -16.13
N ASN A 380 20.52 -16.77 -17.04
CA ASN A 380 21.84 -17.26 -16.69
C ASN A 380 21.68 -18.31 -15.57
N HIS A 381 22.18 -18.02 -14.37
CA HIS A 381 22.14 -19.00 -13.27
C HIS A 381 20.85 -19.01 -12.45
N GLN A 382 19.92 -18.11 -12.76
CA GLN A 382 18.61 -18.14 -12.10
C GLN A 382 17.75 -19.26 -12.70
N HIS A 383 16.87 -19.85 -11.88
CA HIS A 383 15.98 -20.92 -12.35
C HIS A 383 14.59 -20.39 -12.67
N GLN A 384 13.86 -21.10 -13.52
CA GLN A 384 12.48 -20.73 -13.85
C GLN A 384 11.61 -21.30 -12.74
N ASP A 385 11.71 -20.68 -11.58
CA ASP A 385 11.13 -21.24 -10.36
C ASP A 385 10.09 -20.33 -9.70
N ALA A 386 9.34 -19.59 -10.52
CA ALA A 386 8.31 -18.72 -9.96
C ALA A 386 7.32 -19.58 -9.15
N GLY A 387 6.98 -19.10 -7.95
CA GLY A 387 6.05 -19.79 -7.07
C GLY A 387 6.68 -20.79 -6.11
N ALA A 388 7.98 -21.02 -6.24
CA ALA A 388 8.64 -22.08 -5.50
C ALA A 388 8.69 -21.80 -4.00
N PHE A 389 8.39 -22.82 -3.19
CA PHE A 389 8.71 -22.77 -1.77
C PHE A 389 9.76 -23.81 -1.45
N GLN A 390 10.47 -23.62 -0.34
CA GLN A 390 11.57 -24.48 0.05
C GLN A 390 11.60 -24.47 1.57
N ILE A 391 11.66 -25.64 2.19
CA ILE A 391 11.66 -25.73 3.65
C ILE A 391 12.77 -26.62 4.16
N TYR A 392 13.51 -26.09 5.13
CA TYR A 392 14.57 -26.81 5.84
C TYR A 392 14.25 -26.83 7.33
N TYR A 393 14.40 -28.00 7.96
CA TYR A 393 14.39 -28.10 9.42
C TYR A 393 15.07 -29.40 9.76
N LYS A 394 16.23 -29.29 10.41
CA LYS A 394 17.05 -30.46 10.72
C LYS A 394 17.20 -31.34 9.48
N GLY A 395 17.50 -30.69 8.34
CA GLY A 395 17.65 -31.34 7.06
C GLY A 395 16.77 -30.72 5.99
N PRO A 396 17.16 -30.85 4.72
CA PRO A 396 16.30 -30.30 3.66
C PRO A 396 15.03 -31.15 3.50
N LEU A 397 13.87 -30.51 3.60
CA LEU A 397 12.60 -31.22 3.65
C LEU A 397 11.77 -31.08 2.37
N ALA A 398 11.32 -29.86 2.10
CA ALA A 398 10.72 -29.54 0.81
C ALA A 398 11.84 -28.94 0.00
N ILE A 399 12.38 -29.70 -0.95
CA ILE A 399 13.65 -29.34 -1.57
C ILE A 399 13.52 -28.59 -2.89
N ASP A 400 14.59 -27.89 -3.24
CA ASP A 400 14.78 -27.27 -4.55
C ASP A 400 15.69 -28.28 -5.22
N ALA A 401 15.14 -29.03 -6.18
CA ALA A 401 15.73 -30.30 -6.62
C ALA A 401 16.72 -30.22 -7.78
N GLY A 402 17.50 -31.29 -7.96
CA GLY A 402 18.52 -31.34 -8.99
C GLY A 402 19.86 -30.85 -8.49
N SER A 403 20.86 -30.82 -9.38
CA SER A 403 22.18 -30.31 -9.04
C SER A 403 22.82 -29.70 -10.27
N TYR A 404 23.64 -28.67 -10.06
CA TYR A 404 24.31 -27.94 -11.14
C TYR A 404 25.20 -28.86 -11.97
N THR A 405 26.04 -29.64 -11.29
CA THR A 405 26.98 -30.54 -11.96
C THR A 405 26.74 -31.99 -11.57
N GLY A 406 27.30 -32.91 -12.36
CA GLY A 406 27.23 -34.33 -12.06
C GLY A 406 27.49 -35.14 -13.30
N SER A 407 26.96 -36.37 -13.34
CA SER A 407 27.16 -37.28 -14.47
C SER A 407 26.66 -36.68 -15.79
N SER A 408 25.68 -35.78 -15.70
CA SER A 408 25.12 -35.15 -16.90
C SER A 408 26.08 -34.14 -17.52
N GLY A 409 26.98 -33.61 -16.71
CA GLY A 409 27.87 -32.53 -17.15
C GLY A 409 27.69 -31.29 -16.29
N GLY A 410 28.09 -30.14 -16.83
CA GLY A 410 27.94 -28.87 -16.14
C GLY A 410 26.79 -28.03 -16.67
N TYR A 411 27.03 -26.73 -16.79
CA TYR A 411 26.02 -25.75 -17.17
C TYR A 411 25.23 -26.12 -18.45
N ASN A 412 25.94 -26.66 -19.44
CA ASN A 412 25.33 -27.02 -20.74
C ASN A 412 24.63 -28.38 -20.76
N SER A 413 24.58 -29.05 -19.61
CA SER A 413 24.11 -30.43 -19.55
C SER A 413 22.62 -30.55 -19.88
N PRO A 414 22.20 -31.74 -20.36
CA PRO A 414 20.77 -32.02 -20.55
C PRO A 414 19.97 -31.88 -19.24
N HIS A 415 20.60 -32.19 -18.11
CA HIS A 415 19.96 -32.06 -16.80
C HIS A 415 19.61 -30.60 -16.47
N ASN A 416 20.57 -29.69 -16.70
CA ASN A 416 20.32 -28.25 -16.53
C ASN A 416 19.21 -27.73 -17.44
N LYS A 417 19.28 -28.07 -18.73
CA LYS A 417 18.33 -27.57 -19.72
C LYS A 417 16.93 -28.13 -19.51
N ASN A 418 16.85 -29.39 -19.06
CA ASN A 418 15.60 -30.13 -19.06
C ASN A 418 15.01 -30.41 -17.68
N PHE A 419 15.81 -30.30 -16.63
CA PHE A 419 15.30 -30.46 -15.27
C PHE A 419 15.69 -29.32 -14.31
N PHE A 420 16.99 -29.19 -14.02
CA PHE A 420 17.48 -28.30 -12.93
C PHE A 420 16.94 -26.86 -13.00
N LYS A 421 17.04 -26.23 -14.16
CA LYS A 421 16.63 -24.83 -14.35
C LYS A 421 15.13 -24.67 -14.63
N ARG A 422 14.42 -25.79 -14.69
CA ARG A 422 13.01 -25.83 -15.09
C ARG A 422 12.08 -25.91 -13.89
N THR A 423 10.81 -25.59 -14.10
CA THR A 423 9.83 -25.52 -13.01
C THR A 423 9.65 -26.88 -12.33
N ILE A 424 9.68 -27.94 -13.13
CA ILE A 424 9.50 -29.31 -12.64
C ILE A 424 10.48 -29.70 -11.52
N ALA A 425 11.63 -29.01 -11.46
CA ALA A 425 12.61 -29.26 -10.39
C ALA A 425 12.18 -28.65 -9.07
N HIS A 426 11.11 -27.86 -9.09
CA HIS A 426 10.75 -27.05 -7.93
C HIS A 426 9.38 -27.35 -7.35
N ASN A 427 9.16 -26.92 -6.11
CA ASN A 427 7.84 -27.01 -5.48
C ASN A 427 6.95 -25.89 -6.01
N SER A 428 6.48 -26.09 -7.24
CA SER A 428 5.66 -25.10 -7.91
C SER A 428 4.54 -25.79 -8.69
N LEU A 429 4.09 -25.16 -9.77
CA LEU A 429 2.90 -25.60 -10.50
C LEU A 429 3.22 -25.84 -11.97
N LEU A 430 2.69 -26.95 -12.49
CA LEU A 430 2.80 -27.31 -13.90
C LEU A 430 1.42 -27.33 -14.52
N ILE A 431 1.36 -26.93 -15.79
CA ILE A 431 0.17 -27.05 -16.63
C ILE A 431 0.71 -27.53 -17.98
N TYR A 432 0.27 -28.71 -18.42
CA TYR A 432 0.91 -29.35 -19.57
C TYR A 432 0.14 -29.13 -20.87
N ASP A 433 0.72 -28.30 -21.74
CA ASP A 433 0.23 -28.10 -23.10
C ASP A 433 1.08 -28.95 -24.04
N PRO A 434 0.48 -29.99 -24.64
CA PRO A 434 1.25 -30.92 -25.48
C PRO A 434 1.85 -30.26 -26.73
N LYS A 435 1.37 -29.07 -27.09
CA LYS A 435 1.84 -28.38 -28.29
C LYS A 435 2.86 -27.28 -28.01
N GLU A 436 3.14 -27.04 -26.73
CA GLU A 436 4.07 -26.00 -26.33
C GLU A 436 5.51 -26.40 -26.68
N THR A 437 6.27 -25.42 -27.19
CA THR A 437 7.70 -25.61 -27.40
C THR A 437 8.50 -24.66 -26.52
N PHE A 438 9.74 -25.04 -26.24
CA PHE A 438 10.62 -24.27 -25.37
C PHE A 438 11.95 -24.02 -26.09
N SER A 439 12.09 -22.81 -26.62
CA SER A 439 13.28 -22.43 -27.39
C SER A 439 14.48 -22.22 -26.47
N SER A 440 15.57 -22.94 -26.78
CA SER A 440 16.76 -22.95 -25.96
C SER A 440 18.03 -22.74 -26.79
N SER A 441 17.85 -22.31 -28.05
CA SER A 441 18.95 -22.24 -29.02
C SER A 441 20.14 -21.39 -28.60
N GLY A 442 19.88 -20.38 -27.75
CA GLY A 442 20.92 -19.46 -27.31
C GLY A 442 21.45 -19.72 -25.90
N TYR A 443 20.96 -20.77 -25.25
CA TYR A 443 21.46 -21.19 -23.93
C TYR A 443 22.86 -21.81 -23.99
N GLY A 444 23.73 -21.36 -23.08
CA GLY A 444 25.07 -21.94 -22.93
C GLY A 444 26.06 -21.45 -23.96
N GLY A 445 27.32 -21.81 -23.79
CA GLY A 445 28.39 -21.41 -24.70
C GLY A 445 28.87 -22.52 -25.64
N SER A 446 28.37 -23.72 -25.44
CA SER A 446 28.70 -24.87 -26.28
C SER A 446 27.61 -25.92 -26.15
N ASP A 447 27.67 -26.96 -26.98
CA ASP A 447 26.70 -28.06 -27.00
C ASP A 447 25.26 -27.54 -27.09
N HIS A 448 25.04 -26.60 -28.01
CA HIS A 448 23.73 -25.96 -28.19
C HIS A 448 22.66 -26.94 -28.70
N THR A 449 21.47 -26.83 -28.10
CA THR A 449 20.29 -27.55 -28.60
C THR A 449 19.17 -26.54 -28.86
N ASP A 450 18.43 -26.74 -29.95
CA ASP A 450 17.41 -25.78 -30.37
C ASP A 450 16.19 -25.71 -29.46
N PHE A 451 15.81 -26.85 -28.90
CA PHE A 451 14.64 -26.93 -28.03
C PHE A 451 14.91 -27.81 -26.84
N ALA A 452 14.30 -27.45 -25.70
CA ALA A 452 14.38 -28.26 -24.49
C ALA A 452 13.10 -29.07 -24.32
N ALA A 453 13.07 -29.97 -23.35
CA ALA A 453 11.91 -30.82 -23.11
C ALA A 453 10.71 -30.03 -22.59
N ASN A 454 9.51 -30.58 -22.83
CA ASN A 454 8.28 -30.04 -22.27
C ASN A 454 8.11 -30.56 -20.85
N ASP A 455 8.23 -29.67 -19.87
CA ASP A 455 8.06 -30.02 -18.46
C ASP A 455 6.71 -29.55 -17.91
N GLY A 456 5.85 -29.00 -18.77
CA GLY A 456 4.59 -28.40 -18.33
C GLY A 456 4.83 -27.15 -17.50
N GLY A 457 6.06 -26.64 -17.55
CA GLY A 457 6.47 -25.58 -16.66
C GLY A 457 6.41 -24.20 -17.26
N GLN A 458 7.23 -23.33 -16.69
CA GLN A 458 7.30 -21.92 -17.05
C GLN A 458 8.11 -21.69 -18.31
N ARG A 459 7.78 -20.62 -19.01
CA ARG A 459 8.48 -20.18 -20.24
C ARG A 459 9.99 -20.08 -20.08
N LEU A 460 10.68 -20.21 -21.21
CA LEU A 460 12.09 -19.87 -21.29
C LEU A 460 12.18 -18.51 -21.99
N PRO A 461 12.41 -17.43 -21.23
CA PRO A 461 12.42 -16.09 -21.82
C PRO A 461 13.65 -15.82 -22.70
N GLY A 462 13.63 -14.68 -23.41
CA GLY A 462 14.77 -14.28 -24.22
C GLY A 462 14.69 -14.81 -25.64
N LYS A 463 15.72 -14.52 -26.42
CA LYS A 463 15.74 -14.91 -27.84
C LYS A 463 16.28 -16.34 -27.95
N GLY A 464 15.51 -17.31 -27.49
CA GLY A 464 16.00 -18.69 -27.33
C GLY A 464 16.76 -18.89 -26.03
N TRP A 465 16.19 -18.41 -24.92
CA TRP A 465 16.77 -18.56 -23.58
C TRP A 465 18.10 -17.80 -23.46
N ILE A 466 18.11 -16.61 -24.07
CA ILE A 466 19.23 -15.67 -24.08
C ILE A 466 18.92 -14.51 -23.10
N ALA A 467 19.84 -14.22 -22.20
CA ALA A 467 19.70 -13.07 -21.30
C ALA A 467 19.73 -11.75 -22.09
N PRO A 468 19.05 -10.70 -21.58
CA PRO A 468 19.06 -9.43 -22.29
C PRO A 468 20.37 -8.67 -22.07
N ARG A 469 20.70 -7.80 -23.03
CA ARG A 469 21.88 -6.95 -22.93
C ARG A 469 21.93 -6.12 -21.64
N ASP A 470 20.85 -5.42 -21.34
CA ASP A 470 20.81 -4.47 -20.23
C ASP A 470 19.38 -4.27 -19.72
N LEU A 471 19.19 -3.31 -18.81
CA LEU A 471 17.88 -3.06 -18.24
C LEU A 471 16.86 -2.64 -19.30
N LYS A 472 17.29 -1.81 -20.25
CA LYS A 472 16.43 -1.35 -21.33
C LYS A 472 15.83 -2.52 -22.12
N GLU A 473 16.69 -3.41 -22.62
CA GLU A 473 16.26 -4.63 -23.30
C GLU A 473 15.43 -5.54 -22.39
N MET A 474 15.86 -5.68 -21.13
CA MET A 474 15.13 -6.51 -20.17
C MET A 474 13.66 -6.06 -20.03
N LEU A 475 13.46 -4.76 -19.77
CA LEU A 475 12.12 -4.21 -19.58
C LEU A 475 11.26 -4.24 -20.84
N ALA A 476 11.90 -4.22 -22.01
CA ALA A 476 11.18 -4.23 -23.29
C ALA A 476 10.84 -5.63 -23.78
N GLY A 477 11.47 -6.65 -23.20
CA GLY A 477 11.35 -8.02 -23.68
C GLY A 477 10.25 -8.80 -22.98
N ASP A 478 10.48 -10.12 -22.86
CA ASP A 478 9.51 -11.02 -22.23
C ASP A 478 10.05 -11.62 -20.94
N PHE A 479 10.71 -10.78 -20.14
CA PHE A 479 11.39 -11.27 -18.93
C PHE A 479 10.55 -11.16 -17.65
N ARG A 480 9.39 -10.51 -17.76
CA ARG A 480 8.43 -10.39 -16.68
C ARG A 480 7.77 -11.73 -16.43
N THR A 481 7.78 -12.19 -15.18
CA THR A 481 7.22 -13.50 -14.85
C THR A 481 6.19 -13.45 -13.73
N GLY A 482 5.94 -12.27 -13.16
CA GLY A 482 5.01 -12.18 -12.04
C GLY A 482 4.76 -10.79 -11.48
N LYS A 483 3.81 -10.74 -10.55
CA LYS A 483 3.39 -9.50 -9.91
C LYS A 483 3.10 -9.80 -8.45
N ILE A 484 3.79 -9.11 -7.56
CA ILE A 484 3.55 -9.21 -6.13
C ILE A 484 2.22 -8.55 -5.84
N LEU A 485 1.30 -9.32 -5.25
CA LEU A 485 -0.04 -8.80 -4.95
C LEU A 485 -0.19 -8.38 -3.50
N ALA A 486 0.49 -9.08 -2.61
CA ALA A 486 0.34 -8.85 -1.16
C ALA A 486 1.47 -9.49 -0.43
N GLN A 487 1.84 -8.89 0.70
CA GLN A 487 2.87 -9.41 1.57
C GLN A 487 2.81 -8.77 2.95
N GLY A 488 3.29 -9.51 3.94
CA GLY A 488 3.53 -8.94 5.26
C GLY A 488 3.92 -10.02 6.26
N PHE A 489 4.34 -9.59 7.44
CA PHE A 489 4.51 -10.50 8.56
C PHE A 489 4.15 -9.78 9.85
N GLY A 490 3.78 -10.54 10.88
CA GLY A 490 3.47 -9.99 12.18
C GLY A 490 2.76 -10.95 13.10
N PRO A 491 2.05 -10.42 14.12
CA PRO A 491 1.93 -9.00 14.46
C PRO A 491 3.24 -8.34 14.92
N ASP A 492 4.15 -9.11 15.50
CA ASP A 492 5.44 -8.60 15.99
C ASP A 492 6.48 -8.58 14.86
N ASN A 493 7.22 -7.48 14.74
CA ASN A 493 8.24 -7.34 13.69
C ASN A 493 9.47 -8.25 13.92
N GLN A 494 9.76 -8.54 15.18
CA GLN A 494 10.93 -9.34 15.54
C GLN A 494 10.66 -10.84 15.45
N THR A 495 9.51 -11.25 15.99
CA THR A 495 9.16 -12.67 16.07
C THR A 495 7.74 -12.88 15.53
N PRO A 496 7.52 -12.64 14.23
CA PRO A 496 6.16 -12.75 13.69
C PRO A 496 5.53 -14.16 13.82
N ASP A 497 4.29 -14.19 14.32
CA ASP A 497 3.47 -15.41 14.34
C ASP A 497 3.19 -15.95 12.92
N TYR A 498 3.10 -15.06 11.94
CA TYR A 498 2.85 -15.46 10.55
C TYR A 498 3.69 -14.64 9.57
N THR A 499 3.96 -15.23 8.41
CA THR A 499 4.65 -14.57 7.31
C THR A 499 3.89 -14.85 6.03
N TYR A 500 3.47 -13.79 5.36
CA TYR A 500 2.52 -13.89 4.25
C TYR A 500 3.09 -13.33 2.95
N LEU A 501 2.84 -14.04 1.86
CA LEU A 501 3.26 -13.60 0.54
C LEU A 501 2.25 -14.08 -0.51
N LYS A 502 1.81 -13.18 -1.37
CA LYS A 502 0.97 -13.57 -2.51
C LYS A 502 1.50 -13.00 -3.83
N GLY A 503 1.49 -13.83 -4.87
CA GLY A 503 1.92 -13.39 -6.19
C GLY A 503 1.04 -13.95 -7.28
N ASP A 504 0.87 -13.18 -8.35
CA ASP A 504 0.26 -13.64 -9.58
C ASP A 504 1.43 -13.96 -10.50
N ILE A 505 1.55 -15.21 -10.91
CA ILE A 505 2.68 -15.66 -11.74
C ILE A 505 2.25 -16.12 -13.15
N THR A 506 1.07 -15.66 -13.57
CA THR A 506 0.57 -15.95 -14.92
C THR A 506 1.60 -15.65 -16.01
N ALA A 507 2.30 -14.52 -15.89
CA ALA A 507 3.24 -14.08 -16.92
C ALA A 507 4.45 -15.01 -17.06
N ALA A 508 4.70 -15.83 -16.03
CA ALA A 508 5.78 -16.82 -16.06
C ALA A 508 5.51 -17.97 -17.04
N TYR A 509 4.24 -18.14 -17.41
CA TYR A 509 3.80 -19.22 -18.29
C TYR A 509 3.36 -18.68 -19.64
N SER A 510 3.17 -19.58 -20.60
CA SER A 510 2.62 -19.24 -21.90
C SER A 510 1.13 -18.94 -21.79
N ALA A 511 0.47 -18.79 -22.94
CA ALA A 511 -0.97 -18.55 -22.96
C ALA A 511 -1.80 -19.80 -22.67
N LYS A 512 -1.14 -20.90 -22.33
CA LYS A 512 -1.82 -22.13 -21.90
C LYS A 512 -2.62 -21.94 -20.59
N VAL A 513 -2.31 -20.87 -19.85
CA VAL A 513 -3.08 -20.47 -18.67
C VAL A 513 -3.68 -19.07 -18.86
N LYS A 514 -4.84 -18.86 -18.27
CA LYS A 514 -5.43 -17.53 -18.20
C LYS A 514 -5.01 -16.83 -16.90
N GLU A 515 -4.76 -17.60 -15.84
CA GLU A 515 -4.47 -17.02 -14.51
C GLU A 515 -3.77 -18.04 -13.59
N VAL A 516 -2.66 -17.62 -12.98
CA VAL A 516 -1.98 -18.44 -11.96
C VAL A 516 -1.60 -17.55 -10.78
N LYS A 517 -2.13 -17.88 -9.61
CA LYS A 517 -1.83 -17.16 -8.37
C LYS A 517 -1.48 -18.15 -7.29
N ARG A 518 -0.48 -17.80 -6.48
CA ARG A 518 -0.09 -18.59 -5.33
C ARG A 518 0.03 -17.68 -4.11
N SER A 519 -0.62 -18.10 -3.02
CA SER A 519 -0.54 -17.43 -1.74
C SER A 519 0.15 -18.36 -0.74
N PHE A 520 1.21 -17.85 -0.10
CA PHE A 520 1.89 -18.60 0.96
C PHE A 520 1.57 -17.97 2.30
N LEU A 521 1.25 -18.80 3.28
CA LEU A 521 1.19 -18.32 4.65
C LEU A 521 1.98 -19.23 5.59
N PHE A 522 3.12 -18.72 6.04
CA PHE A 522 3.98 -19.42 6.97
C PHE A 522 3.56 -19.09 8.39
N LEU A 523 3.50 -20.10 9.23
CA LEU A 523 3.16 -19.91 10.64
C LEU A 523 4.33 -20.30 11.52
N ASN A 524 4.83 -19.35 12.29
CA ASN A 524 5.70 -19.68 13.40
C ASN A 524 4.77 -20.02 14.55
N LEU A 525 4.69 -21.31 14.88
CA LEU A 525 3.73 -21.77 15.88
C LEU A 525 4.21 -21.58 17.32
N LYS A 526 5.45 -21.13 17.49
CA LYS A 526 6.03 -20.86 18.82
C LYS A 526 5.94 -22.09 19.73
N ASP A 527 6.40 -23.23 19.21
CA ASP A 527 6.27 -24.51 19.89
C ASP A 527 7.41 -25.42 19.47
N ALA A 528 8.09 -26.01 20.45
CA ALA A 528 9.21 -26.93 20.19
C ALA A 528 8.76 -28.20 19.47
N LYS A 529 7.56 -28.66 19.81
CA LYS A 529 7.01 -29.94 19.31
C LYS A 529 6.65 -29.87 17.83
N VAL A 530 5.87 -28.86 17.46
CA VAL A 530 5.53 -28.60 16.07
C VAL A 530 5.83 -27.11 15.79
N PRO A 531 7.10 -26.79 15.48
CA PRO A 531 7.58 -25.40 15.43
C PRO A 531 6.97 -24.54 14.33
N ALA A 532 6.56 -25.14 13.22
CA ALA A 532 6.08 -24.36 12.07
C ALA A 532 5.10 -25.08 11.16
N ALA A 533 4.40 -24.28 10.36
CA ALA A 533 3.51 -24.76 9.31
C ALA A 533 3.51 -23.80 8.11
N MET A 534 3.26 -24.33 6.93
CA MET A 534 3.05 -23.49 5.76
C MET A 534 1.80 -23.90 5.02
N ILE A 535 0.94 -22.91 4.75
CA ILE A 535 -0.26 -23.10 3.99
C ILE A 535 -0.02 -22.48 2.63
N VAL A 536 -0.28 -23.25 1.58
CA VAL A 536 -0.14 -22.79 0.21
C VAL A 536 -1.49 -22.90 -0.50
N PHE A 537 -1.95 -21.80 -1.08
CA PHE A 537 -3.26 -21.76 -1.76
C PHE A 537 -3.10 -21.25 -3.18
N ASP A 538 -3.47 -22.08 -4.15
CA ASP A 538 -3.22 -21.81 -5.55
C ASP A 538 -4.52 -21.71 -6.33
N LYS A 539 -4.54 -20.78 -7.28
CA LYS A 539 -5.58 -20.73 -8.30
C LYS A 539 -4.92 -20.94 -9.65
N VAL A 540 -5.40 -21.92 -10.41
CA VAL A 540 -4.90 -22.17 -11.76
C VAL A 540 -6.06 -22.26 -12.73
N VAL A 541 -6.05 -21.41 -13.75
CA VAL A 541 -7.03 -21.43 -14.81
C VAL A 541 -6.31 -21.70 -16.12
N ALA A 542 -6.51 -22.90 -16.66
CA ALA A 542 -5.96 -23.26 -17.97
C ALA A 542 -6.84 -22.72 -19.08
N SER A 543 -6.23 -22.44 -20.23
CA SER A 543 -6.95 -22.05 -21.45
C SER A 543 -7.69 -23.22 -22.08
N ASN A 544 -7.29 -24.44 -21.71
CA ASN A 544 -7.90 -25.67 -22.19
C ASN A 544 -8.04 -26.59 -20.98
N PRO A 545 -9.26 -27.03 -20.66
CA PRO A 545 -9.52 -27.86 -19.48
C PRO A 545 -8.73 -29.17 -19.48
N ASP A 546 -8.28 -29.60 -20.66
CA ASP A 546 -7.55 -30.86 -20.81
C ASP A 546 -6.04 -30.72 -20.59
N PHE A 547 -5.60 -29.51 -20.26
CA PHE A 547 -4.20 -29.30 -19.90
C PHE A 547 -3.98 -29.78 -18.47
N LYS A 548 -3.28 -30.91 -18.33
CA LYS A 548 -3.03 -31.54 -17.03
C LYS A 548 -2.31 -30.62 -16.06
N LYS A 549 -2.87 -30.50 -14.86
CA LYS A 549 -2.35 -29.64 -13.80
C LYS A 549 -1.61 -30.47 -12.75
N PHE A 550 -0.50 -29.93 -12.25
CA PHE A 550 0.36 -30.62 -11.29
C PHE A 550 0.78 -29.68 -10.16
N TRP A 551 0.64 -30.16 -8.92
CA TRP A 551 1.22 -29.49 -7.75
C TRP A 551 2.34 -30.37 -7.25
N LEU A 552 3.54 -29.80 -7.08
CA LEU A 552 4.73 -30.59 -6.81
C LEU A 552 5.26 -30.39 -5.40
N LEU A 553 5.77 -31.47 -4.82
CA LEU A 553 6.50 -31.43 -3.56
C LEU A 553 7.71 -32.37 -3.63
N HIS A 554 8.92 -31.79 -3.66
CA HIS A 554 10.16 -32.57 -3.81
C HIS A 554 10.79 -32.94 -2.47
N SER A 555 11.37 -34.14 -2.41
CA SER A 555 12.08 -34.58 -1.21
C SER A 555 13.31 -35.42 -1.56
N ILE A 556 14.21 -35.56 -0.60
CA ILE A 556 15.37 -36.44 -0.77
C ILE A 556 14.94 -37.90 -0.68
N GLU A 557 14.32 -38.27 0.45
CA GLU A 557 13.89 -39.65 0.71
C GLU A 557 12.44 -39.88 0.29
N GLN A 558 12.03 -41.15 0.23
CA GLN A 558 10.71 -41.55 -0.29
C GLN A 558 9.57 -41.04 0.58
N PRO A 559 8.60 -40.34 -0.03
CA PRO A 559 7.44 -39.91 0.74
C PRO A 559 6.50 -41.08 0.99
N GLU A 560 5.76 -41.00 2.09
CA GLU A 560 4.71 -41.97 2.36
C GLU A 560 3.37 -41.25 2.19
N ILE A 561 2.49 -41.85 1.40
CA ILE A 561 1.16 -41.29 1.15
C ILE A 561 0.10 -42.15 1.82
N LYS A 562 -0.74 -41.51 2.64
CA LYS A 562 -1.86 -42.20 3.29
C LYS A 562 -3.09 -41.29 3.28
N GLY A 563 -3.98 -41.52 2.32
CA GLY A 563 -5.16 -40.67 2.12
C GLY A 563 -4.73 -39.32 1.56
N ASN A 564 -5.08 -38.25 2.26
CA ASN A 564 -4.71 -36.90 1.86
C ASN A 564 -3.46 -36.41 2.59
N GLN A 565 -2.69 -37.35 3.11
CA GLN A 565 -1.52 -37.04 3.90
C GLN A 565 -0.23 -37.54 3.24
N ILE A 566 0.72 -36.62 3.07
CA ILE A 566 2.05 -36.95 2.58
C ILE A 566 3.05 -36.73 3.72
N THR A 567 3.76 -37.78 4.09
CA THR A 567 4.79 -37.70 5.13
C THR A 567 6.18 -37.85 4.52
N ILE A 568 7.03 -36.87 4.82
CA ILE A 568 8.42 -36.85 4.37
C ILE A 568 9.34 -36.79 5.58
N LYS A 569 10.34 -37.68 5.61
CA LYS A 569 11.32 -37.69 6.68
C LYS A 569 12.74 -37.63 6.15
N ARG A 570 13.62 -37.01 6.95
CA ARG A 570 15.06 -37.13 6.79
C ARG A 570 15.55 -38.10 7.85
N THR A 571 16.35 -39.08 7.45
CA THR A 571 16.85 -40.11 8.36
C THR A 571 18.35 -40.36 8.20
N LYS A 572 19.01 -39.54 7.37
CA LYS A 572 20.40 -39.75 7.01
C LYS A 572 21.25 -38.48 7.23
N ASN A 573 22.58 -38.66 7.23
CA ASN A 573 23.55 -37.55 7.36
C ASN A 573 23.41 -36.74 8.65
N GLY A 574 22.83 -37.35 9.68
CA GLY A 574 22.56 -36.68 10.96
C GLY A 574 21.31 -35.81 10.97
N ASP A 575 20.60 -35.79 9.84
CA ASP A 575 19.35 -35.04 9.71
C ASP A 575 18.21 -35.84 10.33
N SER A 576 17.23 -35.16 10.90
CA SER A 576 16.12 -35.84 11.57
C SER A 576 14.78 -35.12 11.39
N GLY A 577 14.72 -34.18 10.45
CA GLY A 577 13.50 -33.41 10.20
C GLY A 577 12.33 -34.19 9.60
N MET A 578 11.14 -33.64 9.72
CA MET A 578 9.94 -34.25 9.13
C MET A 578 8.97 -33.18 8.63
N LEU A 579 8.41 -33.46 7.45
CA LEU A 579 7.39 -32.63 6.83
C LEU A 579 6.13 -33.47 6.61
N VAL A 580 4.97 -32.91 6.95
CA VAL A 580 3.72 -33.60 6.72
C VAL A 580 2.72 -32.67 6.05
N ASN A 581 2.38 -32.98 4.80
CA ASN A 581 1.41 -32.20 4.03
C ASN A 581 0.01 -32.79 4.09
N THR A 582 -0.95 -31.97 4.52
CA THR A 582 -2.36 -32.33 4.45
C THR A 582 -2.98 -31.63 3.25
N ALA A 583 -3.43 -32.43 2.29
CA ALA A 583 -4.09 -31.93 1.09
C ALA A 583 -5.57 -31.67 1.35
N LEU A 584 -5.98 -30.41 1.27
CA LEU A 584 -7.36 -30.02 1.53
C LEU A 584 -8.15 -29.77 0.24
N LEU A 585 -7.49 -29.19 -0.76
CA LEU A 585 -8.07 -29.00 -2.10
C LEU A 585 -7.01 -29.33 -3.14
N PRO A 586 -7.38 -30.04 -4.22
CA PRO A 586 -8.70 -30.66 -4.45
C PRO A 586 -9.10 -31.61 -3.32
N ASP A 587 -10.39 -31.76 -3.08
CA ASP A 587 -10.85 -32.65 -2.01
C ASP A 587 -10.58 -34.10 -2.40
N ALA A 588 -10.55 -34.97 -1.39
CA ALA A 588 -10.24 -36.39 -1.56
C ALA A 588 -10.94 -37.05 -2.76
N ALA A 589 -12.16 -36.60 -3.06
CA ALA A 589 -12.94 -37.17 -4.15
C ALA A 589 -12.51 -36.69 -5.54
N ASN A 590 -11.65 -35.68 -5.56
CA ASN A 590 -11.12 -35.12 -6.80
C ASN A 590 -9.60 -35.03 -6.79
N SER A 591 -8.97 -35.82 -5.92
CA SER A 591 -7.52 -35.75 -5.70
C SER A 591 -6.80 -37.06 -6.02
N ASN A 592 -5.83 -36.98 -6.92
CA ASN A 592 -4.88 -38.06 -7.15
C ASN A 592 -3.49 -37.66 -6.66
N ILE A 593 -2.98 -38.41 -5.68
CA ILE A 593 -1.66 -38.13 -5.10
C ILE A 593 -0.70 -39.27 -5.45
N THR A 594 0.35 -38.93 -6.19
CA THR A 594 1.28 -39.93 -6.73
C THR A 594 2.73 -39.60 -6.43
N SER A 595 3.48 -40.58 -5.96
CA SER A 595 4.93 -40.42 -5.77
C SER A 595 5.71 -40.94 -6.97
N ILE A 596 6.69 -40.16 -7.41
CA ILE A 596 7.59 -40.55 -8.47
C ILE A 596 9.02 -40.36 -7.97
N GLY A 597 9.85 -41.37 -8.11
CA GLY A 597 11.25 -41.26 -7.71
C GLY A 597 11.99 -42.58 -7.60
N GLY A 598 13.14 -42.55 -6.93
CA GLY A 598 14.03 -43.69 -6.88
C GLY A 598 14.89 -43.76 -8.13
N LYS A 599 15.81 -44.73 -8.16
CA LYS A 599 16.71 -44.93 -9.29
C LYS A 599 15.96 -44.92 -10.63
N GLY A 600 16.43 -44.10 -11.56
CA GLY A 600 15.81 -43.97 -12.88
C GLY A 600 14.59 -43.06 -12.93
N LYS A 601 14.19 -42.50 -11.79
CA LYS A 601 12.99 -41.64 -11.74
C LYS A 601 13.21 -40.36 -10.93
N ASP A 602 14.44 -40.16 -10.45
CA ASP A 602 14.79 -38.98 -9.65
C ASP A 602 14.64 -37.64 -10.38
N PHE A 603 14.94 -37.63 -11.68
CA PHE A 603 14.77 -36.42 -12.50
C PHE A 603 13.84 -36.65 -13.69
N TRP A 604 12.69 -37.24 -13.39
CA TRP A 604 11.73 -37.69 -14.39
C TRP A 604 10.94 -36.55 -15.01
N VAL A 605 11.06 -36.40 -16.33
CA VAL A 605 10.31 -35.40 -17.08
C VAL A 605 9.50 -36.07 -18.20
N PHE A 606 8.24 -36.36 -17.89
CA PHE A 606 7.26 -36.93 -18.83
C PHE A 606 7.83 -37.91 -19.87
N GLY A 607 8.46 -38.96 -19.39
CA GLY A 607 8.92 -40.05 -20.27
C GLY A 607 10.42 -40.25 -20.33
N THR A 608 11.17 -39.27 -19.83
CA THR A 608 12.64 -39.28 -19.87
C THR A 608 13.21 -38.85 -18.51
N ASN A 609 14.14 -39.65 -17.99
CA ASN A 609 14.85 -39.31 -16.77
C ASN A 609 16.16 -38.64 -17.10
N TYR A 610 16.29 -37.37 -16.71
CA TYR A 610 17.52 -36.61 -16.97
C TYR A 610 18.55 -36.85 -15.88
N THR A 611 19.17 -38.02 -15.99
CA THR A 611 20.14 -38.55 -15.02
C THR A 611 21.27 -37.58 -14.74
N ASN A 612 21.56 -37.39 -13.45
CA ASN A 612 22.66 -36.54 -13.01
C ASN A 612 23.15 -36.97 -11.64
N ASP A 613 23.89 -38.09 -11.61
CA ASP A 613 24.45 -38.61 -10.37
C ASP A 613 25.60 -37.72 -9.91
N PRO A 614 25.86 -37.68 -8.59
CA PRO A 614 26.91 -36.80 -8.10
C PRO A 614 28.28 -37.33 -8.51
N LYS A 615 29.24 -36.41 -8.60
CA LYS A 615 30.64 -36.79 -8.73
C LYS A 615 31.02 -37.54 -7.44
N PRO A 616 31.87 -38.57 -7.56
CA PRO A 616 32.21 -39.40 -6.40
C PRO A 616 32.69 -38.53 -5.24
N GLY A 617 32.10 -38.75 -4.06
CA GLY A 617 32.46 -38.00 -2.85
C GLY A 617 31.72 -36.69 -2.64
N THR A 618 30.96 -36.25 -3.65
CA THR A 618 30.21 -34.99 -3.57
C THR A 618 28.74 -35.27 -3.27
N ASP A 619 28.03 -34.23 -2.82
CA ASP A 619 26.62 -34.31 -2.41
C ASP A 619 26.34 -35.58 -1.59
N GLU A 620 27.06 -35.72 -0.48
CA GLU A 620 26.95 -36.91 0.37
C GLU A 620 25.56 -37.09 1.01
N ALA A 621 24.77 -36.02 1.03
CA ALA A 621 23.40 -36.06 1.55
C ALA A 621 22.31 -36.18 0.47
N LEU A 622 22.74 -36.26 -0.79
CA LEU A 622 21.84 -36.33 -1.94
C LEU A 622 20.75 -35.24 -1.90
N GLU A 623 21.18 -33.99 -1.72
CA GLU A 623 20.25 -32.87 -1.67
C GLU A 623 19.68 -32.54 -3.05
N ARG A 624 20.29 -33.14 -4.09
CA ARG A 624 19.71 -33.11 -5.42
C ARG A 624 18.34 -33.83 -5.47
N GLY A 625 18.11 -34.71 -4.48
CA GLY A 625 16.83 -35.36 -4.31
C GLY A 625 16.67 -36.65 -5.11
N GLU A 626 15.68 -37.44 -4.72
CA GLU A 626 15.31 -38.65 -5.46
C GLU A 626 13.82 -38.82 -5.68
N TRP A 627 13.02 -38.00 -5.00
CA TRP A 627 11.57 -38.20 -4.98
C TRP A 627 10.77 -36.91 -5.15
N ARG A 628 9.56 -37.06 -5.67
CA ARG A 628 8.58 -36.00 -5.64
C ARG A 628 7.19 -36.58 -5.56
N VAL A 629 6.26 -35.77 -5.06
CA VAL A 629 4.85 -36.08 -5.09
C VAL A 629 4.16 -35.13 -6.05
N GLU A 630 3.23 -35.67 -6.83
CA GLU A 630 2.42 -34.87 -7.73
C GLU A 630 0.96 -35.00 -7.31
N ILE A 631 0.34 -33.85 -7.03
CA ILE A 631 -1.08 -33.82 -6.75
C ILE A 631 -1.82 -33.29 -7.98
N THR A 632 -2.75 -34.08 -8.49
CA THR A 632 -3.42 -33.77 -9.73
C THR A 632 -4.94 -33.88 -9.55
N PRO A 633 -5.71 -32.99 -10.21
CA PRO A 633 -7.16 -33.16 -10.22
C PRO A 633 -7.58 -34.45 -10.93
N LYS A 634 -8.58 -35.13 -10.37
CA LYS A 634 -9.17 -36.32 -11.01
C LYS A 634 -9.99 -35.91 -12.22
N LYS A 635 -10.83 -34.89 -12.05
CA LYS A 635 -11.70 -34.39 -13.12
C LYS A 635 -10.98 -33.27 -13.88
N ALA A 636 -11.08 -33.31 -15.21
CA ALA A 636 -10.51 -32.24 -16.04
C ALA A 636 -11.41 -31.01 -16.02
N ALA A 637 -10.82 -29.85 -15.74
CA ALA A 637 -11.56 -28.61 -15.58
C ALA A 637 -10.66 -27.42 -15.88
N ALA A 638 -11.24 -26.34 -16.39
CA ALA A 638 -10.48 -25.13 -16.69
C ALA A 638 -9.87 -24.56 -15.41
N GLU A 639 -10.70 -24.40 -14.37
CA GLU A 639 -10.32 -23.79 -13.12
C GLU A 639 -10.14 -24.82 -12.00
N ASP A 640 -8.98 -24.81 -11.37
CA ASP A 640 -8.72 -25.64 -10.20
C ASP A 640 -8.01 -24.85 -9.11
N TYR A 641 -8.29 -25.22 -7.86
CA TYR A 641 -7.62 -24.66 -6.70
C TYR A 641 -6.85 -25.73 -5.95
N TYR A 642 -5.65 -25.38 -5.51
CA TYR A 642 -4.89 -26.23 -4.62
C TYR A 642 -4.84 -25.56 -3.25
N LEU A 643 -5.06 -26.35 -2.20
CA LEU A 643 -4.89 -25.89 -0.82
C LEU A 643 -4.15 -26.99 -0.07
N ASN A 644 -2.95 -26.67 0.38
CA ASN A 644 -2.12 -27.64 1.08
C ASN A 644 -1.55 -27.04 2.35
N VAL A 645 -1.52 -27.84 3.41
CA VAL A 645 -1.06 -27.41 4.72
C VAL A 645 0.08 -28.30 5.21
N ILE A 646 1.25 -27.69 5.36
CA ILE A 646 2.46 -28.41 5.72
C ILE A 646 2.75 -28.17 7.20
N GLN A 647 2.92 -29.26 7.95
CA GLN A 647 3.47 -29.16 9.30
C GLN A 647 4.93 -29.65 9.33
N ILE A 648 5.75 -28.97 10.11
CA ILE A 648 7.16 -29.30 10.25
C ILE A 648 7.42 -29.73 11.71
N ALA A 649 8.18 -30.82 11.88
CA ALA A 649 8.49 -31.36 13.21
C ALA A 649 9.67 -32.35 13.18
N ASP A 650 10.12 -32.81 14.34
CA ASP A 650 11.09 -33.91 14.44
C ASP A 650 10.47 -35.18 13.88
N ASN A 651 11.27 -36.04 13.27
CA ASN A 651 10.76 -37.31 12.75
C ASN A 651 10.29 -38.28 13.84
N THR A 652 10.53 -37.93 15.10
CA THR A 652 10.09 -38.72 16.25
C THR A 652 8.79 -38.19 16.85
N GLN A 653 8.32 -37.05 16.33
CA GLN A 653 7.08 -36.44 16.81
C GLN A 653 5.88 -37.24 16.35
N GLN A 654 5.15 -37.81 17.30
CA GLN A 654 3.99 -38.65 17.02
C GLN A 654 2.71 -37.85 16.79
N LYS A 655 2.46 -36.86 17.63
CA LYS A 655 1.23 -36.08 17.55
C LYS A 655 1.42 -34.77 16.80
N LEU A 656 0.84 -34.68 15.61
CA LEU A 656 0.77 -33.42 14.86
C LEU A 656 -0.62 -32.82 15.01
N HIS A 657 -0.76 -31.53 14.71
CA HIS A 657 -2.05 -30.84 14.84
C HIS A 657 -3.07 -31.37 13.84
N GLU A 658 -4.32 -31.42 14.27
CA GLU A 658 -5.43 -31.68 13.36
C GLU A 658 -5.64 -30.45 12.47
N VAL A 659 -5.78 -30.69 11.17
CA VAL A 659 -5.97 -29.64 10.17
C VAL A 659 -7.40 -29.66 9.68
N LYS A 660 -8.10 -28.53 9.85
CA LYS A 660 -9.47 -28.41 9.35
C LYS A 660 -9.55 -27.41 8.19
N ARG A 661 -10.25 -27.79 7.14
CA ARG A 661 -10.61 -26.86 6.08
C ARG A 661 -11.86 -26.11 6.51
N ILE A 662 -11.85 -24.81 6.32
CA ILE A 662 -13.02 -23.98 6.60
C ILE A 662 -13.70 -23.61 5.28
N ASP A 663 -14.95 -24.04 5.14
CA ASP A 663 -15.75 -23.71 3.97
C ASP A 663 -16.75 -22.65 4.38
N GLY A 664 -16.39 -21.40 4.12
CA GLY A 664 -17.21 -20.29 4.53
C GLY A 664 -18.01 -19.70 3.40
N ASP A 665 -18.63 -18.56 3.68
CA ASP A 665 -19.27 -17.73 2.69
C ASP A 665 -18.20 -16.86 2.02
N LYS A 666 -17.95 -17.08 0.73
CA LYS A 666 -16.96 -16.30 -0.06
C LYS A 666 -15.48 -16.57 0.24
N VAL A 667 -15.23 -17.31 1.32
CA VAL A 667 -13.86 -17.64 1.70
C VAL A 667 -13.65 -19.17 1.88
N VAL A 668 -12.42 -19.60 1.65
CA VAL A 668 -11.97 -20.93 2.04
C VAL A 668 -10.81 -20.71 3.01
N GLY A 669 -10.68 -21.58 4.00
CA GLY A 669 -9.68 -21.37 5.02
C GLY A 669 -9.12 -22.62 5.64
N VAL A 670 -8.26 -22.42 6.63
CA VAL A 670 -7.55 -23.49 7.31
C VAL A 670 -7.57 -23.20 8.80
N GLN A 671 -7.75 -24.25 9.60
CA GLN A 671 -7.58 -24.14 11.04
C GLN A 671 -6.69 -25.27 11.53
N LEU A 672 -5.65 -24.91 12.28
CA LEU A 672 -4.78 -25.87 12.98
C LEU A 672 -4.16 -25.15 14.16
N ALA A 673 -3.83 -25.88 15.21
CA ALA A 673 -3.35 -25.27 16.46
C ALA A 673 -4.28 -24.12 16.89
N ASP A 674 -3.69 -22.99 17.27
CA ASP A 674 -4.47 -21.79 17.62
C ASP A 674 -4.54 -20.76 16.46
N ARG A 675 -4.45 -21.26 15.23
CA ARG A 675 -4.34 -20.39 14.05
C ARG A 675 -5.46 -20.62 13.05
N ILE A 676 -6.03 -19.52 12.56
CA ILE A 676 -7.03 -19.53 11.51
C ILE A 676 -6.57 -18.62 10.39
N VAL A 677 -6.60 -19.14 9.17
CA VAL A 677 -6.16 -18.41 8.00
C VAL A 677 -7.23 -18.58 6.91
N THR A 678 -7.66 -17.49 6.30
CA THR A 678 -8.62 -17.55 5.20
C THR A 678 -8.12 -16.83 3.95
N PHE A 679 -8.64 -17.29 2.81
CA PHE A 679 -8.34 -16.74 1.52
C PHE A 679 -9.68 -16.55 0.84
N SER A 680 -9.74 -15.67 -0.15
CA SER A 680 -10.89 -15.58 -1.03
C SER A 680 -11.08 -16.90 -1.75
N LYS A 681 -12.32 -17.36 -1.82
CA LYS A 681 -12.66 -18.61 -2.50
C LYS A 681 -12.24 -18.59 -3.97
N THR A 682 -12.13 -17.40 -4.54
CA THR A 682 -11.75 -17.21 -5.94
C THR A 682 -10.31 -16.70 -6.09
N SER A 683 -9.62 -16.54 -4.94
CA SER A 683 -8.33 -15.83 -4.86
C SER A 683 -8.41 -14.39 -5.40
N GLU A 684 -9.61 -13.83 -5.49
CA GLU A 684 -9.77 -12.44 -5.91
C GLU A 684 -10.29 -11.59 -4.76
N THR A 685 -10.05 -10.30 -4.84
CA THR A 685 -10.38 -9.37 -3.75
C THR A 685 -11.84 -9.48 -3.31
N VAL A 686 -12.05 -9.65 -2.01
CA VAL A 686 -13.39 -9.69 -1.42
C VAL A 686 -13.78 -8.30 -0.96
N ASP A 687 -14.91 -7.80 -1.46
CA ASP A 687 -15.31 -6.42 -1.23
C ASP A 687 -16.72 -6.33 -0.68
N ARG A 688 -17.27 -7.48 -0.28
CA ARG A 688 -18.64 -7.58 0.22
C ARG A 688 -18.63 -8.44 1.48
N PRO A 689 -19.74 -8.41 2.26
CA PRO A 689 -19.79 -9.23 3.46
C PRO A 689 -19.48 -10.70 3.19
N PHE A 690 -18.82 -11.33 4.16
CA PHE A 690 -18.53 -12.76 4.11
C PHE A 690 -18.51 -13.30 5.55
N GLY A 691 -18.27 -14.61 5.71
CA GLY A 691 -18.21 -15.21 7.04
C GLY A 691 -17.91 -16.71 7.03
N PHE A 692 -17.73 -17.25 8.23
CA PHE A 692 -17.44 -18.67 8.43
C PHE A 692 -17.67 -19.01 9.91
N SER A 693 -17.66 -20.31 10.21
CA SER A 693 -17.81 -20.78 11.58
C SER A 693 -16.48 -21.28 12.13
N VAL A 694 -16.27 -21.10 13.43
CA VAL A 694 -15.10 -21.62 14.11
C VAL A 694 -15.57 -22.50 15.25
N VAL A 695 -15.04 -23.73 15.30
CA VAL A 695 -15.30 -24.66 16.40
C VAL A 695 -13.98 -25.10 17.02
N GLY A 696 -13.88 -24.95 18.34
CA GLY A 696 -12.69 -25.38 19.09
C GLY A 696 -12.52 -24.56 20.35
N LYS A 697 -11.63 -25.02 21.23
CA LYS A 697 -11.43 -24.38 22.53
C LYS A 697 -10.31 -23.35 22.53
N GLY A 698 -10.49 -22.31 23.33
CA GLY A 698 -9.47 -21.29 23.52
C GLY A 698 -9.47 -20.16 22.50
N THR A 699 -8.47 -19.29 22.63
CA THR A 699 -8.30 -18.14 21.79
C THR A 699 -7.59 -18.54 20.50
N PHE A 700 -8.12 -18.06 19.39
CA PHE A 700 -7.54 -18.28 18.07
C PHE A 700 -6.99 -16.97 17.50
N LYS A 701 -5.94 -17.10 16.70
CA LYS A 701 -5.35 -15.97 16.00
C LYS A 701 -5.75 -16.02 14.51
N PHE A 702 -6.48 -14.99 14.06
CA PHE A 702 -7.07 -14.94 12.72
C PHE A 702 -6.26 -14.05 11.77
N VAL A 703 -5.91 -14.58 10.61
CA VAL A 703 -5.39 -13.80 9.48
C VAL A 703 -6.32 -13.99 8.27
N MET A 704 -7.12 -12.96 7.96
CA MET A 704 -8.02 -13.02 6.80
C MET A 704 -7.43 -12.24 5.66
N THR A 705 -7.23 -12.90 4.53
CA THR A 705 -6.54 -12.30 3.38
C THR A 705 -7.48 -12.05 2.20
N ASP A 706 -6.95 -11.37 1.18
CA ASP A 706 -7.68 -11.05 -0.07
C ASP A 706 -8.86 -10.11 0.17
N LEU A 707 -8.68 -9.18 1.12
CA LEU A 707 -9.76 -8.26 1.50
C LEU A 707 -9.54 -6.85 0.96
N LEU A 708 -10.63 -6.21 0.52
CA LEU A 708 -10.58 -4.81 0.07
C LEU A 708 -10.07 -3.96 1.21
N PRO A 709 -8.93 -3.28 0.97
CA PRO A 709 -8.38 -2.40 2.00
C PRO A 709 -9.42 -1.35 2.40
N GLY A 710 -9.45 -1.03 3.69
CA GLY A 710 -10.46 -0.15 4.24
C GLY A 710 -10.92 -0.63 5.59
N THR A 711 -12.05 -0.11 6.04
CA THR A 711 -12.54 -0.40 7.38
C THR A 711 -13.57 -1.53 7.37
N TRP A 712 -13.25 -2.58 8.12
CA TRP A 712 -14.11 -3.74 8.28
C TRP A 712 -14.73 -3.83 9.67
N GLN A 713 -15.92 -4.40 9.75
CA GLN A 713 -16.58 -4.67 11.02
C GLN A 713 -16.74 -6.19 11.20
N VAL A 714 -16.32 -6.67 12.36
CA VAL A 714 -16.33 -8.10 12.67
C VAL A 714 -17.44 -8.42 13.67
N LEU A 715 -18.35 -9.30 13.28
CA LEU A 715 -19.39 -9.77 14.20
C LEU A 715 -19.24 -11.25 14.49
N LYS A 716 -19.55 -11.63 15.73
CA LYS A 716 -19.57 -13.03 16.13
C LYS A 716 -20.88 -13.36 16.83
N ASP A 717 -21.49 -14.48 16.43
CA ASP A 717 -22.81 -14.91 16.93
C ASP A 717 -23.87 -13.79 16.84
N GLY A 718 -23.77 -12.98 15.78
CA GLY A 718 -24.71 -11.90 15.52
C GLY A 718 -24.51 -10.62 16.32
N LYS A 719 -23.45 -10.57 17.12
CA LYS A 719 -23.12 -9.40 17.92
C LYS A 719 -21.82 -8.82 17.42
N ILE A 720 -21.76 -7.49 17.31
CA ILE A 720 -20.51 -6.81 16.95
C ILE A 720 -19.41 -7.19 17.95
N LEU A 721 -18.30 -7.69 17.43
CA LEU A 721 -17.12 -8.02 18.23
C LEU A 721 -16.11 -6.87 18.11
N TYR A 722 -15.68 -6.58 16.89
CA TYR A 722 -14.83 -5.43 16.62
C TYR A 722 -15.58 -4.49 15.69
N PRO A 723 -16.03 -3.33 16.22
CA PRO A 723 -16.80 -2.35 15.47
C PRO A 723 -16.05 -1.84 14.23
N ALA A 724 -14.73 -1.74 14.33
CA ALA A 724 -13.92 -1.21 13.25
C ALA A 724 -12.47 -1.69 13.31
N LEU A 725 -12.06 -2.42 12.27
CA LEU A 725 -10.66 -2.83 12.11
C LEU A 725 -10.24 -2.48 10.69
N SER A 726 -8.96 -2.20 10.50
CA SER A 726 -8.47 -1.76 9.19
C SER A 726 -7.73 -2.86 8.47
N ALA A 727 -8.12 -3.13 7.23
CA ALA A 727 -7.31 -3.92 6.32
C ALA A 727 -6.48 -2.95 5.48
N LYS A 728 -5.16 -3.14 5.50
CA LYS A 728 -4.22 -2.22 4.86
C LYS A 728 -3.90 -2.69 3.46
N GLY A 729 -3.34 -1.82 2.63
CA GLY A 729 -3.12 -2.12 1.22
C GLY A 729 -2.02 -3.12 0.92
N ASP A 730 -0.94 -3.10 1.71
CA ASP A 730 0.22 -3.98 1.47
C ASP A 730 -0.10 -5.46 1.64
N ASP A 731 -0.87 -5.81 2.66
CA ASP A 731 -1.25 -7.21 2.88
C ASP A 731 -2.72 -7.53 2.59
N GLY A 732 -3.55 -6.51 2.40
CA GLY A 732 -5.00 -6.70 2.17
C GLY A 732 -5.61 -7.67 3.17
N ALA A 733 -5.23 -7.53 4.44
CA ALA A 733 -5.55 -8.51 5.46
C ALA A 733 -6.15 -7.93 6.74
N LEU A 734 -7.02 -8.70 7.37
CA LEU A 734 -7.48 -8.43 8.72
C LEU A 734 -6.79 -9.37 9.70
N TYR A 735 -6.36 -8.82 10.83
CA TYR A 735 -5.79 -9.64 11.89
C TYR A 735 -6.53 -9.34 13.19
N PHE A 736 -6.86 -10.40 13.92
CA PHE A 736 -7.46 -10.29 15.25
C PHE A 736 -7.42 -11.63 15.99
N GLU A 737 -7.71 -11.58 17.29
CA GLU A 737 -7.88 -12.77 18.13
C GLU A 737 -9.35 -12.92 18.52
N GLY A 738 -9.79 -14.16 18.67
CA GLY A 738 -11.16 -14.45 19.04
C GLY A 738 -11.35 -15.90 19.40
N THR A 739 -12.52 -16.21 19.92
CA THR A 739 -12.84 -17.57 20.31
C THR A 739 -13.82 -18.16 19.29
N GLU A 740 -14.25 -19.40 19.53
CA GLU A 740 -15.16 -20.09 18.63
C GLU A 740 -16.52 -19.39 18.52
N GLY A 741 -17.15 -19.55 17.37
CA GLY A 741 -18.44 -18.93 17.11
C GLY A 741 -18.67 -18.78 15.63
N THR A 742 -19.76 -18.11 15.28
CA THR A 742 -20.12 -17.88 13.89
C THR A 742 -19.79 -16.44 13.54
N TYR A 743 -18.83 -16.27 12.63
CA TYR A 743 -18.27 -14.97 12.26
C TYR A 743 -18.88 -14.39 10.98
N ARG A 744 -19.16 -13.09 11.02
CA ARG A 744 -19.55 -12.32 9.83
C ARG A 744 -18.67 -11.06 9.74
N PHE A 745 -18.39 -10.65 8.51
CA PHE A 745 -17.48 -9.53 8.24
C PHE A 745 -18.15 -8.57 7.28
N LEU A 746 -18.12 -7.29 7.63
CA LEU A 746 -18.79 -6.25 6.87
C LEU A 746 -17.81 -5.18 6.41
N ARG A 747 -18.04 -4.66 5.21
CA ARG A 747 -17.15 -3.69 4.55
C ARG A 747 -17.99 -2.60 3.87
N THR B 2 -34.80 -8.62 2.59
CA THR B 2 -34.92 -10.00 2.12
C THR B 2 -34.18 -10.13 0.78
N LYS B 3 -33.69 -11.33 0.52
CA LYS B 3 -33.05 -11.69 -0.74
C LYS B 3 -33.90 -11.32 -1.95
N ALA B 4 -33.26 -10.78 -2.98
CA ALA B 4 -33.94 -10.45 -4.24
C ALA B 4 -34.65 -11.68 -4.82
N ASP B 5 -35.86 -11.48 -5.35
CA ASP B 5 -36.60 -12.57 -6.02
C ASP B 5 -37.36 -12.13 -7.28
N VAL B 6 -37.00 -10.97 -7.83
CA VAL B 6 -37.62 -10.45 -9.05
C VAL B 6 -36.74 -10.75 -10.27
N VAL B 7 -37.27 -10.54 -11.46
CA VAL B 7 -36.47 -10.72 -12.67
C VAL B 7 -35.67 -9.45 -12.96
N TRP B 8 -34.44 -9.62 -13.43
CA TRP B 8 -33.61 -8.51 -13.90
C TRP B 8 -33.33 -8.66 -15.40
N LYS B 9 -33.36 -7.55 -16.12
CA LYS B 9 -32.89 -7.51 -17.51
C LYS B 9 -32.14 -6.19 -17.73
N ASP B 10 -31.08 -6.24 -18.55
CA ASP B 10 -30.34 -5.05 -18.97
C ASP B 10 -31.21 -4.05 -19.71
N VAL B 11 -31.04 -2.76 -19.38
CA VAL B 11 -31.58 -1.67 -20.18
C VAL B 11 -30.41 -0.76 -20.56
N ASP B 12 -30.12 -0.68 -21.85
CA ASP B 12 -28.95 0.03 -22.37
C ASP B 12 -27.69 -0.30 -21.56
N GLY B 13 -27.39 -1.60 -21.45
CA GLY B 13 -26.21 -2.06 -20.71
C GLY B 13 -26.30 -2.07 -19.18
N VAL B 14 -27.39 -1.53 -18.64
CA VAL B 14 -27.55 -1.43 -17.18
C VAL B 14 -28.67 -2.35 -16.66
N SER B 15 -28.30 -3.29 -15.80
CA SER B 15 -29.23 -4.24 -15.23
C SER B 15 -30.22 -3.55 -14.29
N MET B 16 -31.50 -3.85 -14.48
CA MET B 16 -32.55 -3.24 -13.67
C MET B 16 -33.63 -4.27 -13.32
N PRO B 17 -34.18 -4.17 -12.09
CA PRO B 17 -35.21 -5.11 -11.64
C PRO B 17 -36.57 -4.78 -12.22
N ILE B 18 -37.34 -5.83 -12.49
CA ILE B 18 -38.70 -5.69 -12.96
C ILE B 18 -39.62 -5.84 -11.75
N PRO B 19 -40.48 -4.84 -11.50
CA PRO B 19 -41.47 -4.95 -10.41
C PRO B 19 -42.27 -6.24 -10.54
N PRO B 20 -42.51 -6.96 -9.41
CA PRO B 20 -43.23 -8.22 -9.47
C PRO B 20 -44.70 -8.02 -9.84
N LYS B 21 -45.32 -9.04 -10.41
CA LYS B 21 -46.69 -8.97 -10.89
C LYS B 21 -47.69 -9.25 -9.77
N THR B 22 -47.66 -8.40 -8.75
CA THR B 22 -48.43 -8.61 -7.53
C THR B 22 -48.57 -7.30 -6.76
N HIS B 23 -49.67 -7.16 -6.04
CA HIS B 23 -49.90 -6.04 -5.14
C HIS B 23 -50.30 -6.62 -3.79
N PRO B 24 -49.77 -6.05 -2.67
CA PRO B 24 -48.88 -4.90 -2.60
C PRO B 24 -47.43 -5.19 -3.01
N ARG B 25 -46.76 -4.16 -3.55
CA ARG B 25 -45.32 -4.21 -3.84
C ARG B 25 -44.60 -2.90 -3.49
N LEU B 26 -45.37 -1.92 -3.04
CA LEU B 26 -44.83 -0.64 -2.63
C LEU B 26 -44.62 -0.59 -1.12
N TYR B 27 -43.36 -0.55 -0.70
CA TYR B 27 -42.95 -0.47 0.72
C TYR B 27 -43.11 -1.79 1.49
N LEU B 28 -43.88 -2.72 0.92
CA LEU B 28 -43.96 -4.09 1.41
C LEU B 28 -44.59 -4.98 0.36
N ARG B 29 -44.46 -6.28 0.57
CA ARG B 29 -45.16 -7.26 -0.23
C ARG B 29 -45.98 -8.19 0.67
N GLU B 30 -46.66 -9.16 0.06
CA GLU B 30 -47.52 -10.07 0.82
C GLU B 30 -46.77 -10.78 1.95
N GLN B 31 -45.48 -11.04 1.73
CA GLN B 31 -44.65 -11.72 2.73
C GLN B 31 -44.57 -10.96 4.06
N GLN B 32 -44.76 -9.64 4.00
CA GLN B 32 -44.72 -8.78 5.20
C GLN B 32 -46.11 -8.37 5.73
N VAL B 33 -47.16 -8.67 4.97
CA VAL B 33 -48.51 -8.23 5.37
C VAL B 33 -49.02 -8.81 6.71
N PRO B 34 -48.88 -10.15 6.94
CA PRO B 34 -49.31 -10.68 8.24
C PRO B 34 -48.60 -10.05 9.43
N ASP B 35 -47.35 -9.61 9.24
CA ASP B 35 -46.58 -9.02 10.33
C ASP B 35 -47.06 -7.61 10.72
N LEU B 36 -47.99 -7.06 9.96
CA LEU B 36 -48.56 -5.74 10.27
C LEU B 36 -49.33 -5.72 11.59
N LYS B 37 -50.06 -6.81 11.86
CA LYS B 37 -50.82 -6.97 13.12
C LYS B 37 -49.90 -6.98 14.32
N ASN B 38 -48.80 -7.72 14.19
CA ASN B 38 -47.77 -7.79 15.23
C ASN B 38 -47.17 -6.42 15.51
N ARG B 39 -46.96 -5.65 14.45
CA ARG B 39 -46.45 -4.28 14.55
C ARG B 39 -47.46 -3.36 15.22
N MET B 40 -48.73 -3.52 14.86
CA MET B 40 -49.81 -2.79 15.53
C MET B 40 -49.87 -3.14 17.03
N ASN B 41 -49.50 -4.37 17.37
CA ASN B 41 -49.46 -4.82 18.77
C ASN B 41 -48.14 -4.49 19.50
N ASP B 42 -47.18 -3.94 18.75
CA ASP B 42 -45.90 -3.52 19.32
C ASP B 42 -46.05 -2.18 20.02
N PRO B 43 -45.79 -2.13 21.34
CA PRO B 43 -45.94 -0.90 22.14
C PRO B 43 -45.27 0.33 21.50
N LYS B 44 -44.02 0.17 21.05
CA LYS B 44 -43.28 1.23 20.36
C LYS B 44 -43.96 1.72 19.08
N LEU B 45 -44.56 0.81 18.33
CA LEU B 45 -45.15 1.16 17.02
C LEU B 45 -46.62 1.57 17.10
N LYS B 46 -47.31 1.19 18.17
CA LYS B 46 -48.69 1.62 18.37
C LYS B 46 -48.73 3.13 18.59
N LYS B 47 -47.71 3.65 19.29
CA LYS B 47 -47.57 5.09 19.52
C LYS B 47 -47.42 5.89 18.23
N VAL B 48 -46.57 5.44 17.32
CA VAL B 48 -46.43 6.12 16.03
C VAL B 48 -47.75 6.06 15.24
N TRP B 49 -48.41 4.90 15.29
CA TRP B 49 -49.75 4.78 14.71
C TRP B 49 -50.75 5.76 15.35
N ALA B 50 -50.66 5.90 16.68
CA ALA B 50 -51.48 6.85 17.41
C ALA B 50 -51.14 8.31 17.02
N ASP B 51 -49.84 8.58 16.85
CA ASP B 51 -49.37 9.85 16.28
C ASP B 51 -50.08 10.14 14.95
N MET B 52 -50.19 9.10 14.12
CA MET B 52 -50.82 9.19 12.81
C MET B 52 -52.33 9.40 12.89
N ILE B 53 -52.97 8.74 13.85
CA ILE B 53 -54.40 8.96 14.12
C ILE B 53 -54.64 10.46 14.41
N LYS B 54 -53.75 11.07 15.19
CA LYS B 54 -53.83 12.48 15.54
C LYS B 54 -53.65 13.37 14.30
N MET B 55 -52.73 12.96 13.42
CA MET B 55 -52.46 13.66 12.17
C MET B 55 -53.65 13.72 11.20
N GLN B 56 -54.65 12.86 11.42
CA GLN B 56 -55.87 12.82 10.61
C GLN B 56 -56.68 14.11 10.65
N GLU B 57 -56.60 14.86 11.76
CA GLU B 57 -57.32 16.12 11.89
C GLU B 57 -56.81 17.13 10.88
N ASP B 58 -57.74 17.81 10.22
CA ASP B 58 -57.43 18.89 9.29
C ASP B 58 -56.71 20.04 10.01
N TRP B 59 -55.95 20.82 9.25
CA TRP B 59 -55.42 22.10 9.71
C TRP B 59 -56.55 23.01 10.18
N LYS B 60 -56.30 23.80 11.22
CA LYS B 60 -57.20 24.88 11.58
C LYS B 60 -57.00 26.00 10.56
N PRO B 61 -58.08 26.41 9.86
CA PRO B 61 -58.03 27.44 8.80
C PRO B 61 -57.27 28.70 9.20
N ALA B 62 -57.37 29.10 10.46
CA ALA B 62 -56.66 30.25 10.99
C ALA B 62 -55.16 29.97 11.16
N ASP B 63 -54.82 28.71 11.38
CA ASP B 63 -53.44 28.30 11.60
C ASP B 63 -52.70 27.95 10.31
N ILE B 64 -53.42 27.85 9.19
CA ILE B 64 -52.81 27.63 7.89
C ILE B 64 -51.99 28.87 7.50
N PRO B 65 -50.68 28.66 7.20
CA PRO B 65 -49.79 29.77 6.88
C PRO B 65 -50.09 30.35 5.50
N GLU B 66 -49.73 31.62 5.31
CA GLU B 66 -49.89 32.27 4.01
C GLU B 66 -49.05 31.56 2.94
N VAL B 67 -47.82 31.20 3.30
CA VAL B 67 -46.93 30.46 2.42
C VAL B 67 -46.95 28.96 2.73
N LYS B 68 -47.39 28.16 1.76
CA LYS B 68 -47.39 26.71 1.91
C LYS B 68 -45.99 26.17 1.55
N ASP B 69 -45.13 26.25 2.56
CA ASP B 69 -43.74 25.82 2.54
C ASP B 69 -43.63 24.31 2.31
N PHE B 70 -42.42 23.80 2.13
CA PHE B 70 -42.21 22.34 2.17
C PHE B 70 -42.48 21.83 3.59
N ARG B 71 -42.20 22.69 4.57
CA ARG B 71 -42.45 22.38 5.98
C ARG B 71 -43.94 22.23 6.28
N PHE B 72 -44.77 23.04 5.63
CA PHE B 72 -46.22 22.89 5.71
C PHE B 72 -46.63 21.47 5.29
N TYR B 73 -46.20 21.06 4.09
CA TYR B 73 -46.55 19.75 3.55
C TYR B 73 -45.95 18.57 4.30
N PHE B 74 -44.71 18.71 4.76
CA PHE B 74 -44.06 17.65 5.53
C PHE B 74 -44.71 17.47 6.90
N ASN B 75 -45.26 18.57 7.44
CA ASN B 75 -46.15 18.53 8.60
C ASN B 75 -47.54 18.07 8.13
N GLN B 76 -47.59 16.84 7.64
CA GLN B 76 -48.74 16.30 6.92
C GLN B 76 -49.97 16.16 7.81
N LYS B 77 -51.09 16.73 7.36
CA LYS B 77 -52.37 16.66 8.09
C LYS B 77 -53.55 16.44 7.16
N GLY B 78 -54.66 15.93 7.71
CA GLY B 78 -55.92 15.89 7.00
C GLY B 78 -56.12 14.68 6.10
N LEU B 79 -56.82 14.89 5.00
CA LEU B 79 -57.29 13.83 4.10
C LEU B 79 -56.23 12.82 3.66
N THR B 80 -55.06 13.32 3.26
CA THR B 80 -53.99 12.44 2.79
C THR B 80 -53.50 11.46 3.86
N VAL B 81 -53.45 11.91 5.12
CA VAL B 81 -53.13 11.00 6.22
C VAL B 81 -54.25 9.95 6.33
N ARG B 82 -55.49 10.41 6.41
CA ARG B 82 -56.66 9.55 6.55
C ARG B 82 -56.68 8.42 5.52
N VAL B 83 -56.48 8.74 4.24
CA VAL B 83 -56.52 7.72 3.19
C VAL B 83 -55.35 6.73 3.26
N GLU B 84 -54.20 7.16 3.76
CA GLU B 84 -53.06 6.26 3.95
C GLU B 84 -53.36 5.24 5.05
N LEU B 85 -54.06 5.67 6.10
CA LEU B 85 -54.48 4.78 7.17
C LEU B 85 -55.60 3.84 6.72
N MET B 86 -56.50 4.34 5.87
CA MET B 86 -57.51 3.50 5.26
C MET B 86 -56.86 2.36 4.46
N ALA B 87 -55.86 2.69 3.66
CA ALA B 87 -55.13 1.72 2.85
C ALA B 87 -54.37 0.69 3.70
N LEU B 88 -53.70 1.17 4.75
CA LEU B 88 -53.04 0.31 5.74
C LEU B 88 -54.06 -0.68 6.31
N ASN B 89 -55.22 -0.15 6.69
CA ASN B 89 -56.29 -0.99 7.22
C ASN B 89 -56.85 -1.97 6.20
N TYR B 90 -56.87 -1.57 4.93
CA TYR B 90 -57.29 -2.49 3.88
C TYR B 90 -56.35 -3.68 3.76
N LEU B 91 -55.05 -3.42 3.80
CA LEU B 91 -54.03 -4.48 3.83
C LEU B 91 -54.24 -5.43 4.99
N MET B 92 -54.60 -4.87 6.14
CA MET B 92 -54.71 -5.63 7.38
C MET B 92 -56.03 -6.40 7.55
N THR B 93 -57.11 -5.89 6.96
CA THR B 93 -58.45 -6.47 7.15
C THR B 93 -59.01 -7.11 5.89
N LYS B 94 -58.51 -6.67 4.72
CA LYS B 94 -59.00 -7.12 3.40
C LYS B 94 -60.48 -6.77 3.16
N ASP B 95 -61.02 -5.86 3.97
CA ASP B 95 -62.41 -5.42 3.89
C ASP B 95 -62.65 -4.54 2.66
N PRO B 96 -63.44 -5.02 1.68
CA PRO B 96 -63.69 -4.29 0.43
C PRO B 96 -64.19 -2.85 0.63
N LYS B 97 -65.06 -2.65 1.62
CA LYS B 97 -65.54 -1.31 1.98
C LYS B 97 -64.40 -0.33 2.31
N VAL B 98 -63.37 -0.84 3.00
CA VAL B 98 -62.26 0.01 3.42
C VAL B 98 -61.40 0.44 2.21
N GLY B 99 -61.02 -0.52 1.38
CA GLY B 99 -60.23 -0.25 0.18
C GLY B 99 -60.92 0.70 -0.78
N ARG B 100 -62.22 0.49 -0.97
CA ARG B 100 -63.04 1.36 -1.83
C ARG B 100 -63.09 2.80 -1.31
N GLU B 101 -63.22 2.95 0.01
CA GLU B 101 -63.24 4.28 0.64
C GLU B 101 -61.92 5.03 0.46
N ALA B 102 -60.80 4.33 0.60
CA ALA B 102 -59.48 4.94 0.37
C ALA B 102 -59.38 5.48 -1.07
N ILE B 103 -59.85 4.69 -2.03
CA ILE B 103 -59.83 5.03 -3.45
C ILE B 103 -60.74 6.22 -3.77
N THR B 104 -61.97 6.17 -3.26
CA THR B 104 -62.97 7.20 -3.53
C THR B 104 -62.65 8.53 -2.83
N SER B 105 -62.03 8.44 -1.65
CA SER B 105 -61.72 9.63 -0.87
C SER B 105 -60.56 10.44 -1.44
N ILE B 106 -59.66 9.76 -2.15
CA ILE B 106 -58.45 10.42 -2.65
C ILE B 106 -58.50 10.82 -4.13
N ILE B 107 -59.31 10.10 -4.92
CA ILE B 107 -59.22 10.19 -6.38
C ILE B 107 -59.55 11.57 -6.97
N ASP B 108 -60.58 12.22 -6.44
CA ASP B 108 -60.99 13.53 -6.96
C ASP B 108 -59.91 14.58 -6.76
N THR B 109 -59.43 14.70 -5.53
CA THR B 109 -58.43 15.71 -5.20
C THR B 109 -57.07 15.44 -5.86
N LEU B 110 -56.71 14.15 -5.99
CA LEU B 110 -55.45 13.77 -6.62
C LEU B 110 -55.35 14.34 -8.03
N GLU B 111 -56.44 14.26 -8.78
CA GLU B 111 -56.46 14.76 -10.16
C GLU B 111 -56.62 16.28 -10.28
N THR B 112 -57.17 16.93 -9.25
CA THR B 112 -57.44 18.37 -9.33
C THR B 112 -56.55 19.26 -8.46
N ALA B 113 -55.78 18.67 -7.56
CA ALA B 113 -54.95 19.45 -6.64
C ALA B 113 -54.04 20.43 -7.36
N THR B 114 -53.94 21.62 -6.79
CA THR B 114 -53.07 22.65 -7.32
C THR B 114 -52.02 23.03 -6.28
N PHE B 115 -50.84 23.41 -6.74
CA PHE B 115 -49.73 23.77 -5.87
C PHE B 115 -49.11 25.08 -6.32
N LYS B 116 -49.23 26.11 -5.51
CA LYS B 116 -48.66 27.43 -5.80
C LYS B 116 -47.15 27.34 -5.94
N PRO B 117 -46.62 27.73 -7.13
CA PRO B 117 -45.19 27.60 -7.43
C PRO B 117 -44.34 28.40 -6.46
N ALA B 118 -43.26 27.80 -5.98
CA ALA B 118 -42.49 28.38 -4.90
C ALA B 118 -40.99 28.13 -5.03
N GLY B 119 -40.60 26.88 -5.31
CA GLY B 119 -39.18 26.55 -5.46
C GLY B 119 -38.66 25.54 -4.46
N ASP B 120 -39.56 25.04 -3.62
CA ASP B 120 -39.33 23.88 -2.75
C ASP B 120 -40.57 23.02 -2.79
N ILE B 121 -41.50 23.44 -3.65
CA ILE B 121 -42.84 22.90 -3.78
C ILE B 121 -42.85 21.45 -4.28
N SER B 122 -41.76 21.02 -4.93
CA SER B 122 -41.62 19.63 -5.40
C SER B 122 -41.81 18.63 -4.27
N ARG B 123 -41.40 19.00 -3.06
CA ARG B 123 -41.52 18.13 -1.91
C ARG B 123 -42.99 17.85 -1.53
N GLY B 124 -43.79 18.90 -1.53
CA GLY B 124 -45.23 18.78 -1.24
C GLY B 124 -45.98 18.05 -2.34
N ILE B 125 -45.63 18.37 -3.59
CA ILE B 125 -46.16 17.66 -4.76
C ILE B 125 -45.81 16.18 -4.68
N GLY B 126 -44.55 15.89 -4.38
CA GLY B 126 -44.06 14.53 -4.34
C GLY B 126 -44.72 13.70 -3.26
N LEU B 127 -44.94 14.30 -2.09
CA LEU B 127 -45.59 13.62 -0.98
C LEU B 127 -47.06 13.33 -1.31
N PHE B 128 -47.73 14.29 -1.93
CA PHE B 128 -49.08 14.09 -2.45
C PHE B 128 -49.13 12.90 -3.41
N MET B 129 -48.10 12.77 -4.26
CA MET B 129 -47.98 11.64 -5.19
C MET B 129 -47.82 10.33 -4.44
N VAL B 130 -47.00 10.35 -3.38
CA VAL B 130 -46.77 9.17 -2.54
C VAL B 130 -48.09 8.71 -1.89
N THR B 131 -48.87 9.66 -1.37
CA THR B 131 -50.20 9.37 -0.83
C THR B 131 -51.05 8.60 -1.85
N GLY B 132 -51.09 9.12 -3.08
CA GLY B 132 -51.82 8.44 -4.15
C GLY B 132 -51.27 7.06 -4.50
N ALA B 133 -49.95 6.92 -4.48
CA ALA B 133 -49.29 5.65 -4.80
C ALA B 133 -49.62 4.56 -3.76
N ILE B 134 -49.69 4.98 -2.50
CA ILE B 134 -50.06 4.07 -1.40
C ILE B 134 -51.45 3.47 -1.64
N VAL B 135 -52.44 4.34 -1.89
CA VAL B 135 -53.81 3.92 -2.15
C VAL B 135 -53.86 2.97 -3.37
N TYR B 136 -53.26 3.41 -4.47
CA TYR B 136 -53.21 2.64 -5.71
C TYR B 136 -52.65 1.22 -5.52
N ASP B 137 -51.48 1.11 -4.92
CA ASP B 137 -50.83 -0.19 -4.73
C ASP B 137 -51.52 -1.06 -3.68
N TRP B 138 -51.84 -0.46 -2.55
CA TRP B 138 -52.34 -1.23 -1.40
C TRP B 138 -53.79 -1.65 -1.56
N CYS B 139 -54.55 -0.85 -2.31
CA CYS B 139 -55.96 -1.14 -2.58
C CYS B 139 -56.17 -1.53 -4.05
N TYR B 140 -55.11 -2.04 -4.68
CA TYR B 140 -55.13 -2.32 -6.13
C TYR B 140 -56.31 -3.18 -6.59
N ASP B 141 -56.60 -4.25 -5.86
CA ASP B 141 -57.66 -5.18 -6.26
C ASP B 141 -59.07 -4.60 -6.14
N GLN B 142 -59.17 -3.40 -5.56
CA GLN B 142 -60.45 -2.70 -5.43
C GLN B 142 -60.61 -1.60 -6.47
N LEU B 143 -59.57 -1.35 -7.26
CA LEU B 143 -59.65 -0.34 -8.32
C LEU B 143 -60.50 -0.81 -9.49
N LYS B 144 -61.38 0.08 -9.97
CA LYS B 144 -62.13 -0.15 -11.19
C LYS B 144 -61.28 0.33 -12.37
N PRO B 145 -61.50 -0.23 -13.58
CA PRO B 145 -60.72 0.14 -14.77
C PRO B 145 -60.66 1.64 -15.02
N GLU B 146 -61.81 2.30 -14.99
CA GLU B 146 -61.90 3.75 -15.21
C GLU B 146 -61.04 4.54 -14.21
N GLU B 147 -61.05 4.10 -12.95
CA GLU B 147 -60.28 4.74 -11.88
C GLU B 147 -58.77 4.59 -12.07
N LYS B 148 -58.34 3.43 -12.57
CA LYS B 148 -56.93 3.23 -12.90
C LYS B 148 -56.43 4.28 -13.88
N THR B 149 -57.21 4.55 -14.93
CA THR B 149 -56.86 5.54 -15.95
C THR B 149 -56.77 6.95 -15.35
N ARG B 150 -57.74 7.31 -14.52
CA ARG B 150 -57.73 8.59 -13.81
C ARG B 150 -56.49 8.76 -12.94
N PHE B 151 -56.13 7.72 -12.19
CA PHE B 151 -54.94 7.75 -11.34
C PHE B 151 -53.67 8.00 -12.17
N VAL B 152 -53.53 7.24 -13.26
CA VAL B 152 -52.35 7.36 -14.12
C VAL B 152 -52.19 8.80 -14.63
N LYS B 153 -53.28 9.35 -15.18
CA LYS B 153 -53.26 10.71 -15.72
C LYS B 153 -52.98 11.74 -14.64
N ALA B 154 -53.54 11.51 -13.45
CA ALA B 154 -53.31 12.38 -12.30
C ALA B 154 -51.84 12.38 -11.89
N PHE B 155 -51.26 11.18 -11.75
CA PHE B 155 -49.84 11.03 -11.41
C PHE B 155 -48.91 11.67 -12.42
N VAL B 156 -49.22 11.50 -13.71
CA VAL B 156 -48.45 12.15 -14.78
C VAL B 156 -48.55 13.67 -14.67
N ARG B 157 -49.75 14.16 -14.38
CA ARG B 157 -49.96 15.60 -14.16
C ARG B 157 -49.08 16.12 -13.02
N LEU B 158 -49.05 15.38 -11.91
CA LEU B 158 -48.27 15.79 -10.76
C LEU B 158 -46.77 15.67 -11.02
N ALA B 159 -46.38 14.61 -11.73
CA ALA B 159 -44.98 14.34 -12.04
C ALA B 159 -44.35 15.46 -12.87
N LYS B 160 -45.13 16.04 -13.78
CA LYS B 160 -44.68 17.14 -14.62
C LYS B 160 -44.40 18.42 -13.85
N MET B 161 -44.92 18.52 -12.62
CA MET B 161 -44.72 19.71 -11.77
C MET B 161 -43.41 19.64 -11.00
N LEU B 162 -42.78 18.47 -10.95
CA LEU B 162 -41.55 18.30 -10.18
C LEU B 162 -40.38 18.98 -10.87
N GLU B 163 -39.42 19.47 -10.08
CA GLU B 163 -38.25 20.18 -10.61
C GLU B 163 -37.44 19.37 -11.63
N CYS B 164 -37.35 18.06 -11.42
CA CYS B 164 -36.62 17.20 -12.35
C CYS B 164 -37.35 17.06 -13.69
N GLY B 165 -38.61 17.48 -13.72
CA GLY B 165 -39.46 17.35 -14.90
C GLY B 165 -40.00 15.94 -15.07
N TYR B 166 -40.97 15.80 -15.98
CA TYR B 166 -41.39 14.49 -16.43
C TYR B 166 -41.46 14.50 -17.94
N PRO B 167 -40.58 13.73 -18.63
CA PRO B 167 -39.56 12.81 -18.09
C PRO B 167 -38.52 13.48 -17.18
N PRO B 168 -37.95 12.71 -16.23
CA PRO B 168 -37.03 13.29 -15.23
C PRO B 168 -35.63 13.58 -15.80
N VAL B 169 -35.53 14.60 -16.66
CA VAL B 169 -34.27 14.87 -17.37
C VAL B 169 -33.48 16.05 -16.81
N LYS B 170 -34.12 16.86 -15.97
CA LYS B 170 -33.49 18.06 -15.43
C LYS B 170 -32.66 17.73 -14.19
N ASP B 171 -31.86 18.71 -13.74
CA ASP B 171 -31.09 18.63 -12.50
C ASP B 171 -30.00 17.56 -12.51
N LYS B 172 -29.47 17.24 -11.32
CA LYS B 172 -28.24 16.45 -11.18
C LYS B 172 -28.45 15.17 -10.38
N SER B 173 -27.63 14.17 -10.65
CA SER B 173 -27.82 12.84 -10.07
C SER B 173 -26.93 12.53 -8.87
N ILE B 174 -25.99 13.42 -8.53
CA ILE B 174 -25.17 13.22 -7.34
C ILE B 174 -25.52 14.21 -6.24
N VAL B 175 -25.88 15.43 -6.65
CA VAL B 175 -26.22 16.48 -5.69
C VAL B 175 -27.49 17.20 -6.18
N GLY B 176 -27.83 18.33 -5.54
CA GLY B 176 -29.00 19.12 -5.93
C GLY B 176 -30.32 18.46 -5.51
N HIS B 177 -31.41 19.08 -5.93
CA HIS B 177 -32.75 18.64 -5.53
C HIS B 177 -33.15 17.28 -6.10
N ALA B 178 -32.62 16.93 -7.26
CA ALA B 178 -32.91 15.62 -7.87
C ALA B 178 -32.20 14.49 -7.14
N SER B 179 -31.37 14.86 -6.15
CA SER B 179 -30.77 13.88 -5.25
C SER B 179 -31.48 13.87 -3.91
N GLU B 180 -32.73 14.34 -3.93
CA GLU B 180 -33.54 14.38 -2.71
C GLU B 180 -34.78 13.48 -2.86
N TRP B 181 -35.96 13.98 -2.51
CA TRP B 181 -37.16 13.15 -2.48
C TRP B 181 -37.70 12.80 -3.87
N MET B 182 -37.63 13.74 -4.81
CA MET B 182 -38.43 13.65 -6.04
C MET B 182 -38.29 12.37 -6.87
N ILE B 183 -37.09 11.81 -6.95
CA ILE B 183 -36.89 10.59 -7.71
C ILE B 183 -36.78 9.36 -6.81
N MET B 184 -35.86 9.40 -5.84
CA MET B 184 -35.52 8.25 -5.05
C MET B 184 -36.65 7.77 -4.13
N ARG B 185 -37.50 8.70 -3.68
CA ARG B 185 -38.76 8.32 -3.03
C ARG B 185 -39.97 8.45 -3.93
N ASP B 186 -40.22 9.66 -4.43
CA ASP B 186 -41.55 10.05 -4.90
C ASP B 186 -41.92 9.44 -6.24
N LEU B 187 -41.15 9.78 -7.28
CA LEU B 187 -41.42 9.26 -8.64
C LEU B 187 -41.27 7.74 -8.72
N LEU B 188 -40.28 7.19 -8.01
CA LEU B 188 -40.05 5.74 -7.93
C LEU B 188 -41.24 5.01 -7.30
N SER B 189 -41.75 5.56 -6.20
CA SER B 189 -42.93 4.99 -5.54
C SER B 189 -44.10 4.88 -6.53
N VAL B 190 -44.39 5.97 -7.24
CA VAL B 190 -45.52 5.98 -8.18
C VAL B 190 -45.28 5.00 -9.33
N GLY B 191 -44.06 5.02 -9.88
CA GLY B 191 -43.68 4.08 -10.93
C GLY B 191 -44.00 2.63 -10.55
N ILE B 192 -43.58 2.25 -9.36
CA ILE B 192 -43.81 0.89 -8.84
C ILE B 192 -45.30 0.61 -8.70
N ALA B 193 -46.03 1.56 -8.12
CA ALA B 193 -47.47 1.41 -7.92
C ALA B 193 -48.24 1.15 -9.22
N ILE B 194 -47.96 1.95 -10.25
CA ILE B 194 -48.74 1.95 -11.50
C ILE B 194 -48.11 1.16 -12.67
N TYR B 195 -47.07 0.40 -12.35
CA TYR B 195 -46.29 -0.34 -13.35
C TYR B 195 -47.10 -1.22 -14.31
N ASP B 196 -48.09 -1.93 -13.79
CA ASP B 196 -48.91 -2.83 -14.61
C ASP B 196 -49.64 -2.07 -15.72
N GLU B 197 -50.00 -0.81 -15.44
CA GLU B 197 -50.81 0.01 -16.35
C GLU B 197 -49.99 1.01 -17.15
N PHE B 198 -48.88 1.46 -16.58
CA PHE B 198 -48.10 2.56 -17.14
C PHE B 198 -46.61 2.42 -16.75
N PRO B 199 -45.93 1.38 -17.30
CA PRO B 199 -44.55 1.06 -16.92
C PRO B 199 -43.54 2.19 -17.20
N GLU B 200 -43.91 3.13 -18.07
CA GLU B 200 -43.06 4.27 -18.43
C GLU B 200 -42.50 5.06 -17.24
N MET B 201 -43.37 5.36 -16.26
CA MET B 201 -42.94 6.13 -15.10
C MET B 201 -41.81 5.44 -14.35
N TYR B 202 -42.00 4.14 -14.03
CA TYR B 202 -40.94 3.34 -13.40
C TYR B 202 -39.70 3.27 -14.29
N ASN B 203 -39.89 2.95 -15.57
CA ASN B 203 -38.76 2.82 -16.50
C ASN B 203 -37.89 4.07 -16.53
N LEU B 204 -38.51 5.24 -16.42
CA LEU B 204 -37.77 6.51 -16.43
C LEU B 204 -37.11 6.81 -15.08
N ALA B 205 -37.90 6.72 -14.00
CA ALA B 205 -37.43 7.01 -12.65
C ALA B 205 -36.33 6.03 -12.21
N ALA B 206 -36.65 4.74 -12.23
CA ALA B 206 -35.68 3.69 -11.91
C ALA B 206 -34.54 3.60 -12.92
N GLY B 207 -34.84 3.91 -14.19
CA GLY B 207 -33.81 3.95 -15.23
C GLY B 207 -32.73 4.95 -14.90
N ARG B 208 -33.13 6.20 -14.65
CA ARG B 208 -32.18 7.22 -14.22
C ARG B 208 -31.47 6.85 -12.91
N PHE B 209 -32.22 6.27 -11.96
CA PHE B 209 -31.62 5.90 -10.68
C PHE B 209 -30.50 4.87 -10.86
N PHE B 210 -30.80 3.79 -11.60
CA PHE B 210 -29.83 2.72 -11.78
C PHE B 210 -28.65 3.14 -12.65
N LYS B 211 -28.91 3.96 -13.67
CA LYS B 211 -27.86 4.45 -14.56
C LYS B 211 -26.92 5.48 -13.92
N GLU B 212 -27.48 6.34 -13.08
CA GLU B 212 -26.76 7.55 -12.63
C GLU B 212 -26.61 7.63 -11.11
N HIS B 213 -27.73 7.79 -10.39
CA HIS B 213 -27.66 7.92 -8.91
C HIS B 213 -26.90 6.78 -8.23
N LEU B 214 -27.29 5.55 -8.56
CA LEU B 214 -26.75 4.37 -7.89
C LEU B 214 -25.26 4.22 -8.16
N VAL B 215 -24.86 4.45 -9.41
CA VAL B 215 -23.47 4.35 -9.84
C VAL B 215 -22.59 5.34 -9.06
N ALA B 216 -23.06 6.60 -8.96
CA ALA B 216 -22.30 7.65 -8.27
C ALA B 216 -22.12 7.34 -6.79
N ARG B 217 -23.18 6.85 -6.17
CA ARG B 217 -23.18 6.55 -4.75
C ARG B 217 -22.33 5.34 -4.44
N ASN B 218 -22.49 4.26 -5.22
CA ASN B 218 -21.66 3.06 -5.06
C ASN B 218 -20.17 3.34 -5.17
N TRP B 219 -19.83 4.33 -5.99
CA TRP B 219 -18.46 4.77 -6.20
C TRP B 219 -17.78 5.32 -4.95
N PHE B 220 -18.52 6.05 -4.11
CA PHE B 220 -17.91 6.61 -2.90
C PHE B 220 -18.30 5.92 -1.57
N TYR B 221 -19.38 5.13 -1.61
CA TYR B 221 -19.85 4.36 -0.44
C TYR B 221 -18.77 3.53 0.29
N PRO B 222 -17.87 2.86 -0.44
CA PRO B 222 -16.84 2.05 0.26
C PRO B 222 -15.94 2.82 1.23
N SER B 223 -15.87 4.15 1.09
CA SER B 223 -15.07 4.97 2.00
C SER B 223 -15.90 5.57 3.13
N HIS B 224 -17.18 5.18 3.17
CA HIS B 224 -18.00 5.35 4.37
C HIS B 224 -18.19 6.80 4.78
N ASN B 225 -18.50 7.68 3.83
CA ASN B 225 -18.75 9.08 4.14
C ASN B 225 -19.66 9.73 3.10
N TYR B 226 -19.99 11.01 3.32
CA TYR B 226 -20.84 11.78 2.41
C TYR B 226 -20.25 13.17 2.22
N HIS B 227 -20.60 13.79 1.11
CA HIS B 227 -19.84 14.93 0.59
C HIS B 227 -20.59 16.26 0.65
N GLN B 228 -21.78 16.27 1.26
CA GLN B 228 -22.63 17.46 1.25
C GLN B 228 -22.64 18.26 2.56
N GLY B 229 -21.73 17.92 3.45
CA GLY B 229 -21.60 18.64 4.71
C GLY B 229 -22.53 18.10 5.77
N MET B 230 -22.43 18.63 6.96
CA MET B 230 -23.03 17.99 8.13
C MET B 230 -24.51 18.32 8.37
N SER B 231 -25.08 19.21 7.56
CA SER B 231 -26.52 19.45 7.61
C SER B 231 -27.27 18.72 6.53
N TYR B 232 -26.80 18.85 5.29
CA TYR B 232 -27.48 18.24 4.16
C TYR B 232 -27.25 16.73 4.07
N LEU B 233 -26.32 16.22 4.87
CA LEU B 233 -26.20 14.78 5.11
C LEU B 233 -27.58 14.18 5.37
N ASN B 234 -28.38 14.89 6.17
CA ASN B 234 -29.71 14.46 6.54
C ASN B 234 -30.65 14.17 5.38
N VAL B 235 -30.98 15.19 4.59
CA VAL B 235 -31.91 15.02 3.47
C VAL B 235 -31.35 14.12 2.38
N ARG B 236 -30.05 14.26 2.09
CA ARG B 236 -29.42 13.53 1.01
C ARG B 236 -29.30 12.05 1.32
N PHE B 237 -28.79 11.72 2.50
CA PHE B 237 -28.61 10.32 2.85
C PHE B 237 -29.96 9.64 3.14
N THR B 238 -30.88 10.36 3.79
CA THR B 238 -32.25 9.89 3.98
C THR B 238 -32.86 9.37 2.68
N ASN B 239 -32.74 10.16 1.61
CA ASN B 239 -33.29 9.73 0.33
C ASN B 239 -32.57 8.56 -0.32
N ASP B 240 -31.25 8.48 -0.18
CA ASP B 240 -30.53 7.25 -0.56
C ASP B 240 -31.17 6.03 0.13
N LEU B 241 -31.47 6.21 1.42
CA LEU B 241 -32.01 5.13 2.24
C LEU B 241 -33.47 4.82 1.91
N PHE B 242 -34.24 5.81 1.46
CA PHE B 242 -35.57 5.53 0.90
C PHE B 242 -35.47 4.61 -0.34
N ALA B 243 -34.59 4.94 -1.27
CA ALA B 243 -34.36 4.05 -2.44
C ALA B 243 -33.99 2.61 -2.02
N LEU B 244 -33.09 2.48 -1.05
CA LEU B 244 -32.71 1.19 -0.46
C LEU B 244 -33.93 0.39 0.00
N TRP B 245 -34.73 0.99 0.89
CA TRP B 245 -35.88 0.31 1.47
C TRP B 245 -36.94 0.03 0.42
N ILE B 246 -37.21 1.00 -0.45
CA ILE B 246 -38.23 0.83 -1.51
C ILE B 246 -37.90 -0.34 -2.44
N LEU B 247 -36.67 -0.37 -2.93
CA LEU B 247 -36.24 -1.42 -3.86
C LEU B 247 -36.14 -2.81 -3.23
N ASP B 248 -35.64 -2.89 -2.00
CA ASP B 248 -35.59 -4.18 -1.28
C ASP B 248 -37.00 -4.71 -1.04
N ARG B 249 -37.87 -3.85 -0.53
CA ARG B 249 -39.25 -4.22 -0.24
C ARG B 249 -40.04 -4.59 -1.51
N MET B 250 -39.59 -4.06 -2.64
CA MET B 250 -40.17 -4.44 -3.94
C MET B 250 -39.78 -5.87 -4.34
N GLY B 251 -38.62 -6.31 -3.86
CA GLY B 251 -38.10 -7.63 -4.20
C GLY B 251 -36.73 -7.61 -4.86
N ALA B 252 -36.09 -6.46 -4.91
CA ALA B 252 -34.81 -6.32 -5.58
C ALA B 252 -33.58 -6.51 -4.68
N GLY B 253 -33.80 -6.88 -3.41
CA GLY B 253 -32.73 -6.99 -2.43
C GLY B 253 -32.06 -5.65 -2.19
N ASN B 254 -30.79 -5.66 -1.75
CA ASN B 254 -30.03 -4.42 -1.54
C ASN B 254 -29.33 -4.06 -2.84
N VAL B 255 -29.71 -2.92 -3.43
CA VAL B 255 -29.10 -2.49 -4.69
C VAL B 255 -27.82 -1.68 -4.46
N PHE B 256 -27.58 -1.27 -3.22
CA PHE B 256 -26.41 -0.45 -2.92
C PHE B 256 -25.24 -1.31 -2.45
N ASN B 257 -24.03 -0.77 -2.63
CA ASN B 257 -22.86 -1.29 -1.96
C ASN B 257 -23.13 -1.25 -0.45
N PRO B 258 -23.01 -2.41 0.22
CA PRO B 258 -23.41 -2.52 1.63
C PRO B 258 -22.52 -1.69 2.55
N GLY B 259 -21.49 -1.04 1.98
CA GLY B 259 -20.70 -0.03 2.72
C GLY B 259 -21.57 1.12 3.22
N GLN B 260 -22.72 1.31 2.56
CA GLN B 260 -23.74 2.28 2.96
C GLN B 260 -24.03 2.27 4.47
N GLN B 261 -23.92 1.09 5.10
CA GLN B 261 -24.17 0.93 6.54
C GLN B 261 -23.30 1.84 7.39
N PHE B 262 -22.09 2.12 6.90
CA PHE B 262 -21.07 2.71 7.76
C PHE B 262 -20.88 4.21 7.59
N ILE B 263 -21.62 4.78 6.65
CA ILE B 263 -21.56 6.22 6.35
C ILE B 263 -21.88 7.10 7.55
N LEU B 264 -22.91 6.71 8.31
CA LEU B 264 -23.46 7.57 9.34
C LEU B 264 -22.61 7.54 10.61
N TYR B 265 -21.64 6.63 10.64
CA TYR B 265 -20.64 6.57 11.71
C TYR B 265 -19.84 7.89 11.75
N ASP B 266 -19.71 8.56 10.62
CA ASP B 266 -19.01 9.86 10.58
C ASP B 266 -19.66 10.90 11.48
N ALA B 267 -20.99 10.97 11.44
CA ALA B 267 -21.76 11.87 12.28
C ALA B 267 -21.53 11.54 13.76
N ILE B 268 -21.50 10.24 14.07
CA ILE B 268 -21.19 9.76 15.43
C ILE B 268 -19.83 10.28 15.90
N TYR B 269 -18.83 10.17 15.03
CA TYR B 269 -17.48 10.66 15.34
C TYR B 269 -17.40 12.17 15.51
N LYS B 270 -18.28 12.89 14.83
CA LYS B 270 -18.28 14.35 14.83
C LYS B 270 -19.17 15.01 15.88
N ARG B 271 -19.84 14.20 16.71
CA ARG B 271 -20.70 14.75 17.77
C ARG B 271 -19.92 15.32 18.95
N ARG B 272 -20.24 16.56 19.33
CA ARG B 272 -19.62 17.22 20.46
C ARG B 272 -20.35 16.93 21.77
N PRO B 273 -19.68 17.17 22.92
CA PRO B 273 -20.29 17.04 24.25
C PRO B 273 -21.46 18.01 24.49
N ASP B 274 -21.52 19.11 23.73
CA ASP B 274 -22.59 20.10 23.89
C ASP B 274 -23.82 19.77 23.04
N GLY B 275 -23.78 18.63 22.35
CA GLY B 275 -24.90 18.17 21.55
C GLY B 275 -24.86 18.56 20.08
N GLN B 276 -23.94 19.46 19.73
CA GLN B 276 -23.84 19.91 18.35
C GLN B 276 -22.87 19.02 17.56
N ILE B 277 -22.80 19.25 16.25
CA ILE B 277 -21.96 18.45 15.38
C ILE B 277 -20.83 19.32 14.82
N LEU B 278 -19.64 18.74 14.67
CA LEU B 278 -18.52 19.42 14.01
C LEU B 278 -18.97 19.94 12.64
N ALA B 279 -18.53 21.15 12.30
CA ALA B 279 -18.92 21.78 11.03
C ALA B 279 -18.33 21.10 9.80
N GLY B 280 -18.92 21.40 8.65
CA GLY B 280 -18.42 20.92 7.37
C GLY B 280 -19.47 21.22 6.33
N GLY B 281 -19.06 21.81 5.21
CA GLY B 281 -20.01 22.20 4.16
C GLY B 281 -21.01 23.24 4.63
N ASP B 282 -22.15 23.31 3.95
CA ASP B 282 -23.15 24.34 4.23
C ASP B 282 -23.90 24.03 5.53
N VAL B 283 -23.52 24.72 6.61
CA VAL B 283 -24.14 24.53 7.93
C VAL B 283 -24.41 25.86 8.63
N ASP B 284 -25.41 25.86 9.50
CA ASP B 284 -25.65 26.95 10.46
C ASP B 284 -25.40 26.41 11.86
N TYR B 285 -25.47 27.27 12.86
CA TYR B 285 -25.08 26.90 14.22
C TYR B 285 -26.14 27.25 15.26
N SER B 286 -26.29 26.37 16.24
CA SER B 286 -27.18 26.59 17.37
C SER B 286 -26.58 25.99 18.62
N ARG B 287 -26.89 26.56 19.77
CA ARG B 287 -26.58 25.92 21.05
C ARG B 287 -27.88 25.55 21.76
N LYS B 288 -28.98 25.62 21.02
CA LYS B 288 -30.31 25.48 21.63
C LYS B 288 -30.76 24.03 21.70
N LYS B 289 -30.97 23.43 20.53
CA LYS B 289 -31.38 22.02 20.46
C LYS B 289 -30.26 21.23 19.77
N PRO B 290 -29.90 20.06 20.35
CA PRO B 290 -28.92 19.17 19.73
C PRO B 290 -29.32 18.79 18.31
N LYS B 291 -28.33 18.60 17.43
CA LYS B 291 -28.60 18.12 16.08
C LYS B 291 -28.72 16.59 16.10
N TYR B 292 -29.75 16.08 15.43
CA TYR B 292 -29.95 14.65 15.31
C TYR B 292 -30.06 14.23 13.85
N TYR B 293 -29.66 13.00 13.58
CA TYR B 293 -29.85 12.41 12.25
C TYR B 293 -30.87 11.29 12.36
N THR B 294 -32.07 11.70 12.77
CA THR B 294 -33.13 10.76 13.14
C THR B 294 -33.52 9.82 12.01
N MET B 295 -33.84 10.39 10.84
CA MET B 295 -34.32 9.57 9.74
C MET B 295 -33.22 8.66 9.16
N PRO B 296 -32.02 9.21 8.89
CA PRO B 296 -30.96 8.30 8.47
C PRO B 296 -30.67 7.19 9.48
N ALA B 297 -30.60 7.52 10.76
CA ALA B 297 -30.36 6.52 11.80
C ALA B 297 -31.48 5.48 11.88
N LEU B 298 -32.72 5.93 11.72
CA LEU B 298 -33.85 5.00 11.71
C LEU B 298 -33.69 4.02 10.55
N LEU B 299 -33.49 4.56 9.35
CA LEU B 299 -33.52 3.76 8.14
C LEU B 299 -32.28 2.88 7.97
N ALA B 300 -31.09 3.45 8.18
CA ALA B 300 -29.86 2.67 8.07
C ALA B 300 -29.73 1.70 9.24
N GLY B 301 -30.06 2.15 10.43
CA GLY B 301 -29.94 1.32 11.63
C GLY B 301 -30.83 0.08 11.54
N SER B 302 -32.08 0.28 11.12
CA SER B 302 -33.05 -0.82 11.05
C SER B 302 -32.80 -1.78 9.90
N TYR B 303 -32.41 -1.24 8.74
CA TYR B 303 -32.12 -2.10 7.59
C TYR B 303 -30.92 -3.01 7.82
N TYR B 304 -29.83 -2.42 8.30
CA TYR B 304 -28.57 -3.11 8.52
C TYR B 304 -28.43 -3.67 9.93
N LYS B 305 -29.51 -3.54 10.72
CA LYS B 305 -29.55 -4.04 12.10
C LYS B 305 -28.29 -3.57 12.83
N ASP B 306 -28.04 -2.26 12.76
CA ASP B 306 -26.86 -1.67 13.39
C ASP B 306 -27.22 -0.96 14.69
N GLU B 307 -26.67 -1.46 15.80
CA GLU B 307 -26.92 -0.96 17.15
C GLU B 307 -26.36 0.45 17.41
N TYR B 308 -25.21 0.79 16.80
CA TYR B 308 -24.62 2.14 16.96
C TYR B 308 -25.52 3.20 16.33
N LEU B 309 -26.02 2.90 15.13
CA LEU B 309 -26.98 3.75 14.43
C LEU B 309 -28.35 3.82 15.12
N ASN B 310 -28.77 2.71 15.73
CA ASN B 310 -30.06 2.67 16.43
C ASN B 310 -30.00 3.51 17.70
N TYR B 311 -28.85 3.50 18.37
CA TYR B 311 -28.58 4.40 19.49
C TYR B 311 -28.79 5.85 19.06
N GLU B 312 -28.25 6.19 17.89
CA GLU B 312 -28.41 7.51 17.30
C GLU B 312 -29.90 7.87 17.05
N PHE B 313 -30.67 6.92 16.53
CA PHE B 313 -32.12 7.11 16.40
C PHE B 313 -32.82 7.30 17.75
N LEU B 314 -32.42 6.50 18.74
CA LEU B 314 -33.10 6.50 20.04
C LEU B 314 -32.82 7.75 20.90
N LYS B 315 -31.79 8.51 20.52
CA LYS B 315 -31.53 9.84 21.11
C LYS B 315 -32.75 10.76 20.94
N ASP B 316 -33.36 10.71 19.76
CA ASP B 316 -34.58 11.49 19.51
C ASP B 316 -35.48 10.73 18.53
N PRO B 317 -36.26 9.76 19.04
CA PRO B 317 -37.04 8.86 18.19
C PRO B 317 -38.33 9.51 17.70
N ASN B 318 -38.19 10.69 17.07
CA ASN B 318 -39.32 11.46 16.59
C ASN B 318 -39.08 11.91 15.14
N VAL B 319 -39.61 11.12 14.22
CA VAL B 319 -39.52 11.42 12.80
C VAL B 319 -40.57 12.45 12.44
N GLU B 320 -40.34 13.19 11.35
CA GLU B 320 -41.32 14.16 10.86
C GLU B 320 -42.61 13.45 10.49
N PRO B 321 -43.77 14.13 10.69
CA PRO B 321 -45.09 13.56 10.40
C PRO B 321 -45.19 12.72 9.12
N HIS B 322 -44.68 13.25 8.02
CA HIS B 322 -44.77 12.54 6.72
C HIS B 322 -43.93 11.27 6.63
N CYS B 323 -43.11 11.02 7.64
CA CYS B 323 -42.26 9.83 7.70
C CYS B 323 -42.73 8.82 8.74
N LYS B 324 -43.79 9.14 9.49
CA LYS B 324 -44.32 8.26 10.54
C LYS B 324 -44.73 6.89 10.00
N LEU B 325 -45.36 6.88 8.83
CA LEU B 325 -45.79 5.63 8.19
C LEU B 325 -44.60 4.71 7.95
N PHE B 326 -43.50 5.31 7.51
CA PHE B 326 -42.28 4.57 7.22
C PHE B 326 -41.61 4.05 8.49
N GLU B 327 -41.64 4.82 9.57
CA GLU B 327 -41.27 4.27 10.87
C GLU B 327 -42.15 3.05 11.21
N PHE B 328 -43.46 3.20 11.12
CA PHE B 328 -44.35 2.10 11.43
C PHE B 328 -44.06 0.85 10.60
N LEU B 329 -43.85 1.06 9.30
CA LEU B 329 -43.61 -0.05 8.40
C LEU B 329 -42.23 -0.69 8.57
N TRP B 330 -41.20 0.12 8.77
CA TRP B 330 -39.82 -0.34 8.58
C TRP B 330 -38.94 -0.41 9.84
N ARG B 331 -39.36 0.24 10.92
CA ARG B 331 -38.56 0.24 12.15
C ARG B 331 -38.36 -1.16 12.71
N ASP B 332 -37.11 -1.44 13.12
CA ASP B 332 -36.77 -2.65 13.85
C ASP B 332 -36.77 -2.34 15.34
N THR B 333 -37.80 -2.79 16.05
CA THR B 333 -37.97 -2.48 17.46
C THR B 333 -37.28 -3.49 18.38
N GLN B 334 -36.84 -4.62 17.82
CA GLN B 334 -36.15 -5.65 18.59
C GLN B 334 -34.66 -5.35 18.68
N LEU B 335 -34.17 -4.54 17.75
CA LEU B 335 -32.77 -4.13 17.66
C LEU B 335 -32.28 -3.43 18.93
N GLY B 336 -31.07 -3.78 19.35
CA GLY B 336 -30.43 -3.16 20.51
C GLY B 336 -29.82 -1.82 20.15
N SER B 337 -29.11 -1.21 21.11
CA SER B 337 -28.42 0.05 20.87
C SER B 337 -27.10 0.13 21.63
N ARG B 338 -26.10 0.76 21.02
CA ARG B 338 -24.80 0.93 21.64
C ARG B 338 -24.32 2.37 21.61
N LYS B 339 -23.97 2.88 22.78
CA LYS B 339 -23.25 4.15 22.90
C LYS B 339 -21.90 4.07 22.18
N PRO B 340 -21.37 5.23 21.73
CA PRO B 340 -20.16 5.18 20.90
C PRO B 340 -18.85 4.93 21.65
N ASP B 341 -18.92 4.73 22.96
CA ASP B 341 -17.74 4.71 23.87
C ASP B 341 -16.66 3.65 23.59
N ASP B 342 -17.04 2.51 23.02
CA ASP B 342 -16.07 1.46 22.69
C ASP B 342 -15.58 1.50 21.24
N LEU B 343 -15.93 2.56 20.51
CA LEU B 343 -15.49 2.72 19.13
C LEU B 343 -14.04 3.21 19.10
N PRO B 344 -13.25 2.75 18.10
CA PRO B 344 -11.86 3.22 17.98
C PRO B 344 -11.81 4.74 17.90
N LEU B 345 -10.76 5.33 18.46
CA LEU B 345 -10.71 6.80 18.60
C LEU B 345 -10.43 7.56 17.30
N SER B 346 -9.95 6.85 16.28
CA SER B 346 -9.77 7.45 14.94
C SER B 346 -10.46 6.62 13.86
N ARG B 347 -10.99 7.31 12.84
CA ARG B 347 -11.64 6.65 11.70
C ARG B 347 -11.18 7.30 10.39
N TYR B 348 -10.81 6.46 9.42
CA TYR B 348 -10.33 6.93 8.12
C TYR B 348 -11.37 6.71 7.01
N SER B 349 -11.54 7.74 6.17
CA SER B 349 -12.37 7.65 4.98
C SER B 349 -11.47 7.85 3.76
N GLY B 350 -11.31 6.79 2.96
CA GLY B 350 -10.44 6.83 1.78
C GLY B 350 -11.07 7.48 0.56
N SER B 351 -10.58 7.10 -0.62
CA SER B 351 -11.04 7.68 -1.90
C SER B 351 -12.55 7.63 -2.04
N PRO B 352 -13.18 8.72 -2.52
CA PRO B 352 -12.59 9.97 -3.01
C PRO B 352 -12.46 11.05 -1.93
N PHE B 353 -12.44 10.66 -0.66
CA PHE B 353 -12.39 11.63 0.42
C PHE B 353 -10.95 11.88 0.90
N GLY B 354 -10.36 10.91 1.60
CA GLY B 354 -9.10 11.15 2.27
C GLY B 354 -9.31 12.02 3.50
N TRP B 355 -10.22 11.59 4.38
CA TRP B 355 -10.52 12.30 5.61
C TRP B 355 -10.19 11.45 6.84
N MET B 356 -9.53 12.07 7.82
CA MET B 356 -9.33 11.50 9.14
C MET B 356 -10.15 12.26 10.17
N ILE B 357 -10.89 11.55 11.00
CA ILE B 357 -11.45 12.15 12.20
C ILE B 357 -10.78 11.47 13.39
N ALA B 358 -10.16 12.26 14.26
CA ALA B 358 -9.39 11.70 15.37
C ALA B 358 -9.84 12.25 16.72
N ARG B 359 -10.04 11.36 17.68
CA ARG B 359 -10.51 11.72 19.02
C ARG B 359 -9.55 11.30 20.12
N THR B 360 -9.75 11.84 21.32
CA THR B 360 -8.99 11.40 22.52
C THR B 360 -9.93 10.74 23.54
N GLY B 361 -11.22 10.68 23.20
CA GLY B 361 -12.24 10.11 24.10
C GLY B 361 -13.63 10.26 23.53
N TRP B 362 -14.63 9.83 24.29
CA TRP B 362 -16.03 9.97 23.87
C TRP B 362 -16.83 10.86 24.81
N GLY B 363 -16.18 11.34 25.88
CA GLY B 363 -16.86 12.12 26.93
C GLY B 363 -16.60 13.62 26.86
N PRO B 364 -16.91 14.35 27.95
CA PRO B 364 -16.79 15.81 28.00
C PRO B 364 -15.39 16.36 27.74
N GLU B 365 -14.36 15.55 28.00
CA GLU B 365 -12.97 15.96 27.81
C GLU B 365 -12.44 15.64 26.40
N SER B 366 -13.34 15.32 25.47
CA SER B 366 -12.95 14.91 24.11
C SER B 366 -12.28 16.01 23.30
N VAL B 367 -11.09 15.72 22.78
CA VAL B 367 -10.57 16.48 21.66
C VAL B 367 -11.15 15.84 20.40
N ILE B 368 -11.61 16.66 19.46
CA ILE B 368 -12.12 16.17 18.17
C ILE B 368 -11.41 16.92 17.06
N ALA B 369 -10.67 16.20 16.23
CA ALA B 369 -9.87 16.82 15.16
C ALA B 369 -10.15 16.21 13.78
N GLU B 370 -10.39 17.07 12.81
CA GLU B 370 -10.68 16.65 11.44
C GLU B 370 -9.54 17.08 10.54
N MET B 371 -9.10 16.18 9.66
CA MET B 371 -8.05 16.45 8.68
C MET B 371 -8.55 15.99 7.32
N LYS B 372 -8.48 16.86 6.31
CA LYS B 372 -9.09 16.54 5.02
C LYS B 372 -8.15 16.77 3.86
N VAL B 373 -8.09 15.78 2.97
CA VAL B 373 -7.50 15.96 1.66
C VAL B 373 -8.54 16.49 0.66
N ASN B 374 -9.57 15.69 0.37
CA ASN B 374 -10.51 15.92 -0.75
C ASN B 374 -9.86 15.50 -2.07
N GLU B 375 -10.12 14.29 -2.53
CA GLU B 375 -9.61 13.87 -3.84
C GLU B 375 -10.49 14.40 -4.96
N TYR B 376 -11.79 14.49 -4.70
CA TYR B 376 -12.72 15.06 -5.66
C TYR B 376 -13.60 16.09 -4.97
N SER B 377 -14.16 17.02 -5.75
CA SER B 377 -15.15 17.96 -5.24
C SER B 377 -16.51 17.64 -5.82
N PHE B 378 -17.52 17.58 -4.96
CA PHE B 378 -18.88 17.28 -5.38
C PHE B 378 -19.74 18.55 -5.59
N LEU B 379 -19.21 19.68 -5.15
CA LEU B 379 -19.88 20.98 -5.26
C LEU B 379 -21.19 21.02 -4.47
N ASN B 380 -22.17 21.79 -4.95
CA ASN B 380 -23.40 22.04 -4.22
C ASN B 380 -23.04 22.49 -2.79
N HIS B 381 -23.40 21.71 -1.76
CA HIS B 381 -23.16 22.13 -0.37
C HIS B 381 -21.76 21.83 0.17
N GLN B 382 -20.93 21.13 -0.62
CA GLN B 382 -19.52 20.96 -0.26
C GLN B 382 -18.75 22.26 -0.48
N HIS B 383 -17.74 22.50 0.36
CA HIS B 383 -16.89 23.69 0.22
C HIS B 383 -15.60 23.36 -0.52
N GLN B 384 -14.98 24.38 -1.10
CA GLN B 384 -13.66 24.20 -1.72
C GLN B 384 -12.64 24.27 -0.60
N ASP B 385 -12.56 23.19 0.17
CA ASP B 385 -11.80 23.20 1.43
C ASP B 385 -10.71 22.13 1.51
N ALA B 386 -10.05 21.87 0.39
CA ALA B 386 -9.00 20.85 0.37
C ALA B 386 -7.87 21.26 1.30
N GLY B 387 -7.41 20.31 2.12
CA GLY B 387 -6.32 20.56 3.06
C GLY B 387 -6.75 21.08 4.41
N ALA B 388 -8.05 21.32 4.60
CA ALA B 388 -8.51 21.99 5.80
C ALA B 388 -8.43 21.09 7.04
N PHE B 389 -8.06 21.69 8.16
CA PHE B 389 -8.19 21.00 9.45
C PHE B 389 -9.13 21.78 10.37
N GLN B 390 -9.68 21.08 11.36
CA GLN B 390 -10.66 21.65 12.27
C GLN B 390 -10.49 20.97 13.61
N ILE B 391 -10.48 21.76 14.69
CA ILE B 391 -10.25 21.19 16.01
C ILE B 391 -11.22 21.72 17.06
N TYR B 392 -11.85 20.78 17.76
CA TYR B 392 -12.74 21.08 18.87
C TYR B 392 -12.20 20.48 20.16
N TYR B 393 -12.22 21.26 21.23
CA TYR B 393 -11.99 20.76 22.57
C TYR B 393 -12.59 21.76 23.53
N LYS B 394 -13.65 21.35 24.23
CA LYS B 394 -14.40 22.27 25.09
C LYS B 394 -14.68 23.57 24.35
N GLY B 395 -15.21 23.45 23.13
CA GLY B 395 -15.49 24.59 22.27
C GLY B 395 -14.78 24.51 20.93
N PRO B 396 -15.34 25.18 19.91
CA PRO B 396 -14.67 25.22 18.61
C PRO B 396 -13.37 26.02 18.74
N LEU B 397 -12.24 25.42 18.40
CA LEU B 397 -10.94 26.07 18.59
C LEU B 397 -10.31 26.54 17.28
N ALA B 398 -9.94 25.60 16.42
CA ALA B 398 -9.54 25.90 15.05
C ALA B 398 -10.76 25.66 14.17
N ILE B 399 -11.36 26.73 13.66
CA ILE B 399 -12.73 26.63 13.16
C ILE B 399 -12.87 26.54 11.63
N ASP B 400 -14.04 26.07 11.21
CA ASP B 400 -14.47 26.07 9.81
C ASP B 400 -15.42 27.27 9.75
N ALA B 401 -14.98 28.36 9.13
CA ALA B 401 -15.58 29.68 9.35
C ALA B 401 -16.70 30.07 8.40
N GLY B 402 -17.46 31.08 8.81
CA GLY B 402 -18.62 31.54 8.07
C GLY B 402 -19.86 30.81 8.55
N SER B 403 -20.99 31.14 7.93
CA SER B 403 -22.25 30.47 8.19
C SER B 403 -23.05 30.42 6.91
N TYR B 404 -23.91 29.41 6.81
CA TYR B 404 -24.76 29.21 5.62
C TYR B 404 -25.72 30.37 5.38
N THR B 405 -26.41 30.81 6.43
CA THR B 405 -27.37 31.90 6.32
C THR B 405 -27.07 33.04 7.28
N GLY B 406 -27.70 34.19 7.05
CA GLY B 406 -27.47 35.37 7.86
C GLY B 406 -27.90 36.62 7.15
N SER B 407 -27.35 37.76 7.56
CA SER B 407 -27.72 39.06 6.98
C SER B 407 -27.37 39.16 5.49
N SER B 408 -26.42 38.34 5.02
CA SER B 408 -26.05 38.28 3.62
C SER B 408 -27.13 37.60 2.78
N GLY B 409 -27.87 36.68 3.40
CA GLY B 409 -28.90 35.92 2.73
C GLY B 409 -28.68 34.43 2.88
N GLY B 410 -29.16 33.66 1.90
CA GLY B 410 -29.02 32.20 1.92
C GLY B 410 -27.99 31.68 0.94
N TYR B 411 -28.31 30.57 0.29
CA TYR B 411 -27.40 29.85 -0.61
C TYR B 411 -26.73 30.75 -1.65
N ASN B 412 -27.48 31.69 -2.21
CA ASN B 412 -26.99 32.55 -3.28
C ASN B 412 -26.36 33.86 -2.79
N SER B 413 -26.05 33.92 -1.50
CA SER B 413 -25.54 35.14 -0.88
C SER B 413 -24.10 35.41 -1.30
N PRO B 414 -23.70 36.69 -1.35
CA PRO B 414 -22.29 37.04 -1.59
C PRO B 414 -21.34 36.41 -0.57
N HIS B 415 -21.83 36.14 0.64
CA HIS B 415 -21.03 35.50 1.68
C HIS B 415 -20.73 34.04 1.34
N ASN B 416 -21.72 33.32 0.82
CA ASN B 416 -21.52 31.96 0.35
C ASN B 416 -20.52 31.90 -0.82
N LYS B 417 -20.80 32.69 -1.85
CA LYS B 417 -20.02 32.69 -3.09
C LYS B 417 -18.60 33.22 -2.95
N ASN B 418 -18.38 34.10 -1.98
CA ASN B 418 -17.11 34.82 -1.87
C ASN B 418 -16.31 34.54 -0.60
N PHE B 419 -16.94 33.91 0.40
CA PHE B 419 -16.25 33.53 1.62
C PHE B 419 -16.51 32.08 2.07
N PHE B 420 -17.77 31.79 2.42
CA PHE B 420 -18.15 30.53 3.11
C PHE B 420 -17.73 29.24 2.40
N LYS B 421 -17.96 29.18 1.09
CA LYS B 421 -17.65 27.99 0.28
C LYS B 421 -16.20 27.99 -0.23
N ARG B 422 -15.49 29.06 0.11
CA ARG B 422 -14.17 29.31 -0.45
C ARG B 422 -13.06 28.90 0.52
N THR B 423 -11.85 28.70 0.00
CA THR B 423 -10.72 28.22 0.78
C THR B 423 -10.39 29.16 1.94
N ILE B 424 -10.56 30.46 1.69
CA ILE B 424 -10.27 31.51 2.68
C ILE B 424 -11.01 31.35 4.02
N ALA B 425 -12.19 30.72 4.00
CA ALA B 425 -12.98 30.44 5.21
C ALA B 425 -12.43 29.29 6.05
N HIS B 426 -11.37 28.65 5.55
CA HIS B 426 -10.86 27.41 6.13
C HIS B 426 -9.41 27.51 6.57
N ASN B 427 -9.01 26.56 7.42
CA ASN B 427 -7.64 26.45 7.86
C ASN B 427 -6.86 25.70 6.83
N SER B 428 -6.57 26.40 5.74
CA SER B 428 -5.91 25.79 4.59
C SER B 428 -4.88 26.75 4.00
N LEU B 429 -4.65 26.67 2.70
CA LEU B 429 -3.55 27.37 2.06
C LEU B 429 -4.04 28.26 0.92
N LEU B 430 -3.55 29.50 0.92
CA LEU B 430 -3.85 30.45 -0.15
C LEU B 430 -2.59 30.80 -0.90
N ILE B 431 -2.74 30.96 -2.23
CA ILE B 431 -1.68 31.49 -3.09
C ILE B 431 -2.37 32.51 -3.99
N TYR B 432 -2.02 33.78 -3.83
CA TYR B 432 -2.74 34.83 -4.51
C TYR B 432 -2.13 35.17 -5.87
N ASP B 433 -2.84 34.78 -6.92
CA ASP B 433 -2.54 35.24 -8.27
C ASP B 433 -3.51 36.39 -8.58
N PRO B 434 -3.00 37.64 -8.64
CA PRO B 434 -3.83 38.80 -8.92
C PRO B 434 -4.62 38.74 -10.23
N LYS B 435 -4.12 37.97 -11.19
CA LYS B 435 -4.79 37.83 -12.49
C LYS B 435 -5.80 36.69 -12.53
N GLU B 436 -5.89 35.91 -11.45
CA GLU B 436 -6.77 34.75 -11.41
C GLU B 436 -8.25 35.13 -11.50
N THR B 437 -8.99 34.31 -12.25
CA THR B 437 -10.41 34.47 -12.51
C THR B 437 -11.18 33.27 -11.95
N PHE B 438 -12.30 33.55 -11.27
CA PHE B 438 -13.14 32.50 -10.66
C PHE B 438 -14.56 32.58 -11.21
N SER B 439 -14.86 31.72 -12.18
CA SER B 439 -16.16 31.72 -12.85
C SER B 439 -17.24 31.05 -12.00
N SER B 440 -18.35 31.77 -11.81
CA SER B 440 -19.42 31.33 -10.92
C SER B 440 -20.78 31.47 -11.60
N SER B 441 -20.78 31.46 -12.93
CA SER B 441 -21.98 31.78 -13.72
C SER B 441 -23.13 30.77 -13.61
N GLY B 442 -22.79 29.52 -13.29
CA GLY B 442 -23.79 28.45 -13.20
C GLY B 442 -24.22 28.11 -11.78
N TYR B 443 -23.61 28.77 -10.81
CA TYR B 443 -23.94 28.58 -9.39
C TYR B 443 -25.39 28.97 -9.10
N GLY B 444 -26.05 28.18 -8.25
CA GLY B 444 -27.45 28.41 -7.92
C GLY B 444 -28.39 28.12 -9.08
N GLY B 445 -28.07 27.07 -9.85
CA GLY B 445 -28.86 26.69 -11.03
C GLY B 445 -28.39 27.44 -12.25
N SER B 446 -28.74 28.73 -12.31
CA SER B 446 -28.29 29.64 -13.37
C SER B 446 -28.30 31.09 -12.88
N ASP B 447 -28.07 31.27 -11.58
CA ASP B 447 -28.19 32.57 -10.91
C ASP B 447 -27.13 33.61 -11.31
N HIS B 448 -27.41 34.87 -10.99
CA HIS B 448 -26.59 36.01 -11.42
C HIS B 448 -25.42 36.34 -10.48
N THR B 449 -24.20 36.26 -11.03
CA THR B 449 -22.95 36.67 -10.36
C THR B 449 -21.76 36.65 -11.34
N ASP B 450 -21.71 35.64 -12.20
CA ASP B 450 -20.70 35.51 -13.28
C ASP B 450 -19.25 35.26 -12.84
N PHE B 451 -18.72 36.15 -12.01
CA PHE B 451 -17.40 35.92 -11.40
C PHE B 451 -17.43 36.24 -9.91
N ALA B 452 -16.79 35.37 -9.13
CA ALA B 452 -16.68 35.56 -7.69
C ALA B 452 -15.35 36.22 -7.33
N ALA B 453 -15.22 36.64 -6.08
CA ALA B 453 -14.01 37.31 -5.59
C ALA B 453 -12.79 36.40 -5.59
N ASN B 454 -11.63 37.02 -5.79
CA ASN B 454 -10.34 36.34 -5.71
C ASN B 454 -9.94 36.20 -4.25
N ASP B 455 -9.99 34.97 -3.73
CA ASP B 455 -9.61 34.71 -2.35
C ASP B 455 -8.22 34.08 -2.24
N GLY B 456 -7.52 34.01 -3.38
CA GLY B 456 -6.24 33.31 -3.46
C GLY B 456 -6.39 31.83 -3.15
N GLY B 457 -7.61 31.32 -3.29
CA GLY B 457 -7.91 29.97 -2.87
C GLY B 457 -7.98 28.98 -4.01
N GLN B 458 -8.82 27.97 -3.81
CA GLN B 458 -8.92 26.85 -4.74
C GLN B 458 -9.89 27.14 -5.88
N ARG B 459 -9.67 26.45 -7.00
CA ARG B 459 -10.51 26.55 -8.20
C ARG B 459 -12.00 26.38 -7.92
N LEU B 460 -12.83 27.00 -8.75
CA LEU B 460 -14.26 26.66 -8.80
C LEU B 460 -14.48 25.71 -9.99
N PRO B 461 -14.62 24.40 -9.70
CA PRO B 461 -14.77 23.43 -10.80
C PRO B 461 -16.10 23.55 -11.53
N GLY B 462 -16.23 22.86 -12.66
CA GLY B 462 -17.49 22.82 -13.37
C GLY B 462 -17.65 23.94 -14.36
N LYS B 463 -18.82 23.99 -14.99
CA LYS B 463 -19.07 24.99 -16.04
C LYS B 463 -19.56 26.27 -15.38
N GLY B 464 -18.61 27.02 -14.80
CA GLY B 464 -18.95 28.17 -13.96
C GLY B 464 -19.56 27.78 -12.61
N TRP B 465 -18.87 26.89 -11.89
CA TRP B 465 -19.22 26.48 -10.52
C TRP B 465 -20.55 25.74 -10.42
N ILE B 466 -20.77 24.80 -11.32
CA ILE B 466 -21.92 23.89 -11.21
C ILE B 466 -21.47 22.43 -11.21
N ALA B 467 -22.22 21.60 -10.48
CA ALA B 467 -21.93 20.16 -10.38
C ALA B 467 -22.19 19.43 -11.70
N PRO B 468 -21.53 18.29 -11.90
CA PRO B 468 -21.77 17.50 -13.10
C PRO B 468 -23.07 16.71 -13.00
N ARG B 469 -23.57 16.24 -14.15
CA ARG B 469 -24.80 15.47 -14.23
C ARG B 469 -24.71 14.17 -13.40
N ASP B 470 -23.61 13.45 -13.57
CA ASP B 470 -23.44 12.11 -13.02
C ASP B 470 -21.95 11.77 -12.89
N LEU B 471 -21.63 10.52 -12.59
CA LEU B 471 -20.24 10.14 -12.35
C LEU B 471 -19.41 10.24 -13.62
N LYS B 472 -19.95 9.72 -14.72
CA LYS B 472 -19.26 9.77 -16.01
C LYS B 472 -18.74 11.18 -16.27
N GLU B 473 -19.66 12.15 -16.25
CA GLU B 473 -19.36 13.55 -16.49
C GLU B 473 -18.38 14.11 -15.43
N MET B 474 -18.56 13.71 -14.17
CA MET B 474 -17.66 14.10 -13.07
C MET B 474 -16.21 13.68 -13.34
N LEU B 475 -15.99 12.42 -13.70
CA LEU B 475 -14.64 11.89 -13.97
C LEU B 475 -14.00 12.44 -15.26
N ALA B 476 -14.82 12.89 -16.20
CA ALA B 476 -14.29 13.47 -17.44
C ALA B 476 -13.98 14.95 -17.30
N GLY B 477 -14.40 15.56 -16.18
CA GLY B 477 -14.32 17.01 -16.00
C GLY B 477 -13.11 17.48 -15.22
N ASP B 478 -13.27 18.60 -14.51
CA ASP B 478 -12.17 19.20 -13.76
C ASP B 478 -12.44 19.16 -12.26
N PHE B 479 -13.04 18.05 -11.82
CA PHE B 479 -13.52 17.93 -10.43
C PHE B 479 -12.51 17.29 -9.49
N ARG B 480 -11.41 16.81 -10.05
CA ARG B 480 -10.32 16.26 -9.23
C ARG B 480 -9.59 17.39 -8.52
N THR B 481 -9.44 17.26 -7.21
CA THR B 481 -8.85 18.32 -6.41
C THR B 481 -7.67 17.83 -5.57
N GLY B 482 -7.42 16.53 -5.58
CA GLY B 482 -6.37 15.98 -4.72
C GLY B 482 -6.04 14.51 -4.85
N LYS B 483 -4.97 14.12 -4.19
CA LYS B 483 -4.46 12.76 -4.22
C LYS B 483 -3.96 12.36 -2.82
N ILE B 484 -4.59 11.35 -2.23
CA ILE B 484 -4.15 10.81 -0.96
C ILE B 484 -2.80 10.13 -1.18
N LEU B 485 -1.81 10.54 -0.41
CA LEU B 485 -0.45 10.01 -0.59
C LEU B 485 -0.09 8.98 0.47
N ALA B 486 -0.58 9.20 1.69
CA ALA B 486 -0.24 8.36 2.84
C ALA B 486 -1.24 8.61 3.96
N GLN B 487 -1.43 7.57 4.78
CA GLN B 487 -2.34 7.65 5.93
C GLN B 487 -2.10 6.48 6.87
N GLY B 488 -2.45 6.70 8.13
CA GLY B 488 -2.43 5.63 9.12
C GLY B 488 -2.68 6.17 10.51
N PHE B 489 -3.03 5.29 11.44
CA PHE B 489 -3.05 5.67 12.82
C PHE B 489 -2.39 4.68 13.75
N GLY B 490 -1.96 5.26 14.86
CA GLY B 490 -1.01 4.80 15.88
C GLY B 490 -0.89 3.34 16.12
N PRO B 491 0.08 2.93 16.97
CA PRO B 491 0.38 1.50 17.04
C PRO B 491 -0.86 0.71 17.40
N ASP B 492 -1.67 1.25 18.32
CA ASP B 492 -2.90 0.56 18.72
C ASP B 492 -4.07 0.99 17.84
N ASN B 493 -4.87 0.02 17.38
CA ASN B 493 -6.05 0.34 16.54
C ASN B 493 -7.16 1.05 17.30
N GLN B 494 -7.27 0.77 18.60
CA GLN B 494 -8.36 1.30 19.41
C GLN B 494 -8.06 2.70 19.94
N THR B 495 -6.86 2.88 20.50
CA THR B 495 -6.47 4.15 21.11
C THR B 495 -5.13 4.60 20.53
N PRO B 496 -5.10 4.97 19.23
CA PRO B 496 -3.83 5.30 18.58
C PRO B 496 -3.14 6.53 19.18
N ASP B 497 -1.86 6.39 19.48
CA ASP B 497 -1.00 7.53 19.86
C ASP B 497 -0.88 8.62 18.80
N TYR B 498 -0.96 8.23 17.52
CA TYR B 498 -0.86 9.19 16.41
C TYR B 498 -1.88 8.86 15.34
N THR B 499 -2.27 9.90 14.60
CA THR B 499 -3.13 9.75 13.44
C THR B 499 -2.56 10.61 12.31
N TYR B 500 -2.27 9.98 11.19
CA TYR B 500 -1.46 10.58 10.12
C TYR B 500 -2.23 10.63 8.81
N LEU B 501 -2.11 11.76 8.11
CA LEU B 501 -2.73 11.93 6.81
C LEU B 501 -1.90 12.84 5.91
N LYS B 502 -1.56 12.37 4.72
CA LYS B 502 -0.88 13.23 3.75
C LYS B 502 -1.61 13.29 2.41
N GLY B 503 -1.75 14.50 1.88
CA GLY B 503 -2.39 14.68 0.59
C GLY B 503 -1.64 15.65 -0.30
N ASP B 504 -1.69 15.38 -1.60
CA ASP B 504 -1.24 16.34 -2.58
C ASP B 504 -2.49 16.98 -3.14
N ILE B 505 -2.62 18.29 -2.93
CA ILE B 505 -3.83 19.02 -3.32
C ILE B 505 -3.59 20.03 -4.43
N THR B 506 -2.52 19.82 -5.21
CA THR B 506 -2.20 20.67 -6.37
C THR B 506 -3.39 20.85 -7.31
N ALA B 507 -4.07 19.75 -7.62
CA ALA B 507 -5.21 19.75 -8.54
C ALA B 507 -6.35 20.70 -8.12
N ALA B 508 -6.41 21.00 -6.82
CA ALA B 508 -7.46 21.87 -6.25
C ALA B 508 -7.26 23.32 -6.66
N TYR B 509 -6.03 23.66 -7.04
CA TYR B 509 -5.68 25.02 -7.44
C TYR B 509 -5.43 25.12 -8.93
N SER B 510 -5.33 26.36 -9.41
CA SER B 510 -4.99 26.65 -10.80
C SER B 510 -3.49 26.42 -11.04
N ALA B 511 -3.02 26.79 -12.23
CA ALA B 511 -1.61 26.70 -12.60
C ALA B 511 -0.70 27.69 -11.86
N LYS B 512 -1.26 28.53 -10.99
CA LYS B 512 -0.47 29.48 -10.19
C LYS B 512 0.49 28.75 -9.23
N VAL B 513 0.20 27.48 -8.97
CA VAL B 513 1.07 26.59 -8.19
C VAL B 513 1.61 25.45 -9.06
N LYS B 514 2.81 24.97 -8.74
CA LYS B 514 3.35 23.78 -9.36
C LYS B 514 3.10 22.56 -8.49
N GLU B 515 3.06 22.77 -7.18
CA GLU B 515 2.90 21.69 -6.21
C GLU B 515 2.40 22.21 -4.86
N VAL B 516 1.35 21.59 -4.34
CA VAL B 516 0.89 21.81 -2.98
C VAL B 516 0.66 20.48 -2.25
N LYS B 517 1.39 20.31 -1.14
CA LYS B 517 1.28 19.10 -0.32
C LYS B 517 1.03 19.51 1.13
N ARG B 518 0.16 18.78 1.81
CA ARG B 518 -0.07 18.99 3.22
C ARG B 518 -0.05 17.66 3.97
N SER B 519 0.78 17.58 5.00
CA SER B 519 0.82 16.43 5.90
C SER B 519 0.24 16.84 7.25
N PHE B 520 -0.64 16.00 7.80
CA PHE B 520 -1.17 16.19 9.15
C PHE B 520 -0.67 15.08 10.06
N LEU B 521 -0.15 15.44 11.22
CA LEU B 521 0.07 14.45 12.25
C LEU B 521 -0.57 14.85 13.57
N PHE B 522 -1.65 14.16 13.91
CA PHE B 522 -2.36 14.35 15.15
C PHE B 522 -1.77 13.41 16.20
N LEU B 523 -1.49 13.96 17.37
CA LEU B 523 -0.98 13.19 18.48
C LEU B 523 -1.98 13.16 19.62
N ASN B 524 -2.36 11.95 20.02
CA ASN B 524 -3.09 11.76 21.26
C ASN B 524 -2.04 11.57 22.34
N LEU B 525 -1.86 12.61 23.16
CA LEU B 525 -0.75 12.64 24.11
C LEU B 525 -1.02 11.83 25.38
N LYS B 526 -2.23 11.26 25.49
CA LYS B 526 -2.63 10.42 26.63
C LYS B 526 -2.33 11.11 27.96
N ASP B 527 -2.84 12.32 28.09
CA ASP B 527 -2.59 13.20 29.23
C ASP B 527 -3.74 14.18 29.40
N ALA B 528 -4.21 14.34 30.63
CA ALA B 528 -5.31 15.25 30.94
C ALA B 528 -4.93 16.73 30.78
N LYS B 529 -3.68 17.07 31.09
CA LYS B 529 -3.22 18.46 31.07
C LYS B 529 -3.09 19.02 29.65
N VAL B 530 -2.40 18.31 28.77
CA VAL B 530 -2.34 18.66 27.35
C VAL B 530 -2.73 17.41 26.53
N PRO B 531 -4.04 17.20 26.31
CA PRO B 531 -4.57 15.96 25.72
C PRO B 531 -4.08 15.62 24.31
N ALA B 532 -3.80 16.64 23.50
CA ALA B 532 -3.49 16.43 22.10
C ALA B 532 -2.64 17.53 21.49
N ALA B 533 -2.05 17.21 20.35
CA ALA B 533 -1.34 18.17 19.51
C ALA B 533 -1.54 17.80 18.04
N MET B 534 -1.43 18.79 17.16
CA MET B 534 -1.45 18.54 15.73
C MET B 534 -0.29 19.25 15.06
N ILE B 535 0.47 18.50 14.27
CA ILE B 535 1.57 19.04 13.47
C ILE B 535 1.11 19.10 12.01
N VAL B 536 1.29 20.25 11.37
CA VAL B 536 0.91 20.42 9.98
C VAL B 536 2.14 20.84 9.21
N PHE B 537 2.48 20.06 8.19
CA PHE B 537 3.65 20.32 7.37
C PHE B 537 3.24 20.52 5.91
N ASP B 538 3.50 21.70 5.38
CA ASP B 538 3.07 22.07 4.04
C ASP B 538 4.24 22.34 3.11
N LYS B 539 4.08 21.95 1.85
CA LYS B 539 4.98 22.34 0.79
C LYS B 539 4.17 23.11 -0.24
N VAL B 540 4.61 24.35 -0.53
CA VAL B 540 3.92 25.17 -1.52
C VAL B 540 4.92 25.69 -2.54
N VAL B 541 4.73 25.32 -3.80
CA VAL B 541 5.54 25.85 -4.89
C VAL B 541 4.66 26.64 -5.86
N ALA B 542 4.83 27.96 -5.86
CA ALA B 542 4.11 28.85 -6.78
C ALA B 542 4.86 29.00 -8.11
N SER B 543 4.11 29.30 -9.18
CA SER B 543 4.68 29.49 -10.52
C SER B 543 5.34 30.87 -10.66
N ASN B 544 5.01 31.79 -9.74
CA ASN B 544 5.62 33.13 -9.66
C ASN B 544 6.06 33.35 -8.21
N PRO B 545 7.36 33.66 -7.99
CA PRO B 545 7.85 33.88 -6.63
C PRO B 545 7.18 35.06 -5.97
N ASP B 546 6.65 35.96 -6.79
CA ASP B 546 5.93 37.14 -6.32
C ASP B 546 4.46 36.87 -5.95
N PHE B 547 4.02 35.61 -6.06
CA PHE B 547 2.65 35.25 -5.71
C PHE B 547 2.52 35.04 -4.19
N LYS B 548 1.92 36.01 -3.50
CA LYS B 548 1.76 35.98 -2.01
C LYS B 548 1.15 34.67 -1.44
N LYS B 549 1.84 34.07 -0.48
CA LYS B 549 1.42 32.80 0.17
C LYS B 549 0.84 32.99 1.57
N PHE B 550 -0.19 32.22 1.90
CA PHE B 550 -0.92 32.37 3.17
C PHE B 550 -1.22 31.05 3.86
N TRP B 551 -0.92 30.97 5.16
CA TRP B 551 -1.32 29.84 6.01
C TRP B 551 -2.34 30.37 7.00
N LEU B 552 -3.51 29.76 7.05
CA LEU B 552 -4.64 30.32 7.80
C LEU B 552 -4.95 29.52 9.05
N LEU B 553 -5.32 30.26 10.11
CA LEU B 553 -5.89 29.65 11.30
C LEU B 553 -7.08 30.51 11.78
N HIS B 554 -8.29 29.95 11.69
CA HIS B 554 -9.51 30.66 12.06
C HIS B 554 -9.94 30.39 13.50
N SER B 555 -10.46 31.42 14.16
CA SER B 555 -11.02 31.25 15.50
C SER B 555 -12.22 32.16 15.72
N ILE B 556 -12.96 31.90 16.79
CA ILE B 556 -14.11 32.72 17.17
C ILE B 556 -13.64 34.02 17.83
N GLU B 557 -12.84 33.89 18.89
CA GLU B 557 -12.36 35.04 19.66
C GLU B 557 -10.97 35.46 19.17
N GLN B 558 -10.51 36.63 19.63
CA GLN B 558 -9.24 37.21 19.19
C GLN B 558 -8.03 36.38 19.60
N PRO B 559 -7.17 36.03 18.64
CA PRO B 559 -5.92 35.35 18.96
C PRO B 559 -4.87 36.31 19.54
N GLU B 560 -4.05 35.80 20.46
CA GLU B 560 -2.90 36.55 20.97
C GLU B 560 -1.64 36.03 20.30
N ILE B 561 -0.89 36.93 19.68
CA ILE B 561 0.36 36.58 19.00
C ILE B 561 1.56 37.09 19.81
N LYS B 562 2.49 36.19 20.11
CA LYS B 562 3.71 36.55 20.82
C LYS B 562 4.91 35.81 20.22
N GLY B 563 5.69 36.53 19.41
CA GLY B 563 6.79 35.93 18.66
C GLY B 563 6.24 34.92 17.66
N ASN B 564 6.67 33.67 17.78
CA ASN B 564 6.21 32.58 16.91
C ASN B 564 5.01 31.81 17.47
N GLN B 565 4.38 32.37 18.50
CA GLN B 565 3.36 31.69 19.27
C GLN B 565 1.97 32.32 19.09
N ILE B 566 0.99 31.52 18.70
CA ILE B 566 -0.40 31.97 18.59
C ILE B 566 -1.27 31.26 19.63
N THR B 567 -1.84 32.04 20.55
CA THR B 567 -2.71 31.50 21.59
C THR B 567 -4.17 31.86 21.31
N ILE B 568 -5.03 30.84 21.31
CA ILE B 568 -6.46 31.00 21.07
C ILE B 568 -7.24 30.38 22.23
N LYS B 569 -8.22 31.12 22.76
CA LYS B 569 -9.01 30.64 23.87
C LYS B 569 -10.51 30.80 23.60
N ARG B 570 -11.28 29.88 24.17
CA ARG B 570 -12.73 30.03 24.29
C ARG B 570 -13.07 30.39 25.73
N THR B 571 -13.88 31.43 25.91
CA THR B 571 -14.22 31.95 27.24
C THR B 571 -15.71 32.22 27.40
N LYS B 572 -16.48 31.78 26.41
CA LYS B 572 -17.90 32.10 26.33
C LYS B 572 -18.73 30.85 26.07
N ASN B 573 -20.04 30.94 26.35
CA ASN B 573 -20.99 29.85 26.08
C ASN B 573 -20.71 28.57 26.86
N GLY B 574 -19.96 28.70 27.95
CA GLY B 574 -19.59 27.57 28.79
C GLY B 574 -18.39 26.82 28.24
N ASP B 575 -17.81 27.35 27.16
CA ASP B 575 -16.62 26.77 26.54
C ASP B 575 -15.38 27.25 27.28
N SER B 576 -14.34 26.41 27.33
CA SER B 576 -13.11 26.75 28.04
C SER B 576 -11.84 26.23 27.37
N GLY B 577 -11.96 25.79 26.11
CA GLY B 577 -10.82 25.27 25.36
C GLY B 577 -9.74 26.28 25.04
N MET B 578 -8.55 25.77 24.71
CA MET B 578 -7.41 26.60 24.31
C MET B 578 -6.55 25.91 23.24
N LEU B 579 -6.14 26.69 22.25
CA LEU B 579 -5.24 26.24 21.21
C LEU B 579 -3.98 27.12 21.21
N VAL B 580 -2.81 26.50 21.18
CA VAL B 580 -1.56 27.25 21.09
C VAL B 580 -0.71 26.72 19.93
N ASN B 581 -0.53 27.57 18.93
CA ASN B 581 0.26 27.23 17.75
C ASN B 581 1.68 27.76 17.82
N THR B 582 2.64 26.85 17.70
CA THR B 582 4.05 27.23 17.56
C THR B 582 4.44 27.16 16.07
N ALA B 583 4.80 28.32 15.53
CA ALA B 583 5.23 28.41 14.14
C ALA B 583 6.74 28.10 14.00
N LEU B 584 7.04 26.96 13.36
CA LEU B 584 8.42 26.49 13.21
C LEU B 584 9.03 26.84 11.85
N LEU B 585 8.23 26.71 10.80
CA LEU B 585 8.60 27.15 9.46
C LEU B 585 7.41 27.91 8.85
N PRO B 586 7.67 29.04 8.17
CA PRO B 586 8.95 29.75 8.05
C PRO B 586 9.58 30.08 9.40
N ASP B 587 10.91 30.13 9.43
CA ASP B 587 11.66 30.53 10.62
C ASP B 587 11.24 31.92 11.07
N ALA B 588 11.37 32.21 12.36
CA ALA B 588 11.01 33.52 12.93
C ALA B 588 11.64 34.71 12.18
N ALA B 589 12.79 34.49 11.55
CA ALA B 589 13.48 35.51 10.77
C ALA B 589 12.86 35.72 9.39
N ASN B 590 11.95 34.82 9.00
CA ASN B 590 11.30 34.87 7.68
C ASN B 590 9.77 34.70 7.82
N SER B 591 9.27 34.86 9.05
CA SER B 591 7.86 34.70 9.35
C SER B 591 7.18 36.00 9.75
N ASN B 592 6.03 36.28 9.12
CA ASN B 592 5.13 37.35 9.56
C ASN B 592 3.79 36.76 10.00
N ILE B 593 3.43 37.01 11.25
CA ILE B 593 2.20 36.48 11.82
C ILE B 593 1.25 37.64 12.16
N THR B 594 0.12 37.67 11.47
CA THR B 594 -0.83 38.79 11.58
C THR B 594 -2.22 38.29 11.92
N SER B 595 -2.86 38.95 12.89
CA SER B 595 -4.27 38.71 13.18
C SER B 595 -5.16 39.70 12.42
N ILE B 596 -6.20 39.16 11.81
CA ILE B 596 -7.23 39.94 11.12
C ILE B 596 -8.57 39.49 11.67
N GLY B 597 -9.42 40.45 12.04
CA GLY B 597 -10.74 40.13 12.54
C GLY B 597 -11.44 41.26 13.27
N GLY B 598 -12.50 40.89 13.98
CA GLY B 598 -13.37 41.87 14.62
C GLY B 598 -14.39 42.40 13.63
N LYS B 599 -15.28 43.28 14.10
CA LYS B 599 -16.36 43.78 13.26
C LYS B 599 -15.80 44.49 12.02
N GLY B 600 -16.42 44.21 10.88
CA GLY B 600 -15.96 44.72 9.60
C GLY B 600 -14.76 43.97 9.02
N LYS B 601 -14.27 42.97 9.75
CA LYS B 601 -13.09 42.20 9.33
C LYS B 601 -13.26 40.70 9.55
N ASP B 602 -14.44 40.29 10.02
CA ASP B 602 -14.72 38.88 10.30
C ASP B 602 -14.70 37.99 9.06
N PHE B 603 -15.15 38.52 7.92
CA PHE B 603 -15.14 37.77 6.67
C PHE B 603 -14.35 38.49 5.55
N TRP B 604 -13.19 39.02 5.95
CA TRP B 604 -12.31 39.83 5.10
C TRP B 604 -11.69 39.05 3.94
N VAL B 605 -11.96 39.49 2.72
CA VAL B 605 -11.35 38.89 1.53
C VAL B 605 -10.70 39.99 0.71
N PHE B 606 -9.41 40.20 0.97
CA PHE B 606 -8.57 41.15 0.22
C PHE B 606 -9.29 42.44 -0.17
N GLY B 607 -9.68 43.22 0.84
CA GLY B 607 -10.26 44.53 0.62
C GLY B 607 -11.74 44.67 0.94
N THR B 608 -12.47 43.56 0.86
CA THR B 608 -13.93 43.55 1.05
C THR B 608 -14.36 42.56 2.14
N ASN B 609 -15.15 43.04 3.09
CA ASN B 609 -15.74 42.17 4.11
C ASN B 609 -17.11 41.71 3.64
N TYR B 610 -17.25 40.39 3.48
CA TYR B 610 -18.52 39.81 3.10
C TYR B 610 -19.35 39.52 4.33
N THR B 611 -20.01 40.57 4.80
CA THR B 611 -20.78 40.58 6.05
C THR B 611 -21.88 39.53 6.04
N ASN B 612 -22.01 38.84 7.18
CA ASN B 612 -23.04 37.83 7.38
C ASN B 612 -23.31 37.66 8.86
N ASP B 613 -23.99 38.63 9.44
CA ASP B 613 -24.38 38.59 10.85
C ASP B 613 -25.46 37.53 11.05
N PRO B 614 -25.53 36.93 12.25
CA PRO B 614 -26.54 35.90 12.45
C PRO B 614 -27.94 36.50 12.42
N LYS B 615 -28.91 35.67 12.06
CA LYS B 615 -30.32 36.02 12.19
C LYS B 615 -30.57 36.12 13.69
N PRO B 616 -31.39 37.08 14.12
CA PRO B 616 -31.59 37.30 15.57
C PRO B 616 -31.83 36.00 16.33
N GLY B 617 -31.06 35.78 17.40
CA GLY B 617 -31.25 34.62 18.27
C GLY B 617 -30.61 33.33 17.80
N THR B 618 -29.92 33.39 16.66
CA THR B 618 -29.22 32.23 16.12
C THR B 618 -27.72 32.34 16.36
N ASP B 619 -27.01 31.24 16.19
CA ASP B 619 -25.55 31.19 16.37
C ASP B 619 -25.09 32.01 17.55
N GLU B 620 -25.60 31.67 18.74
CA GLU B 620 -25.32 32.43 19.95
C GLU B 620 -23.87 32.29 20.44
N ALA B 621 -23.17 31.29 19.92
CA ALA B 621 -21.76 31.08 20.25
C ALA B 621 -20.84 31.70 19.21
N LEU B 622 -21.44 32.25 18.15
CA LEU B 622 -20.72 32.88 17.03
C LEU B 622 -19.68 31.95 16.40
N GLU B 623 -20.09 30.74 16.07
CA GLU B 623 -19.18 29.75 15.50
C GLU B 623 -18.82 30.07 14.06
N ARG B 624 -19.56 31.02 13.47
CA ARG B 624 -19.23 31.61 12.18
C ARG B 624 -17.85 32.32 12.22
N GLY B 625 -17.41 32.64 13.43
CA GLY B 625 -16.09 33.22 13.66
C GLY B 625 -16.03 34.73 13.56
N GLU B 626 -14.97 35.31 14.14
CA GLU B 626 -14.67 36.72 13.96
C GLU B 626 -13.22 37.00 13.58
N TRP B 627 -12.36 36.00 13.76
CA TRP B 627 -10.90 36.21 13.67
C TRP B 627 -10.16 35.16 12.87
N ARG B 628 -9.03 35.55 12.29
CA ARG B 628 -8.08 34.60 11.72
C ARG B 628 -6.65 35.11 11.84
N VAL B 629 -5.71 34.17 11.78
CA VAL B 629 -4.29 34.49 11.70
C VAL B 629 -3.77 34.08 10.33
N GLU B 630 -3.00 34.95 9.72
CA GLU B 630 -2.34 34.66 8.46
C GLU B 630 -0.85 34.60 8.72
N ILE B 631 -0.24 33.46 8.41
CA ILE B 631 1.21 33.33 8.44
C ILE B 631 1.71 33.39 7.00
N THR B 632 2.59 34.35 6.74
CA THR B 632 3.11 34.57 5.41
C THR B 632 4.65 34.69 5.45
N PRO B 633 5.34 34.15 4.43
CA PRO B 633 6.78 34.35 4.34
C PRO B 633 7.13 35.82 4.13
N LYS B 634 8.27 36.23 4.70
CA LYS B 634 8.80 37.58 4.51
C LYS B 634 9.37 37.75 3.10
N LYS B 635 10.20 36.77 2.70
CA LYS B 635 10.89 36.80 1.41
C LYS B 635 10.04 36.22 0.30
N ALA B 636 10.12 36.85 -0.88
CA ALA B 636 9.49 36.31 -2.09
C ALA B 636 10.31 35.11 -2.57
N ALA B 637 9.64 33.95 -2.70
CA ALA B 637 10.28 32.71 -3.17
C ALA B 637 9.23 31.85 -3.87
N ALA B 638 9.67 31.08 -4.88
CA ALA B 638 8.78 30.15 -5.57
C ALA B 638 8.30 29.06 -4.61
N GLU B 639 9.25 28.54 -3.82
CA GLU B 639 9.02 27.40 -2.94
C GLU B 639 9.06 27.83 -1.46
N ASP B 640 8.04 27.43 -0.71
CA ASP B 640 7.97 27.68 0.73
C ASP B 640 7.39 26.50 1.50
N TYR B 641 7.87 26.33 2.74
CA TYR B 641 7.37 25.30 3.63
C TYR B 641 6.79 25.91 4.89
N TYR B 642 5.67 25.37 5.31
CA TYR B 642 5.06 25.74 6.57
C TYR B 642 5.16 24.55 7.52
N LEU B 643 5.57 24.82 8.75
CA LEU B 643 5.54 23.80 9.80
C LEU B 643 4.96 24.44 11.04
N ASN B 644 3.83 23.91 11.48
CA ASN B 644 3.11 24.45 12.62
C ASN B 644 2.74 23.34 13.58
N VAL B 645 2.88 23.62 14.88
CA VAL B 645 2.60 22.64 15.91
C VAL B 645 1.57 23.20 16.87
N ILE B 646 0.35 22.65 16.80
CA ILE B 646 -0.76 23.09 17.63
C ILE B 646 -0.87 22.22 18.88
N GLN B 647 -0.89 22.83 20.05
CA GLN B 647 -1.19 22.12 21.29
C GLN B 647 -2.59 22.49 21.79
N ILE B 648 -3.27 21.52 22.41
CA ILE B 648 -4.65 21.69 22.85
C ILE B 648 -4.75 21.44 24.35
N ALA B 649 -5.34 22.40 25.07
CA ALA B 649 -5.51 22.31 26.52
C ALA B 649 -6.67 23.16 27.00
N ASP B 650 -6.99 23.03 28.29
CA ASP B 650 -7.93 23.93 28.97
C ASP B 650 -7.27 25.30 29.04
N ASN B 651 -8.06 26.36 28.94
CA ASN B 651 -7.50 27.72 28.99
C ASN B 651 -6.89 28.11 30.35
N THR B 652 -7.08 27.24 31.36
CA THR B 652 -6.51 27.43 32.70
C THR B 652 -5.10 26.84 32.81
N GLN B 653 -4.71 26.05 31.81
CA GLN B 653 -3.41 25.38 31.78
C GLN B 653 -2.28 26.38 31.51
N GLN B 654 -1.35 26.48 32.46
CA GLN B 654 -0.22 27.39 32.34
C GLN B 654 0.99 26.71 31.69
N LYS B 655 1.18 25.43 31.99
CA LYS B 655 2.36 24.70 31.51
C LYS B 655 2.09 23.81 30.29
N LEU B 656 2.43 24.31 29.10
CA LEU B 656 2.42 23.51 27.88
C LEU B 656 3.81 22.98 27.56
N HIS B 657 3.90 22.06 26.61
CA HIS B 657 5.17 21.46 26.22
C HIS B 657 6.02 22.40 25.38
N GLU B 658 7.33 22.34 25.60
CA GLU B 658 8.28 23.01 24.71
C GLU B 658 8.36 22.24 23.40
N VAL B 659 8.33 22.99 22.30
CA VAL B 659 8.35 22.44 20.96
C VAL B 659 9.72 22.73 20.36
N LYS B 660 10.42 21.67 19.97
CA LYS B 660 11.71 21.81 19.30
C LYS B 660 11.61 21.38 17.85
N ARG B 661 12.10 22.22 16.94
CA ARG B 661 12.24 21.84 15.55
C ARG B 661 13.48 20.98 15.41
N ILE B 662 13.35 19.90 14.66
CA ILE B 662 14.48 19.02 14.39
C ILE B 662 14.97 19.28 12.97
N ASP B 663 16.20 19.75 12.87
CA ASP B 663 16.82 20.06 11.59
C ASP B 663 17.84 18.99 11.31
N GLY B 664 17.49 18.08 10.41
CA GLY B 664 18.27 16.87 10.21
C GLY B 664 18.93 16.79 8.86
N ASP B 665 19.46 15.60 8.59
CA ASP B 665 19.96 15.24 7.28
C ASP B 665 18.76 14.77 6.48
N LYS B 666 18.38 15.54 5.46
CA LYS B 666 17.25 15.23 4.55
C LYS B 666 15.86 15.24 5.19
N VAL B 667 15.80 15.46 6.51
CA VAL B 667 14.51 15.53 7.21
C VAL B 667 14.35 16.82 8.02
N VAL B 668 13.10 17.22 8.21
CA VAL B 668 12.75 18.29 9.14
C VAL B 668 11.69 17.72 10.07
N GLY B 669 11.82 18.00 11.36
CA GLY B 669 10.97 17.35 12.34
C GLY B 669 10.53 18.19 13.51
N VAL B 670 9.75 17.56 14.38
CA VAL B 670 9.17 18.20 15.55
C VAL B 670 9.39 17.29 16.75
N GLN B 671 9.78 17.90 17.87
CA GLN B 671 9.84 17.20 19.13
C GLN B 671 9.04 17.95 20.20
N LEU B 672 8.11 17.25 20.81
CA LEU B 672 7.38 17.76 21.97
C LEU B 672 6.94 16.59 22.83
N ALA B 673 6.80 16.81 24.13
CA ALA B 673 6.52 15.76 25.10
C ALA B 673 7.47 14.57 24.90
N ASP B 674 6.90 13.37 24.78
CA ASP B 674 7.67 12.16 24.51
C ASP B 674 7.55 11.72 23.05
N ARG B 675 7.27 12.67 22.17
CA ARG B 675 6.97 12.37 20.76
C ARG B 675 7.95 13.01 19.79
N ILE B 676 8.43 12.21 18.83
CA ILE B 676 9.21 12.71 17.71
C ILE B 676 8.52 12.37 16.39
N VAL B 677 8.41 13.37 15.51
CA VAL B 677 7.79 13.19 14.21
C VAL B 677 8.68 13.89 13.20
N THR B 678 9.02 13.19 12.12
CA THR B 678 9.82 13.77 11.06
C THR B 678 9.13 13.65 9.71
N PHE B 679 9.47 14.59 8.85
CA PHE B 679 9.00 14.63 7.48
C PHE B 679 10.21 14.78 6.59
N SER B 680 10.06 14.43 5.32
CA SER B 680 11.07 14.75 4.33
C SER B 680 11.18 16.27 4.19
N LYS B 681 12.41 16.79 4.27
CA LYS B 681 12.68 18.22 4.13
C LYS B 681 12.11 18.80 2.83
N THR B 682 11.93 17.92 1.86
CA THR B 682 11.38 18.28 0.56
C THR B 682 9.90 17.87 0.40
N SER B 683 9.37 17.17 1.41
CA SER B 683 8.05 16.50 1.33
C SER B 683 7.98 15.49 0.18
N GLU B 684 9.13 15.03 -0.30
CA GLU B 684 9.19 13.97 -1.32
C GLU B 684 9.84 12.73 -0.73
N THR B 685 9.49 11.58 -1.28
CA THR B 685 9.98 10.29 -0.79
C THR B 685 11.49 10.28 -0.55
N VAL B 686 11.89 9.89 0.67
CA VAL B 686 13.29 9.69 1.02
C VAL B 686 13.68 8.23 0.73
N ASP B 687 14.72 8.07 -0.09
CA ASP B 687 15.13 6.73 -0.53
C ASP B 687 16.62 6.47 -0.27
N ARG B 688 17.26 7.34 0.50
CA ARG B 688 18.69 7.25 0.80
C ARG B 688 18.91 7.50 2.30
N PRO B 689 20.10 7.16 2.83
CA PRO B 689 20.36 7.38 4.25
C PRO B 689 20.09 8.81 4.72
N PHE B 690 19.61 8.93 5.96
CA PHE B 690 19.35 10.23 6.58
C PHE B 690 19.48 10.11 8.09
N GLY B 691 19.40 11.24 8.78
CA GLY B 691 19.49 11.23 10.24
C GLY B 691 19.30 12.57 10.92
N PHE B 692 19.35 12.53 12.26
CA PHE B 692 19.13 13.70 13.09
C PHE B 692 19.51 13.35 14.53
N SER B 693 19.62 14.37 15.38
CA SER B 693 19.94 14.17 16.79
C SER B 693 18.72 14.41 17.68
N VAL B 694 18.66 13.69 18.79
CA VAL B 694 17.63 13.87 19.80
C VAL B 694 18.28 14.15 21.16
N VAL B 695 17.90 15.27 21.77
CA VAL B 695 18.33 15.61 23.13
C VAL B 695 17.11 15.66 24.05
N GLY B 696 17.17 14.92 25.15
CA GLY B 696 16.08 14.89 26.12
C GLY B 696 16.09 13.61 26.92
N LYS B 697 15.37 13.60 28.04
CA LYS B 697 15.37 12.45 28.93
C LYS B 697 14.22 11.47 28.66
N GLY B 698 14.44 10.21 28.99
CA GLY B 698 13.41 9.17 28.90
C GLY B 698 13.24 8.59 27.51
N THR B 699 12.18 7.79 27.36
CA THR B 699 11.84 7.17 26.08
C THR B 699 10.98 8.08 25.20
N PHE B 700 11.32 8.11 23.91
CA PHE B 700 10.57 8.86 22.92
C PHE B 700 9.89 7.93 21.90
N LYS B 701 8.75 8.38 21.37
CA LYS B 701 8.02 7.63 20.35
C LYS B 701 8.21 8.33 19.00
N PHE B 702 8.81 7.59 18.07
CA PHE B 702 9.25 8.13 16.79
C PHE B 702 8.28 7.78 15.66
N VAL B 703 7.77 8.78 14.96
CA VAL B 703 7.04 8.57 13.71
C VAL B 703 7.80 9.26 12.57
N MET B 704 8.36 8.47 11.66
CA MET B 704 9.19 8.99 10.58
C MET B 704 8.48 8.81 9.26
N THR B 705 8.09 9.90 8.61
CA THR B 705 7.24 9.80 7.43
C THR B 705 8.01 10.10 6.15
N ASP B 706 7.33 9.96 5.01
CA ASP B 706 7.89 10.22 3.67
C ASP B 706 9.04 9.28 3.29
N LEU B 707 8.99 8.04 3.78
CA LEU B 707 10.07 7.08 3.52
C LEU B 707 9.72 6.04 2.45
N LEU B 708 10.73 5.66 1.66
CA LEU B 708 10.56 4.60 0.67
C LEU B 708 10.20 3.30 1.38
N PRO B 709 9.03 2.72 1.05
CA PRO B 709 8.60 1.46 1.68
C PRO B 709 9.64 0.37 1.44
N GLY B 710 9.86 -0.46 2.46
CA GLY B 710 10.89 -1.51 2.40
C GLY B 710 11.59 -1.62 3.74
N THR B 711 12.75 -2.28 3.75
CA THR B 711 13.45 -2.54 5.00
C THR B 711 14.49 -1.47 5.29
N TRP B 712 14.36 -0.87 6.47
CA TRP B 712 15.27 0.16 6.95
C TRP B 712 16.06 -0.34 8.16
N GLN B 713 17.28 0.17 8.30
CA GLN B 713 18.10 -0.11 9.49
C GLN B 713 18.28 1.17 10.32
N VAL B 714 18.10 1.04 11.63
CA VAL B 714 18.24 2.19 12.53
C VAL B 714 19.51 2.10 13.39
N LEU B 715 20.34 3.14 13.31
CA LEU B 715 21.56 3.23 14.11
C LEU B 715 21.49 4.41 15.07
N LYS B 716 22.03 4.21 16.27
CA LYS B 716 22.09 5.28 17.25
C LYS B 716 23.46 5.30 17.93
N ASP B 717 24.04 6.50 18.01
CA ASP B 717 25.42 6.70 18.45
C ASP B 717 26.41 5.77 17.73
N GLY B 718 26.19 5.59 16.42
CA GLY B 718 27.08 4.81 15.56
C GLY B 718 26.98 3.29 15.68
N LYS B 719 25.99 2.82 16.42
CA LYS B 719 25.76 1.38 16.64
C LYS B 719 24.37 1.02 16.16
N ILE B 720 24.23 -0.15 15.54
CA ILE B 720 22.93 -0.64 15.09
C ILE B 720 21.99 -0.80 16.28
N LEU B 721 20.88 -0.06 16.24
CA LEU B 721 19.83 -0.15 17.27
C LEU B 721 18.73 -1.12 16.82
N TYR B 722 18.12 -0.85 15.67
CA TYR B 722 17.21 -1.81 15.05
C TYR B 722 17.78 -2.23 13.71
N PRO B 723 18.27 -3.47 13.62
CA PRO B 723 18.87 -3.97 12.38
C PRO B 723 17.92 -3.97 11.18
N ALA B 724 16.63 -4.20 11.44
CA ALA B 724 15.64 -4.23 10.36
C ALA B 724 14.23 -3.88 10.82
N LEU B 725 13.74 -2.73 10.35
CA LEU B 725 12.32 -2.38 10.50
C LEU B 725 11.72 -2.13 9.12
N SER B 726 10.41 -2.35 9.01
CA SER B 726 9.71 -2.20 7.75
C SER B 726 8.90 -0.91 7.68
N ALA B 727 9.11 -0.14 6.62
CA ALA B 727 8.22 0.96 6.26
C ALA B 727 7.23 0.41 5.26
N LYS B 728 5.95 0.55 5.58
CA LYS B 728 4.89 -0.01 4.76
C LYS B 728 4.40 1.00 3.74
N GLY B 729 3.72 0.50 2.71
CA GLY B 729 3.22 1.34 1.62
C GLY B 729 2.16 2.36 1.98
N ASP B 730 1.18 1.98 2.80
CA ASP B 730 0.05 2.87 3.09
C ASP B 730 0.44 4.16 3.83
N ASP B 731 1.40 4.06 4.76
CA ASP B 731 1.85 5.21 5.54
C ASP B 731 3.26 5.69 5.20
N GLY B 732 4.04 4.84 4.52
CA GLY B 732 5.43 5.16 4.15
C GLY B 732 6.25 5.64 5.34
N ALA B 733 6.09 4.95 6.47
CA ALA B 733 6.60 5.42 7.76
C ALA B 733 7.31 4.35 8.58
N LEU B 734 8.26 4.79 9.41
CA LEU B 734 8.81 3.92 10.45
C LEU B 734 8.28 4.30 11.82
N TYR B 735 8.02 3.29 12.65
CA TYR B 735 7.67 3.52 14.02
C TYR B 735 8.58 2.73 14.96
N PHE B 736 9.09 3.40 15.99
CA PHE B 736 9.88 2.75 17.04
C PHE B 736 9.98 3.65 18.29
N GLU B 737 10.44 3.06 19.39
CA GLU B 737 10.74 3.82 20.61
C GLU B 737 12.25 3.93 20.78
N GLY B 738 12.71 5.04 21.36
CA GLY B 738 14.15 5.22 21.61
C GLY B 738 14.45 6.33 22.60
N THR B 739 15.71 6.40 23.02
CA THR B 739 16.17 7.44 23.95
C THR B 739 17.03 8.46 23.21
N GLU B 740 17.48 9.49 23.92
CA GLU B 740 18.31 10.56 23.33
C GLU B 740 19.58 10.00 22.69
N GLY B 741 20.01 10.64 21.60
CA GLY B 741 21.22 10.24 20.88
C GLY B 741 21.23 10.71 19.44
N THR B 742 22.25 10.30 18.70
CA THR B 742 22.40 10.67 17.29
C THR B 742 21.99 9.53 16.35
N TYR B 743 20.90 9.76 15.62
CA TYR B 743 20.26 8.73 14.81
C TYR B 743 20.63 8.77 13.33
N ARG B 744 20.84 7.59 12.76
CA ARG B 744 21.05 7.40 11.33
C ARG B 744 20.16 6.25 10.81
N PHE B 745 19.62 6.44 9.62
CA PHE B 745 18.69 5.48 9.04
C PHE B 745 19.19 5.06 7.67
N LEU B 746 19.21 3.75 7.42
CA LEU B 746 19.74 3.21 6.17
C LEU B 746 18.68 2.42 5.42
N ARG B 747 18.72 2.50 4.10
CA ARG B 747 17.73 1.87 3.22
C ARG B 747 18.44 1.22 2.03
#